data_9H0M
#
_entry.id   9H0M
#
_cell.length_a   101.534
_cell.length_b   157.592
_cell.length_c   175.689
_cell.angle_alpha   90.000
_cell.angle_beta   90.000
_cell.angle_gamma   90.000
#
_symmetry.space_group_name_H-M   'P 21 21 2'
#
loop_
_entity.id
_entity.type
_entity.pdbx_description
1 polymer 'Hemoglobin subunit alpha-A'
2 polymer 'Hemoglobin subunit beta'
3 polymer 'PIT54 protein'
4 branched beta-D-mannopyranose-(1-4)-2-acetamido-2-deoxy-beta-D-glucopyranose-(1-4)-[alpha-L-fucopyranose-(1-6)]2-acetamido-2-deoxy-beta-D-glucopyranose
5 branched alpha-L-fucopyranose-(1-6)-2-acetamido-2-deoxy-beta-D-glucopyranose
6 non-polymer 'PROTOPORPHYRIN IX CONTAINING FE'
7 non-polymer 'CALCIUM ION'
#
loop_
_entity_poly.entity_id
_entity_poly.type
_entity_poly.pdbx_seq_one_letter_code
_entity_poly.pdbx_strand_id
1 'polypeptide(L)'
;MVLSAADKNNVKGIFTKIAGHAEEYGAETLERMFTTYPPTKTYFPHFDLSHGSAQIKGHGKKVVAALIEAANHIDDIAGT
LSKLSDLHAHKLRVDPVNFKLLGQCFLVVVAIHHPAALTPEVHASLDKFLCAVGTVLTAKYR
;
A,C,G,I
2 'polypeptide(L)'
;MVHWTAEEKQLITGLWGKVNVAECGAEALARLLIVYPWTQRFFASFGNLSSPTAILGNPMVRAHGKKVLTSFGDAVKNLD
NIKNTFSQLSELHCDKLHVDPENFRLLGDILIIVLAAHFSKDFTPECQAAWQKLVRVVAHALARKYH
;
B,D,H,J
3 'polypeptide(L)'
;MKGGFRIEGRSQGCGDFSNTMPLGCMSCFLPAVFSVTNMRFILLPCLWASLAGVLLAEDVDTSTAEVRLVDGPNRCSGRV
EVLHNDVWGTVCDEGWDLREARVVCRQLGCGTALSSPKKSKYGEGKGQIWLSDLDCKGTEGSLSNCKSKPWGENICNHVE
DASVECSGTEIPEPGPLRLVGGPNRCAGRVEVLHEEQWGSVCHDEWDINDAQVVCKQLGCGDAVLAPIAAKFGRGTDTIW
LDDVNCTGSEASLSECQARPWGDHNCYHGEDASAICSDSGISISTSVRLVGGPNRCSGRVEVLHNNVWGTVCDDNWDLRE
AKVVCKQLGCGTALSALPESKYGEGKGQIWLSDLNCTGTEGSLTECEAKPWGENVCNHVEDASVECSETDISEIGPVRLV
DGPNQCAGRVEVFHENRWGSVCDDNWDMKDAKVVCKQVGCGSPLSALGSARYGRGPDVIWLDDVNCEGTEESIFDCKARP
WGEHNCYHGEDASVFCTVNKNLEETETS
;
E,F,K,L
#
# COMPACT_ATOMS: atom_id res chain seq x y z
N VAL A 2 20.98 -5.53 -8.03
CA VAL A 2 21.66 -6.73 -8.46
C VAL A 2 20.96 -7.43 -9.63
N LEU A 3 19.93 -6.77 -10.18
CA LEU A 3 19.31 -7.16 -11.46
C LEU A 3 18.74 -8.58 -11.38
N SER A 4 17.65 -8.67 -10.65
CA SER A 4 16.92 -9.92 -10.51
C SER A 4 16.46 -10.45 -11.86
N ALA A 5 15.95 -11.68 -11.87
CA ALA A 5 15.50 -12.30 -13.12
C ALA A 5 14.52 -11.41 -13.86
N ALA A 6 13.63 -10.72 -13.13
CA ALA A 6 12.71 -9.79 -13.78
C ALA A 6 13.45 -8.58 -14.34
N ASP A 7 14.42 -8.04 -13.57
CA ASP A 7 15.21 -6.91 -14.07
C ASP A 7 15.92 -7.26 -15.36
N LYS A 8 16.47 -8.48 -15.44
CA LYS A 8 17.15 -8.90 -16.65
C LYS A 8 16.20 -8.93 -17.84
N ASN A 9 14.99 -9.47 -17.64
CA ASN A 9 14.03 -9.55 -18.74
C ASN A 9 13.59 -8.16 -19.19
N ASN A 10 13.42 -7.24 -18.25
CA ASN A 10 13.05 -5.88 -18.62
C ASN A 10 14.13 -5.19 -19.44
N VAL A 11 15.40 -5.35 -19.02
CA VAL A 11 16.49 -4.67 -19.71
C VAL A 11 16.72 -5.29 -21.09
N LYS A 12 16.73 -6.62 -21.18
CA LYS A 12 16.91 -7.26 -22.47
C LYS A 12 15.74 -6.97 -23.41
N GLY A 13 14.54 -6.79 -22.84
CA GLY A 13 13.39 -6.51 -23.66
C GLY A 13 13.39 -5.09 -24.23
N ILE A 14 13.89 -4.13 -23.45
CA ILE A 14 13.90 -2.75 -23.94
C ILE A 14 14.99 -2.57 -25.00
N PHE A 15 16.06 -3.38 -24.97
CA PHE A 15 17.02 -3.25 -26.06
C PHE A 15 16.60 -4.00 -27.31
N THR A 16 15.50 -4.76 -27.27
CA THR A 16 14.90 -5.21 -28.51
C THR A 16 14.44 -4.02 -29.34
N LYS A 17 13.80 -3.04 -28.70
CA LYS A 17 13.24 -1.92 -29.41
C LYS A 17 14.25 -0.84 -29.79
N ILE A 18 15.47 -0.88 -29.26
CA ILE A 18 16.50 0.08 -29.65
C ILE A 18 17.60 -0.58 -30.47
N ALA A 19 17.43 -1.86 -30.82
CA ALA A 19 18.53 -2.62 -31.41
C ALA A 19 18.98 -2.01 -32.74
N GLY A 20 18.04 -1.79 -33.66
CA GLY A 20 18.41 -1.23 -34.95
C GLY A 20 18.76 0.25 -34.89
N HIS A 21 18.33 0.94 -33.86
CA HIS A 21 18.50 2.39 -33.75
C HIS A 21 19.75 2.73 -32.95
N ALA A 22 20.89 2.14 -33.30
CA ALA A 22 22.11 2.34 -32.51
C ALA A 22 22.68 3.73 -32.74
N GLU A 23 22.90 4.08 -34.01
CA GLU A 23 23.44 5.40 -34.32
C GLU A 23 22.45 6.51 -33.98
N GLU A 24 21.17 6.31 -34.30
CA GLU A 24 20.18 7.36 -34.12
C GLU A 24 20.05 7.76 -32.66
N TYR A 25 19.90 6.77 -31.77
CA TYR A 25 19.72 7.09 -30.37
C TYR A 25 21.02 7.52 -29.71
N GLY A 26 22.14 7.00 -30.20
CA GLY A 26 23.43 7.35 -29.63
C GLY A 26 23.81 8.80 -29.89
N ALA A 27 23.64 9.26 -31.13
CA ALA A 27 23.91 10.66 -31.44
C ALA A 27 22.98 11.59 -30.71
N GLU A 28 21.73 11.16 -30.50
CA GLU A 28 20.77 12.01 -29.78
C GLU A 28 21.14 12.09 -28.31
N THR A 29 21.54 10.97 -27.70
CA THR A 29 21.93 10.99 -26.30
C THR A 29 23.08 11.96 -26.07
N LEU A 30 24.05 11.99 -26.97
CA LEU A 30 25.18 12.90 -26.83
C LEU A 30 24.75 14.34 -27.00
N GLU A 31 23.94 14.63 -28.04
CA GLU A 31 23.50 16.01 -28.26
C GLU A 31 22.66 16.51 -27.09
N ARG A 32 21.80 15.63 -26.56
CA ARG A 32 21.03 15.90 -25.35
C ARG A 32 21.95 16.25 -24.18
N MET A 33 22.94 15.40 -23.90
CA MET A 33 23.87 15.64 -22.80
C MET A 33 24.68 16.92 -23.01
N PHE A 34 25.15 17.14 -24.23
CA PHE A 34 25.94 18.33 -24.55
C PHE A 34 25.12 19.61 -24.46
N THR A 35 23.79 19.52 -24.60
CA THR A 35 22.94 20.70 -24.57
C THR A 35 22.40 21.00 -23.18
N THR A 36 21.85 20.00 -22.49
CA THR A 36 21.30 20.23 -21.17
C THR A 36 22.37 20.30 -20.09
N TYR A 37 23.52 19.70 -20.33
CA TYR A 37 24.65 19.73 -19.39
C TYR A 37 25.86 20.20 -20.17
N PRO A 38 26.00 21.51 -20.38
CA PRO A 38 27.12 22.03 -21.19
C PRO A 38 28.49 21.59 -20.69
N PRO A 39 28.73 21.46 -19.38
CA PRO A 39 30.07 21.03 -18.94
C PRO A 39 30.53 19.68 -19.49
N THR A 40 29.62 18.80 -19.92
CA THR A 40 30.08 17.51 -20.45
C THR A 40 30.85 17.66 -21.75
N LYS A 41 30.76 18.81 -22.42
CA LYS A 41 31.62 19.09 -23.57
C LYS A 41 33.09 19.16 -23.19
N THR A 42 33.39 19.28 -21.89
CA THR A 42 34.78 19.34 -21.42
C THR A 42 35.59 18.14 -21.92
N TYR A 43 35.02 16.95 -21.90
CA TYR A 43 35.87 15.83 -22.26
C TYR A 43 35.97 15.63 -23.76
N PHE A 44 35.29 16.45 -24.56
CA PHE A 44 35.40 16.36 -26.02
C PHE A 44 35.76 17.74 -26.54
N PRO A 45 36.98 18.22 -26.27
CA PRO A 45 37.37 19.55 -26.77
C PRO A 45 37.75 19.52 -28.24
N HIS A 46 38.38 18.42 -28.65
CA HIS A 46 38.84 18.22 -30.02
C HIS A 46 37.72 17.79 -30.97
N PHE A 47 36.54 17.51 -30.45
CA PHE A 47 35.42 17.08 -31.28
C PHE A 47 34.68 18.25 -31.92
N ASP A 48 33.95 17.90 -32.97
CA ASP A 48 32.97 18.77 -33.62
C ASP A 48 31.63 18.50 -32.95
N LEU A 49 31.20 19.42 -32.08
CA LEU A 49 29.99 19.21 -31.30
C LEU A 49 28.77 19.86 -31.96
N SER A 50 28.91 20.34 -33.20
CA SER A 50 27.78 20.93 -33.91
C SER A 50 26.71 19.87 -34.13
N HIS A 51 25.48 20.35 -34.34
CA HIS A 51 24.35 19.45 -34.51
C HIS A 51 24.51 18.59 -35.76
N GLY A 52 24.37 17.28 -35.58
CA GLY A 52 24.45 16.34 -36.68
C GLY A 52 25.84 16.07 -37.20
N SER A 53 26.87 16.34 -36.42
CA SER A 53 28.24 16.10 -36.87
C SER A 53 28.48 14.60 -37.04
N ALA A 54 29.32 14.27 -38.02
CA ALA A 54 29.70 12.87 -38.21
C ALA A 54 30.52 12.32 -37.06
N GLN A 55 31.15 13.18 -36.26
CA GLN A 55 31.90 12.72 -35.10
C GLN A 55 30.97 12.39 -33.93
N ILE A 56 29.87 13.11 -33.77
CA ILE A 56 28.89 12.74 -32.75
C ILE A 56 28.14 11.47 -33.16
N LYS A 57 27.79 11.35 -34.44
CA LYS A 57 27.14 10.13 -34.90
C LYS A 57 28.05 8.93 -34.74
N GLY A 58 29.33 9.07 -35.09
CA GLY A 58 30.25 7.95 -34.98
C GLY A 58 30.49 7.54 -33.53
N HIS A 59 30.72 8.52 -32.65
CA HIS A 59 30.96 8.19 -31.26
C HIS A 59 29.68 7.76 -30.56
N GLY A 60 28.54 8.36 -30.92
CA GLY A 60 27.27 7.94 -30.33
C GLY A 60 26.90 6.52 -30.70
N LYS A 61 27.21 6.11 -31.93
CA LYS A 61 26.97 4.73 -32.32
C LYS A 61 27.78 3.77 -31.47
N LYS A 62 29.03 4.13 -31.16
CA LYS A 62 29.85 3.28 -30.31
C LYS A 62 29.28 3.18 -28.90
N VAL A 63 28.74 4.28 -28.37
CA VAL A 63 28.31 4.30 -26.98
C VAL A 63 27.19 3.30 -26.72
N VAL A 64 26.13 3.34 -27.53
CA VAL A 64 25.02 2.45 -27.27
C VAL A 64 25.28 1.05 -27.81
N ALA A 65 26.21 0.90 -28.76
CA ALA A 65 26.62 -0.43 -29.18
C ALA A 65 27.32 -1.15 -28.03
N ALA A 66 28.07 -0.41 -27.21
CA ALA A 66 28.63 -0.99 -26.00
C ALA A 66 27.53 -1.34 -25.00
N LEU A 67 26.44 -0.58 -24.99
CA LEU A 67 25.31 -0.92 -24.12
C LEU A 67 24.58 -2.15 -24.62
N ILE A 68 24.40 -2.27 -25.94
CA ILE A 68 23.79 -3.49 -26.49
C ILE A 68 24.64 -4.70 -26.16
N GLU A 69 25.96 -4.57 -26.30
CA GLU A 69 26.84 -5.69 -25.99
C GLU A 69 26.83 -6.02 -24.49
N ALA A 70 26.41 -5.07 -23.66
CA ALA A 70 26.25 -5.32 -22.23
C ALA A 70 24.90 -5.93 -21.88
N ALA A 71 23.87 -5.65 -22.68
CA ALA A 71 22.55 -6.21 -22.41
C ALA A 71 22.52 -7.71 -22.65
N ASN A 72 23.27 -8.20 -23.64
CA ASN A 72 23.34 -9.64 -23.90
C ASN A 72 24.04 -10.36 -22.75
N HIS A 73 25.22 -9.89 -22.35
CA HIS A 73 25.97 -10.51 -21.27
C HIS A 73 25.68 -9.78 -19.95
N ILE A 74 24.38 -9.71 -19.63
CA ILE A 74 23.95 -8.98 -18.45
C ILE A 74 24.37 -9.69 -17.17
N ASP A 75 24.61 -11.00 -17.24
CA ASP A 75 25.14 -11.74 -16.10
C ASP A 75 26.61 -11.44 -15.85
N ASP A 76 27.32 -10.84 -16.81
CA ASP A 76 28.73 -10.48 -16.64
C ASP A 76 28.95 -9.19 -17.41
N ILE A 77 28.79 -8.06 -16.73
CA ILE A 77 28.92 -6.75 -17.37
C ILE A 77 30.32 -6.18 -17.16
N ALA A 78 30.91 -6.44 -16.00
CA ALA A 78 32.26 -5.97 -15.74
C ALA A 78 33.26 -6.58 -16.72
N GLY A 79 33.05 -7.82 -17.13
CA GLY A 79 33.94 -8.49 -18.06
C GLY A 79 33.76 -8.07 -19.50
N THR A 80 32.50 -7.88 -19.92
CA THR A 80 32.24 -7.54 -21.32
C THR A 80 32.64 -6.11 -21.64
N LEU A 81 32.79 -5.25 -20.64
CA LEU A 81 33.23 -3.87 -20.84
C LEU A 81 34.56 -3.60 -20.16
N SER A 82 35.34 -4.64 -19.87
CA SER A 82 36.62 -4.46 -19.21
C SER A 82 37.57 -3.62 -20.06
N LYS A 83 37.45 -3.71 -21.38
CA LYS A 83 38.30 -2.92 -22.26
C LYS A 83 37.97 -1.43 -22.18
N LEU A 84 36.73 -1.09 -21.87
CA LEU A 84 36.33 0.31 -21.72
C LEU A 84 36.46 0.84 -20.29
N SER A 85 36.55 -0.04 -19.29
CA SER A 85 36.73 0.41 -17.92
C SER A 85 38.04 1.18 -17.77
N ASP A 86 39.11 0.69 -18.38
CA ASP A 86 40.40 1.37 -18.33
C ASP A 86 40.39 2.67 -19.11
N LEU A 87 39.64 2.73 -20.20
CA LEU A 87 39.63 3.93 -21.03
C LEU A 87 38.99 5.09 -20.29
N HIS A 88 37.92 4.82 -19.52
CA HIS A 88 37.14 5.86 -18.87
C HIS A 88 37.60 6.16 -17.45
N ALA A 89 38.10 5.17 -16.71
CA ALA A 89 38.48 5.38 -15.32
C ALA A 89 39.96 5.63 -15.12
N HIS A 90 40.82 5.21 -16.04
CA HIS A 90 42.26 5.31 -15.87
C HIS A 90 42.94 6.21 -16.88
N LYS A 91 42.43 6.28 -18.12
CA LYS A 91 43.03 7.10 -19.17
C LYS A 91 42.39 8.48 -19.28
N LEU A 92 41.06 8.54 -19.38
CA LEU A 92 40.36 9.81 -19.49
C LEU A 92 39.96 10.36 -18.14
N ARG A 93 39.63 9.48 -17.19
CA ARG A 93 39.12 9.84 -15.86
C ARG A 93 37.86 10.72 -15.98
N VAL A 94 36.79 10.08 -16.46
CA VAL A 94 35.49 10.72 -16.43
C VAL A 94 34.97 10.74 -15.00
N ASP A 95 34.64 11.93 -14.51
CA ASP A 95 34.11 12.07 -13.15
C ASP A 95 32.79 11.31 -13.05
N PRO A 96 32.59 10.48 -12.03
CA PRO A 96 31.43 9.57 -12.02
C PRO A 96 30.08 10.26 -12.15
N VAL A 97 29.94 11.51 -11.70
CA VAL A 97 28.66 12.19 -11.80
C VAL A 97 28.26 12.47 -13.24
N ASN A 98 29.19 12.33 -14.18
CA ASN A 98 28.89 12.45 -15.61
C ASN A 98 28.22 11.21 -16.17
N PHE A 99 28.39 10.05 -15.54
CA PHE A 99 27.74 8.84 -16.04
C PHE A 99 26.25 8.83 -15.72
N LYS A 100 25.84 9.42 -14.61
CA LYS A 100 24.42 9.56 -14.34
C LYS A 100 23.78 10.59 -15.27
N LEU A 101 24.55 11.58 -15.72
CA LEU A 101 24.01 12.55 -16.67
C LEU A 101 23.72 11.91 -18.01
N LEU A 102 24.66 11.12 -18.54
CA LEU A 102 24.44 10.44 -19.81
C LEU A 102 23.32 9.41 -19.67
N GLY A 103 23.28 8.67 -18.56
CA GLY A 103 22.18 7.75 -18.34
C GLY A 103 20.84 8.46 -18.31
N GLN A 104 20.79 9.66 -17.72
CA GLN A 104 19.59 10.48 -17.72
C GLN A 104 19.17 10.84 -19.15
N CYS A 105 20.14 11.18 -20.00
CA CYS A 105 19.80 11.55 -21.38
C CYS A 105 19.40 10.34 -22.21
N PHE A 106 20.05 9.19 -21.98
CA PHE A 106 19.66 7.99 -22.69
C PHE A 106 18.24 7.57 -22.33
N LEU A 107 17.88 7.67 -21.04
CA LEU A 107 16.51 7.41 -20.63
C LEU A 107 15.52 8.35 -21.31
N VAL A 108 15.91 9.61 -21.49
CA VAL A 108 15.06 10.55 -22.21
C VAL A 108 14.85 10.10 -23.64
N VAL A 109 15.92 9.60 -24.29
CA VAL A 109 15.83 9.17 -25.67
C VAL A 109 14.85 8.00 -25.81
N VAL A 110 15.01 6.96 -24.98
CA VAL A 110 14.13 5.80 -25.10
C VAL A 110 12.73 6.13 -24.64
N ALA A 111 12.56 7.13 -23.76
CA ALA A 111 11.22 7.54 -23.34
C ALA A 111 10.51 8.27 -24.47
N ILE A 112 11.24 9.06 -25.25
CA ILE A 112 10.64 9.78 -26.37
C ILE A 112 10.26 8.81 -27.48
N HIS A 113 11.13 7.86 -27.80
CA HIS A 113 10.90 6.99 -28.94
C HIS A 113 10.13 5.72 -28.60
N HIS A 114 10.04 5.35 -27.31
CA HIS A 114 9.36 4.12 -26.90
C HIS A 114 8.62 4.35 -25.59
N PRO A 115 7.71 5.34 -25.54
CA PRO A 115 7.08 5.68 -24.26
C PRO A 115 6.23 4.55 -23.70
N ALA A 116 5.54 3.80 -24.57
CA ALA A 116 4.72 2.69 -24.10
C ALA A 116 5.56 1.51 -23.62
N ALA A 117 6.79 1.39 -24.11
CA ALA A 117 7.68 0.31 -23.67
C ALA A 117 8.36 0.65 -22.35
N LEU A 118 8.66 1.93 -22.11
CA LEU A 118 9.36 2.34 -20.88
C LEU A 118 8.33 2.55 -19.78
N THR A 119 7.73 1.43 -19.35
CA THR A 119 6.86 1.43 -18.20
C THR A 119 7.69 1.71 -16.95
N PRO A 120 7.04 2.12 -15.85
CA PRO A 120 7.82 2.33 -14.61
C PRO A 120 8.59 1.12 -14.13
N GLU A 121 8.13 -0.11 -14.40
CA GLU A 121 8.98 -1.27 -14.15
C GLU A 121 10.28 -1.20 -14.94
N VAL A 122 10.16 -1.01 -16.26
CA VAL A 122 11.34 -1.02 -17.13
C VAL A 122 12.23 0.18 -16.84
N HIS A 123 11.64 1.31 -16.46
CA HIS A 123 12.43 2.46 -16.02
C HIS A 123 13.37 2.05 -14.90
N ALA A 124 12.83 1.39 -13.87
CA ALA A 124 13.63 0.98 -12.72
C ALA A 124 14.69 -0.03 -13.11
N SER A 125 14.40 -0.89 -14.08
CA SER A 125 15.37 -1.90 -14.50
C SER A 125 16.50 -1.26 -15.31
N LEU A 126 16.17 -0.34 -16.23
CA LEU A 126 17.24 0.39 -16.92
C LEU A 126 18.07 1.25 -15.97
N ASP A 127 17.46 1.80 -14.93
CA ASP A 127 18.25 2.65 -14.05
C ASP A 127 19.24 1.82 -13.24
N LYS A 128 18.81 0.64 -12.78
CA LYS A 128 19.73 -0.27 -12.11
C LYS A 128 20.80 -0.77 -13.08
N PHE A 129 20.40 -1.11 -14.31
CA PHE A 129 21.35 -1.53 -15.33
C PHE A 129 22.35 -0.44 -15.67
N LEU A 130 21.87 0.79 -15.87
CA LEU A 130 22.78 1.89 -16.22
C LEU A 130 23.71 2.23 -15.07
N CYS A 131 23.22 2.14 -13.82
CA CYS A 131 24.13 2.29 -12.70
C CYS A 131 25.17 1.18 -12.66
N ALA A 132 24.82 -0.02 -13.13
CA ALA A 132 25.81 -1.08 -13.22
C ALA A 132 26.87 -0.77 -14.26
N VAL A 133 26.45 -0.26 -15.43
CA VAL A 133 27.41 0.12 -16.46
C VAL A 133 28.27 1.28 -15.97
N GLY A 134 27.68 2.21 -15.21
CA GLY A 134 28.44 3.32 -14.67
C GLY A 134 29.48 2.90 -13.67
N THR A 135 29.13 1.99 -12.77
CA THR A 135 30.08 1.55 -11.74
C THR A 135 31.18 0.67 -12.34
N VAL A 136 30.90 -0.03 -13.45
CA VAL A 136 31.96 -0.77 -14.12
C VAL A 136 32.98 0.18 -14.72
N LEU A 137 32.53 1.33 -15.25
CA LEU A 137 33.44 2.27 -15.86
C LEU A 137 34.10 3.21 -14.85
N THR A 138 33.69 3.16 -13.58
CA THR A 138 34.33 3.92 -12.51
C THR A 138 34.96 2.98 -11.47
N ALA A 139 35.33 1.78 -11.90
CA ALA A 139 35.76 0.74 -10.97
C ALA A 139 37.20 0.91 -10.49
N LYS A 140 38.03 1.66 -11.22
CA LYS A 140 39.43 1.84 -10.85
C LYS A 140 39.62 2.88 -9.74
N TYR A 141 38.53 3.31 -9.13
CA TYR A 141 38.50 4.27 -8.02
C TYR A 141 37.31 3.98 -7.13
N ARG A 142 36.85 5.02 -6.41
CA ARG A 142 35.81 4.99 -5.38
C ARG A 142 36.53 4.76 -4.07
N VAL B 2 20.11 33.67 -11.43
CA VAL B 2 19.09 32.87 -12.10
C VAL B 2 18.47 33.72 -13.22
N HIS B 3 19.09 33.69 -14.39
CA HIS B 3 18.67 34.50 -15.53
C HIS B 3 18.05 33.63 -16.61
N TRP B 4 16.84 33.97 -17.01
CA TRP B 4 16.13 33.28 -18.07
C TRP B 4 16.26 34.04 -19.38
N THR B 5 16.23 33.31 -20.48
CA THR B 5 16.26 33.92 -21.80
C THR B 5 14.87 33.86 -22.42
N ALA B 6 14.64 34.70 -23.42
CA ALA B 6 13.34 34.73 -24.09
C ALA B 6 13.00 33.38 -24.69
N GLU B 7 14.02 32.60 -25.06
CA GLU B 7 13.77 31.29 -25.68
C GLU B 7 13.49 30.22 -24.64
N GLU B 8 14.18 30.29 -23.49
CA GLU B 8 13.90 29.35 -22.41
C GLU B 8 12.51 29.55 -21.84
N LYS B 9 12.09 30.81 -21.68
CA LYS B 9 10.74 31.08 -21.21
C LYS B 9 9.70 30.55 -22.19
N GLN B 10 9.95 30.73 -23.49
CA GLN B 10 9.00 30.27 -24.49
C GLN B 10 8.89 28.75 -24.51
N LEU B 11 9.98 28.05 -24.23
CA LEU B 11 9.93 26.59 -24.16
C LEU B 11 9.18 26.11 -22.91
N ILE B 12 9.46 26.73 -21.77
CA ILE B 12 8.81 26.32 -20.53
C ILE B 12 7.32 26.69 -20.55
N THR B 13 7.02 27.93 -20.95
CA THR B 13 5.63 28.36 -21.07
C THR B 13 4.86 27.55 -22.10
N GLY B 14 5.46 27.36 -23.28
CA GLY B 14 4.76 26.64 -24.33
C GLY B 14 4.42 25.22 -23.93
N LEU B 15 5.35 24.54 -23.24
CA LEU B 15 5.11 23.16 -22.84
C LEU B 15 4.06 23.08 -21.74
N TRP B 16 4.10 24.05 -20.80
CA TRP B 16 3.22 23.99 -19.64
C TRP B 16 1.74 24.05 -20.04
N GLY B 17 1.40 24.91 -20.99
CA GLY B 17 0.02 25.01 -21.44
C GLY B 17 -0.50 23.77 -22.14
N LYS B 18 0.33 22.74 -22.27
CA LYS B 18 -0.04 21.52 -22.98
C LYS B 18 0.10 20.27 -22.12
N VAL B 19 0.75 20.36 -20.97
CA VAL B 19 0.98 19.21 -20.10
C VAL B 19 -0.34 18.76 -19.49
N ASN B 20 -0.59 17.45 -19.52
CA ASN B 20 -1.66 16.83 -18.76
C ASN B 20 -1.13 16.61 -17.35
N VAL B 21 -1.33 17.62 -16.48
CA VAL B 21 -0.69 17.64 -15.17
C VAL B 21 -1.18 16.48 -14.30
N ALA B 22 -2.47 16.17 -14.35
CA ALA B 22 -2.98 15.06 -13.54
C ALA B 22 -2.27 13.76 -13.87
N GLU B 23 -1.96 13.57 -15.16
CA GLU B 23 -1.51 12.30 -15.65
C GLU B 23 0.03 12.25 -15.61
N CYS B 24 0.76 13.29 -16.03
CA CYS B 24 2.22 13.35 -15.77
C CYS B 24 2.60 13.48 -14.28
N GLY B 25 1.84 14.21 -13.46
CA GLY B 25 2.20 14.31 -12.04
C GLY B 25 2.11 12.97 -11.31
N ALA B 26 1.04 12.23 -11.57
CA ALA B 26 0.92 10.88 -11.02
C ALA B 26 1.97 9.96 -11.62
N GLU B 27 2.22 10.09 -12.93
CA GLU B 27 3.25 9.29 -13.60
C GLU B 27 4.62 9.55 -12.98
N ALA B 28 4.94 10.81 -12.73
CA ALA B 28 6.26 11.16 -12.20
C ALA B 28 6.40 10.72 -10.74
N LEU B 29 5.39 10.99 -9.93
CA LEU B 29 5.46 10.62 -8.51
C LEU B 29 5.48 9.11 -8.35
N ALA B 30 4.66 8.40 -9.14
CA ALA B 30 4.69 6.94 -9.10
C ALA B 30 6.09 6.43 -9.42
N ARG B 31 6.68 6.91 -10.52
CA ARG B 31 8.02 6.46 -10.91
C ARG B 31 9.06 6.77 -9.84
N LEU B 32 8.87 7.84 -9.07
CA LEU B 32 9.76 8.10 -7.95
C LEU B 32 9.71 6.97 -6.93
N LEU B 33 8.51 6.48 -6.64
CA LEU B 33 8.32 5.45 -5.62
C LEU B 33 8.78 4.07 -6.06
N ILE B 34 8.78 3.79 -7.36
CA ILE B 34 9.22 2.49 -7.88
C ILE B 34 10.69 2.51 -8.32
N VAL B 35 11.12 3.54 -9.06
CA VAL B 35 12.52 3.59 -9.47
C VAL B 35 13.42 3.73 -8.25
N TYR B 36 13.02 4.56 -7.28
CA TYR B 36 13.77 4.76 -6.05
C TYR B 36 12.90 4.29 -4.90
N PRO B 37 12.85 2.97 -4.64
CA PRO B 37 11.87 2.44 -3.68
C PRO B 37 12.04 2.96 -2.27
N TRP B 38 13.21 3.50 -1.91
CA TRP B 38 13.38 3.95 -0.53
C TRP B 38 12.55 5.18 -0.20
N THR B 39 12.02 5.88 -1.22
CA THR B 39 11.21 7.06 -0.98
C THR B 39 9.82 6.73 -0.47
N GLN B 40 9.40 5.46 -0.55
CA GLN B 40 8.07 5.07 -0.10
C GLN B 40 7.88 5.31 1.39
N ARG B 41 8.97 5.42 2.14
CA ARG B 41 8.89 5.69 3.57
C ARG B 41 8.24 7.03 3.87
N PHE B 42 8.46 8.02 3.02
CA PHE B 42 7.83 9.32 3.19
C PHE B 42 6.34 9.28 2.89
N PHE B 43 5.83 8.17 2.33
CA PHE B 43 4.45 8.10 1.87
C PHE B 43 3.77 6.86 2.44
N ALA B 44 4.16 6.43 3.63
CA ALA B 44 3.57 5.25 4.24
C ALA B 44 2.08 5.44 4.54
N SER B 45 1.64 6.68 4.67
CA SER B 45 0.23 6.97 4.90
C SER B 45 -0.61 6.92 3.64
N PHE B 46 0.00 6.68 2.47
CA PHE B 46 -0.77 6.61 1.23
C PHE B 46 -1.35 5.23 0.96
N GLY B 47 -1.03 4.23 1.77
CA GLY B 47 -1.69 2.94 1.70
C GLY B 47 -0.88 1.92 0.91
N ASN B 48 -1.51 1.30 -0.09
CA ASN B 48 -0.90 0.19 -0.83
C ASN B 48 0.19 0.73 -1.74
N LEU B 49 1.45 0.37 -1.43
CA LEU B 49 2.60 0.69 -2.26
C LEU B 49 3.44 -0.55 -2.50
N SER B 50 2.80 -1.73 -2.46
CA SER B 50 3.49 -3.00 -2.43
C SER B 50 4.01 -3.47 -3.79
N SER B 51 3.61 -2.82 -4.88
CA SER B 51 3.97 -3.28 -6.20
C SER B 51 3.91 -2.10 -7.16
N PRO B 52 4.62 -2.16 -8.28
CA PRO B 52 4.50 -1.08 -9.29
C PRO B 52 3.08 -0.85 -9.77
N THR B 53 2.29 -1.89 -9.95
CA THR B 53 0.89 -1.71 -10.34
C THR B 53 0.11 -0.98 -9.26
N ALA B 54 0.25 -1.42 -8.00
CA ALA B 54 -0.48 -0.79 -6.90
C ALA B 54 -0.08 0.66 -6.75
N ILE B 55 1.21 0.97 -6.92
CA ILE B 55 1.67 2.35 -6.79
C ILE B 55 1.06 3.23 -7.89
N LEU B 56 0.91 2.70 -9.10
CA LEU B 56 0.24 3.46 -10.15
C LEU B 56 -1.21 3.74 -9.79
N GLY B 57 -1.97 2.70 -9.44
CA GLY B 57 -3.39 2.87 -9.20
C GLY B 57 -3.75 3.53 -7.89
N ASN B 58 -2.79 3.75 -7.01
CA ASN B 58 -3.07 4.26 -5.69
C ASN B 58 -3.63 5.68 -5.78
N PRO B 59 -4.85 5.91 -5.31
CA PRO B 59 -5.47 7.24 -5.48
C PRO B 59 -4.69 8.37 -4.81
N MET B 60 -4.10 8.12 -3.64
CA MET B 60 -3.36 9.19 -2.97
C MET B 60 -2.05 9.49 -3.69
N VAL B 61 -1.49 8.52 -4.40
CA VAL B 61 -0.33 8.79 -5.26
C VAL B 61 -0.75 9.62 -6.47
N ARG B 62 -1.88 9.27 -7.09
CA ARG B 62 -2.39 10.06 -8.21
C ARG B 62 -2.67 11.49 -7.78
N ALA B 63 -3.28 11.66 -6.60
CA ALA B 63 -3.66 12.98 -6.12
C ALA B 63 -2.43 13.82 -5.78
N HIS B 64 -1.50 13.25 -5.01
CA HIS B 64 -0.35 14.03 -4.57
C HIS B 64 0.61 14.32 -5.72
N GLY B 65 0.76 13.36 -6.64
CA GLY B 65 1.58 13.64 -7.82
C GLY B 65 1.03 14.79 -8.64
N LYS B 66 -0.30 14.91 -8.70
CA LYS B 66 -0.91 16.04 -9.38
C LYS B 66 -0.54 17.36 -8.70
N LYS B 67 -0.57 17.39 -7.36
CA LYS B 67 -0.28 18.62 -6.64
C LYS B 67 1.19 19.00 -6.75
N VAL B 68 2.09 18.02 -6.81
CA VAL B 68 3.51 18.32 -6.96
C VAL B 68 3.78 19.00 -8.29
N LEU B 69 3.29 18.41 -9.39
CA LEU B 69 3.50 19.02 -10.69
C LEU B 69 2.72 20.31 -10.84
N THR B 70 1.55 20.41 -10.19
CA THR B 70 0.82 21.67 -10.14
C THR B 70 1.69 22.76 -9.51
N SER B 71 2.47 22.41 -8.48
CA SER B 71 3.28 23.44 -7.84
C SER B 71 4.44 23.89 -8.73
N PHE B 72 4.88 23.10 -9.70
CA PHE B 72 5.82 23.66 -10.67
C PHE B 72 5.14 24.74 -11.50
N GLY B 73 3.82 24.67 -11.64
CA GLY B 73 3.11 25.71 -12.37
C GLY B 73 3.24 27.07 -11.71
N ASP B 74 3.27 27.09 -10.38
CA ASP B 74 3.52 28.33 -9.65
C ASP B 74 4.92 28.88 -9.96
N ALA B 75 5.85 28.03 -10.38
CA ALA B 75 7.14 28.48 -10.86
C ALA B 75 7.08 28.91 -12.32
N VAL B 76 6.33 28.17 -13.15
CA VAL B 76 6.21 28.51 -14.57
C VAL B 76 5.58 29.88 -14.74
N LYS B 77 4.43 30.09 -14.08
CA LYS B 77 3.71 31.35 -14.21
C LYS B 77 4.43 32.51 -13.55
N ASN B 78 5.48 32.24 -12.79
CA ASN B 78 6.25 33.34 -12.18
C ASN B 78 7.70 32.84 -12.08
N LEU B 79 8.47 33.11 -13.14
CA LEU B 79 9.80 32.50 -13.30
C LEU B 79 10.89 33.27 -12.58
N ASP B 80 10.84 34.60 -12.63
CA ASP B 80 11.83 35.45 -11.98
C ASP B 80 11.58 35.59 -10.49
N ASN B 81 10.72 34.74 -9.92
CA ASN B 81 10.40 34.81 -8.51
C ASN B 81 10.29 33.42 -7.87
N ILE B 82 11.06 32.45 -8.35
CA ILE B 82 10.92 31.07 -7.89
C ILE B 82 11.33 30.94 -6.42
N LYS B 83 12.34 31.68 -5.98
CA LYS B 83 12.84 31.53 -4.62
C LYS B 83 11.74 31.85 -3.60
N ASN B 84 11.01 32.94 -3.81
CA ASN B 84 9.93 33.34 -2.92
C ASN B 84 8.68 32.49 -3.09
N THR B 85 8.45 31.93 -4.28
CA THR B 85 7.27 31.10 -4.48
C THR B 85 7.36 29.82 -3.65
N PHE B 86 8.55 29.24 -3.51
CA PHE B 86 8.66 28.00 -2.75
C PHE B 86 9.26 28.22 -1.37
N SER B 87 9.20 29.45 -0.85
CA SER B 87 9.71 29.72 0.48
C SER B 87 8.95 28.92 1.54
N GLN B 88 7.62 28.92 1.45
CA GLN B 88 6.82 28.18 2.43
C GLN B 88 7.04 26.68 2.32
N LEU B 89 7.01 26.14 1.10
CA LEU B 89 7.21 24.72 0.91
C LEU B 89 8.62 24.30 1.32
N SER B 90 9.58 25.21 1.25
CA SER B 90 10.94 24.90 1.69
C SER B 90 10.99 24.59 3.18
N GLU B 91 10.30 25.41 3.99
CA GLU B 91 10.29 25.16 5.43
C GLU B 91 9.57 23.85 5.74
N LEU B 92 8.44 23.62 5.09
CA LEU B 92 7.66 22.40 5.30
C LEU B 92 8.50 21.14 5.11
N HIS B 93 9.16 21.03 3.95
CA HIS B 93 9.94 19.84 3.65
C HIS B 93 11.13 19.68 4.59
N CYS B 94 11.56 20.74 5.26
CA CYS B 94 12.66 20.61 6.22
C CYS B 94 12.18 20.10 7.57
N ASP B 95 11.34 20.89 8.24
CA ASP B 95 11.08 20.69 9.67
C ASP B 95 9.68 20.12 9.93
N LYS B 96 9.03 19.58 8.91
CA LYS B 96 7.83 18.77 9.07
C LYS B 96 7.96 17.42 8.41
N LEU B 97 8.58 17.35 7.23
CA LEU B 97 8.68 16.12 6.46
C LEU B 97 10.05 15.47 6.58
N HIS B 98 11.08 16.26 6.91
CA HIS B 98 12.44 15.76 7.09
C HIS B 98 12.94 15.05 5.82
N VAL B 99 12.81 15.74 4.69
CA VAL B 99 13.21 15.22 3.39
C VAL B 99 14.60 15.75 3.08
N ASP B 100 15.54 14.84 2.83
CA ASP B 100 16.87 15.24 2.40
C ASP B 100 16.76 16.00 1.08
N PRO B 101 17.35 17.19 0.98
CA PRO B 101 17.22 17.97 -0.27
C PRO B 101 17.76 17.25 -1.49
N GLU B 102 18.66 16.27 -1.31
CA GLU B 102 19.21 15.54 -2.43
C GLU B 102 18.11 14.85 -3.23
N ASN B 103 17.00 14.49 -2.57
CA ASN B 103 15.89 13.84 -3.23
C ASN B 103 15.14 14.77 -4.18
N PHE B 104 15.27 16.09 -3.98
CA PHE B 104 14.63 17.04 -4.88
C PHE B 104 15.16 16.89 -6.30
N ARG B 105 16.46 16.58 -6.43
CA ARG B 105 17.04 16.28 -7.74
C ARG B 105 16.37 15.06 -8.36
N LEU B 106 16.12 14.02 -7.57
CA LEU B 106 15.60 12.78 -8.11
C LEU B 106 14.23 12.96 -8.73
N LEU B 107 13.32 13.64 -8.01
CA LEU B 107 11.95 13.78 -8.50
C LEU B 107 11.91 14.62 -9.77
N GLY B 108 12.73 15.66 -9.84
CA GLY B 108 12.76 16.47 -11.05
C GLY B 108 13.26 15.72 -12.26
N ASP B 109 14.28 14.87 -12.08
CA ASP B 109 14.81 14.13 -13.22
C ASP B 109 13.86 13.02 -13.65
N ILE B 110 13.06 12.50 -12.72
CA ILE B 110 11.95 11.62 -13.11
C ILE B 110 10.93 12.40 -13.92
N LEU B 111 10.68 13.66 -13.53
CA LEU B 111 9.70 14.48 -14.23
C LEU B 111 10.13 14.75 -15.67
N ILE B 112 11.43 14.98 -15.89
CA ILE B 112 11.90 15.24 -17.24
C ILE B 112 11.69 14.02 -18.14
N ILE B 113 11.85 12.82 -17.57
CA ILE B 113 11.61 11.60 -18.34
C ILE B 113 10.12 11.42 -18.61
N VAL B 114 9.27 11.77 -17.63
CA VAL B 114 7.82 11.69 -17.85
C VAL B 114 7.40 12.69 -18.92
N LEU B 115 7.89 13.92 -18.84
CA LEU B 115 7.56 14.93 -19.84
C LEU B 115 8.06 14.50 -21.22
N ALA B 116 9.24 13.89 -21.28
CA ALA B 116 9.78 13.44 -22.56
C ALA B 116 8.95 12.33 -23.16
N ALA B 117 8.41 11.44 -22.32
CA ALA B 117 7.60 10.34 -22.83
C ALA B 117 6.27 10.84 -23.40
N HIS B 118 5.69 11.86 -22.78
CA HIS B 118 4.37 12.34 -23.18
C HIS B 118 4.40 13.28 -24.38
N PHE B 119 5.50 13.97 -24.64
CA PHE B 119 5.49 15.06 -25.62
C PHE B 119 6.13 14.71 -26.96
N SER B 120 6.60 13.48 -27.16
CA SER B 120 7.02 13.01 -28.48
C SER B 120 8.05 13.97 -29.08
N LYS B 121 7.75 14.58 -30.24
CA LYS B 121 8.68 15.48 -30.92
C LYS B 121 8.37 16.95 -30.68
N ASP B 122 7.93 17.32 -29.48
CA ASP B 122 8.00 18.68 -29.00
C ASP B 122 9.05 18.88 -27.91
N PHE B 123 9.63 17.80 -27.39
CA PHE B 123 10.55 17.91 -26.26
C PHE B 123 11.99 17.89 -26.79
N THR B 124 12.34 18.95 -27.53
CA THR B 124 13.61 19.08 -28.22
C THR B 124 14.78 19.06 -27.23
N PRO B 125 16.02 18.85 -27.68
CA PRO B 125 17.15 18.99 -26.75
C PRO B 125 17.22 20.35 -26.10
N GLU B 126 16.78 21.40 -26.81
CA GLU B 126 16.72 22.73 -26.22
C GLU B 126 15.60 22.82 -25.19
N CYS B 127 14.50 22.09 -25.39
CA CYS B 127 13.40 22.11 -24.44
C CYS B 127 13.77 21.37 -23.16
N GLN B 128 14.46 20.22 -23.29
CA GLN B 128 14.96 19.53 -22.10
C GLN B 128 15.96 20.38 -21.34
N ALA B 129 16.82 21.11 -22.05
CA ALA B 129 17.76 22.00 -21.38
C ALA B 129 17.01 23.03 -20.53
N ALA B 130 15.90 23.55 -21.06
CA ALA B 130 15.15 24.57 -20.34
C ALA B 130 14.45 23.99 -19.11
N TRP B 131 13.79 22.84 -19.27
CA TRP B 131 13.07 22.23 -18.16
C TRP B 131 14.00 21.61 -17.13
N GLN B 132 15.16 21.10 -17.54
CA GLN B 132 16.14 20.66 -16.56
C GLN B 132 16.62 21.84 -15.72
N LYS B 133 16.77 23.01 -16.34
CA LYS B 133 17.11 24.21 -15.56
C LYS B 133 16.00 24.58 -14.59
N LEU B 134 14.74 24.52 -15.03
CA LEU B 134 13.62 24.87 -14.17
C LEU B 134 13.53 23.91 -12.98
N VAL B 135 13.61 22.61 -13.26
CA VAL B 135 13.67 21.62 -12.20
C VAL B 135 14.84 21.90 -11.26
N ARG B 136 15.97 22.28 -11.82
CA ARG B 136 17.17 22.52 -11.04
C ARG B 136 17.03 23.77 -10.17
N VAL B 137 16.34 24.80 -10.67
CA VAL B 137 16.09 26.01 -9.88
C VAL B 137 15.04 25.76 -8.81
N VAL B 138 13.95 25.09 -9.17
CA VAL B 138 12.90 24.75 -8.19
C VAL B 138 13.49 23.90 -7.07
N ALA B 139 14.35 22.94 -7.41
CA ALA B 139 14.97 22.10 -6.41
C ALA B 139 15.88 22.91 -5.49
N HIS B 140 16.67 23.84 -6.06
CA HIS B 140 17.48 24.71 -5.20
C HIS B 140 16.60 25.59 -4.33
N ALA B 141 15.42 25.98 -4.83
CA ALA B 141 14.54 26.86 -4.07
C ALA B 141 13.89 26.16 -2.89
N LEU B 142 13.56 24.87 -3.04
CA LEU B 142 13.02 24.12 -1.92
C LEU B 142 14.05 23.81 -0.84
N ALA B 143 15.34 23.84 -1.18
CA ALA B 143 16.39 23.57 -0.21
C ALA B 143 16.91 24.82 0.47
N ARG B 144 16.34 25.99 0.15
CA ARG B 144 16.93 27.25 0.58
C ARG B 144 16.78 27.46 2.09
N LYS B 145 15.62 27.14 2.66
CA LYS B 145 15.38 27.37 4.07
C LYS B 145 15.52 26.11 4.92
N TYR B 146 16.67 25.43 4.85
CA TYR B 146 16.95 24.34 5.79
C TYR B 146 17.85 24.86 6.90
N HIS B 147 17.32 24.84 8.13
CA HIS B 147 17.95 25.35 9.33
C HIS B 147 19.35 24.77 9.56
N VAL C 2 42.00 0.70 -3.86
CA VAL C 2 42.12 -0.69 -3.47
C VAL C 2 43.03 -0.87 -2.27
N LEU C 3 43.49 0.26 -1.70
CA LEU C 3 44.13 0.28 -0.37
C LEU C 3 45.45 -0.50 -0.39
N SER C 4 46.41 0.08 -1.11
CA SER C 4 47.73 -0.52 -1.23
C SER C 4 48.39 -0.65 0.14
N ALA C 5 49.49 -1.39 0.19
CA ALA C 5 50.15 -1.68 1.46
C ALA C 5 50.57 -0.40 2.17
N ALA C 6 50.96 0.62 1.41
CA ALA C 6 51.33 1.90 2.02
C ALA C 6 50.12 2.63 2.59
N ASP C 7 48.99 2.59 1.88
CA ASP C 7 47.77 3.20 2.39
C ASP C 7 47.38 2.60 3.73
N LYS C 8 47.53 1.28 3.87
CA LYS C 8 47.17 0.61 5.11
C LYS C 8 48.03 1.08 6.27
N ASN C 9 49.33 1.27 6.04
CA ASN C 9 50.20 1.75 7.12
C ASN C 9 49.91 3.20 7.47
N ASN C 10 49.66 4.05 6.47
CA ASN C 10 49.36 5.45 6.77
C ASN C 10 48.07 5.57 7.56
N VAL C 11 47.07 4.75 7.22
CA VAL C 11 45.78 4.82 7.91
C VAL C 11 45.91 4.31 9.35
N LYS C 12 46.53 3.14 9.54
CA LYS C 12 46.72 2.66 10.91
C LYS C 12 47.67 3.55 11.69
N GLY C 13 48.57 4.25 11.02
CA GLY C 13 49.47 5.16 11.70
C GLY C 13 48.79 6.41 12.21
N ILE C 14 47.67 6.80 11.62
CA ILE C 14 46.97 7.99 12.09
C ILE C 14 45.88 7.63 13.10
N PHE C 15 45.36 6.40 13.05
CA PHE C 15 44.41 5.94 14.05
C PHE C 15 45.05 5.59 15.39
N THR C 16 46.39 5.60 15.47
CA THR C 16 47.03 5.42 16.77
C THR C 16 46.99 6.69 17.62
N LYS C 17 46.93 7.87 16.99
CA LYS C 17 46.79 9.12 17.75
C LYS C 17 45.34 9.60 17.86
N ILE C 18 44.38 8.91 17.26
CA ILE C 18 42.98 9.21 17.51
C ILE C 18 42.29 8.06 18.24
N ALA C 19 43.05 7.09 18.74
CA ALA C 19 42.47 5.92 19.38
C ALA C 19 41.81 6.27 20.71
N GLY C 20 42.48 7.09 21.52
CA GLY C 20 41.93 7.43 22.83
C GLY C 20 40.79 8.43 22.77
N HIS C 21 40.77 9.27 21.74
CA HIS C 21 39.81 10.37 21.67
C HIS C 21 38.56 9.98 20.87
N ALA C 22 37.96 8.84 21.22
CA ALA C 22 36.83 8.34 20.45
C ALA C 22 35.61 9.26 20.58
N GLU C 23 35.20 9.53 21.82
CA GLU C 23 34.04 10.40 22.03
C GLU C 23 34.32 11.83 21.60
N GLU C 24 35.52 12.33 21.87
CA GLU C 24 35.82 13.73 21.61
C GLU C 24 35.80 14.03 20.11
N TYR C 25 36.52 13.23 19.32
CA TYR C 25 36.58 13.49 17.89
C TYR C 25 35.26 13.17 17.21
N GLY C 26 34.50 12.22 17.75
CA GLY C 26 33.21 11.89 17.17
C GLY C 26 32.16 12.96 17.40
N ALA C 27 32.17 13.58 18.57
CA ALA C 27 31.23 14.66 18.85
C ALA C 27 31.51 15.87 17.97
N GLU C 28 32.79 16.18 17.74
CA GLU C 28 33.14 17.35 16.95
C GLU C 28 32.89 17.14 15.47
N THR C 29 33.17 15.93 14.95
CA THR C 29 32.93 15.66 13.53
C THR C 29 31.45 15.77 13.20
N LEU C 30 30.57 15.33 14.11
CA LEU C 30 29.14 15.47 13.88
C LEU C 30 28.71 16.93 13.99
N GLU C 31 29.16 17.63 15.03
CA GLU C 31 28.75 19.03 15.18
C GLU C 31 29.22 19.88 14.01
N ARG C 32 30.34 19.51 13.38
CA ARG C 32 30.76 20.23 12.19
C ARG C 32 29.90 19.87 10.98
N MET C 33 29.51 18.60 10.86
CA MET C 33 28.63 18.20 9.76
C MET C 33 27.28 18.90 9.85
N PHE C 34 26.71 18.96 11.06
CA PHE C 34 25.43 19.62 11.27
C PHE C 34 25.52 21.13 11.10
N THR C 35 26.70 21.71 11.28
CA THR C 35 26.87 23.16 11.16
C THR C 35 27.17 23.59 9.72
N THR C 36 28.12 22.93 9.06
CA THR C 36 28.48 23.34 7.72
C THR C 36 27.50 22.79 6.68
N TYR C 37 26.85 21.67 6.96
CA TYR C 37 25.88 21.05 6.06
C TYR C 37 24.60 20.84 6.82
N PRO C 38 23.80 21.89 7.01
CA PRO C 38 22.55 21.77 7.79
C PRO C 38 21.60 20.70 7.29
N PRO C 39 21.52 20.43 5.97
CA PRO C 39 20.60 19.36 5.54
C PRO C 39 20.85 18.01 6.17
N THR C 40 22.09 17.71 6.60
CA THR C 40 22.33 16.42 7.24
C THR C 40 21.54 16.25 8.53
N LYS C 41 21.08 17.36 9.13
CA LYS C 41 20.20 17.27 10.30
C LYS C 41 18.90 16.54 9.99
N THR C 42 18.55 16.44 8.71
CA THR C 42 17.35 15.72 8.31
C THR C 42 17.29 14.32 8.91
N TYR C 43 18.42 13.63 8.99
CA TYR C 43 18.28 12.25 9.42
C TYR C 43 18.25 12.10 10.93
N PHE C 44 18.40 13.18 11.69
CA PHE C 44 18.32 13.09 13.15
C PHE C 44 17.27 14.11 13.60
N PRO C 45 15.99 13.85 13.32
CA PRO C 45 14.96 14.78 13.76
C PRO C 45 14.58 14.63 15.22
N HIS C 46 14.86 13.47 15.82
CA HIS C 46 14.50 13.17 17.19
C HIS C 46 15.65 13.38 18.16
N PHE C 47 16.75 13.95 17.69
CA PHE C 47 17.92 14.20 18.53
C PHE C 47 17.98 15.64 19.01
N ASP C 48 18.71 15.82 20.11
CA ASP C 48 19.15 17.13 20.57
C ASP C 48 20.39 17.50 19.78
N LEU C 49 20.26 18.40 18.83
CA LEU C 49 21.40 18.81 18.02
C LEU C 49 22.11 20.02 18.59
N SER C 50 21.80 20.39 19.83
CA SER C 50 22.47 21.48 20.51
C SER C 50 23.95 21.15 20.71
N HIS C 51 24.75 22.20 20.88
CA HIS C 51 26.17 22.02 21.15
C HIS C 51 26.37 21.28 22.46
N GLY C 52 27.23 20.27 22.45
CA GLY C 52 27.53 19.54 23.65
C GLY C 52 26.40 18.68 24.19
N SER C 53 25.44 18.31 23.34
CA SER C 53 24.36 17.46 23.79
C SER C 53 24.87 16.06 24.13
N ALA C 54 24.22 15.42 25.09
CA ALA C 54 24.62 14.07 25.48
C ALA C 54 24.40 13.08 24.34
N GLN C 55 23.39 13.32 23.48
CA GLN C 55 23.17 12.43 22.35
C GLN C 55 24.24 12.58 21.28
N ILE C 56 24.66 13.80 20.96
CA ILE C 56 25.71 13.96 19.96
C ILE C 56 27.02 13.37 20.48
N LYS C 57 27.32 13.56 21.76
CA LYS C 57 28.55 12.98 22.29
C LYS C 57 28.46 11.47 22.40
N GLY C 58 27.25 10.93 22.60
CA GLY C 58 27.07 9.49 22.68
C GLY C 58 27.11 8.81 21.33
N HIS C 59 26.29 9.29 20.39
CA HIS C 59 26.31 8.75 19.03
C HIS C 59 27.63 9.05 18.33
N GLY C 60 28.25 10.19 18.64
CA GLY C 60 29.53 10.52 18.02
C GLY C 60 30.62 9.53 18.36
N LYS C 61 30.66 9.09 19.62
CA LYS C 61 31.62 8.05 20.00
C LYS C 61 31.40 6.78 19.18
N LYS C 62 30.13 6.40 18.97
CA LYS C 62 29.83 5.21 18.19
C LYS C 62 30.30 5.36 16.74
N VAL C 63 30.31 6.58 16.21
CA VAL C 63 30.66 6.77 14.80
C VAL C 63 32.13 6.45 14.57
N VAL C 64 33.03 7.07 15.33
CA VAL C 64 34.45 6.84 15.09
C VAL C 64 34.91 5.53 15.71
N ALA C 65 34.16 4.96 16.64
CA ALA C 65 34.49 3.62 17.14
C ALA C 65 34.33 2.57 16.05
N ALA C 66 33.35 2.76 15.16
CA ALA C 66 33.22 1.88 14.00
C ALA C 66 34.35 2.10 13.01
N LEU C 67 34.77 3.36 12.82
CA LEU C 67 35.94 3.63 11.98
C LEU C 67 37.20 3.02 12.59
N ILE C 68 37.32 3.08 13.92
CA ILE C 68 38.45 2.45 14.59
C ILE C 68 38.41 0.94 14.40
N GLU C 69 37.24 0.32 14.56
CA GLU C 69 37.11 -1.10 14.27
C GLU C 69 37.42 -1.41 12.80
N ALA C 70 37.15 -0.47 11.90
CA ALA C 70 37.45 -0.70 10.49
C ALA C 70 38.94 -0.59 10.21
N ALA C 71 39.63 0.33 10.88
CA ALA C 71 41.06 0.49 10.67
C ALA C 71 41.84 -0.74 11.11
N ASN C 72 41.35 -1.44 12.14
CA ASN C 72 42.02 -2.65 12.59
C ASN C 72 41.91 -3.75 11.54
N HIS C 73 40.77 -3.83 10.85
CA HIS C 73 40.50 -4.87 9.87
C HIS C 73 40.27 -4.15 8.54
N ILE C 74 41.37 -3.81 7.87
CA ILE C 74 41.31 -3.11 6.59
C ILE C 74 41.48 -4.06 5.41
N ASP C 75 41.98 -5.27 5.63
CA ASP C 75 41.88 -6.31 4.61
C ASP C 75 40.43 -6.64 4.31
N ASP C 76 39.53 -6.44 5.27
CA ASP C 76 38.12 -6.78 5.08
C ASP C 76 37.28 -5.73 5.81
N ILE C 77 36.96 -4.64 5.10
CA ILE C 77 36.12 -3.58 5.66
C ILE C 77 34.65 -3.90 5.47
N ALA C 78 34.30 -4.51 4.34
CA ALA C 78 32.91 -4.87 4.08
C ALA C 78 32.38 -5.82 5.15
N GLY C 79 33.24 -6.74 5.62
CA GLY C 79 32.80 -7.69 6.64
C GLY C 79 32.77 -7.15 8.05
N THR C 80 33.67 -6.21 8.37
CA THR C 80 33.69 -5.65 9.71
C THR C 80 32.62 -4.58 9.92
N LEU C 81 32.05 -4.04 8.85
CA LEU C 81 30.97 -3.06 8.93
C LEU C 81 29.70 -3.57 8.26
N SER C 82 29.51 -4.90 8.24
CA SER C 82 28.32 -5.47 7.61
C SER C 82 27.06 -5.13 8.41
N LYS C 83 27.17 -5.11 9.74
CA LYS C 83 26.03 -4.75 10.59
C LYS C 83 25.50 -3.36 10.25
N LEU C 84 26.41 -2.40 10.12
CA LEU C 84 26.03 -1.03 9.83
C LEU C 84 25.64 -0.82 8.38
N SER C 85 25.99 -1.76 7.49
CA SER C 85 25.61 -1.64 6.09
C SER C 85 24.10 -1.63 5.93
N ASP C 86 23.41 -2.55 6.60
CA ASP C 86 21.95 -2.61 6.49
C ASP C 86 21.28 -1.47 7.26
N LEU C 87 21.95 -0.93 8.27
CA LEU C 87 21.41 0.20 9.02
C LEU C 87 21.37 1.46 8.16
N HIS C 88 22.47 1.77 7.49
CA HIS C 88 22.57 3.01 6.71
C HIS C 88 22.03 2.88 5.31
N ALA C 89 22.19 1.72 4.67
CA ALA C 89 21.71 1.56 3.31
C ALA C 89 20.29 1.02 3.25
N HIS C 90 19.87 0.17 4.17
CA HIS C 90 18.58 -0.50 4.05
C HIS C 90 17.55 -0.16 5.11
N LYS C 91 17.93 0.47 6.22
CA LYS C 91 16.96 0.81 7.26
C LYS C 91 16.78 2.31 7.44
N LEU C 92 17.85 3.08 7.29
CA LEU C 92 17.78 4.54 7.35
C LEU C 92 17.80 5.17 5.97
N ARG C 93 18.51 4.55 5.04
CA ARG C 93 18.76 5.07 3.69
C ARG C 93 19.31 6.50 3.74
N VAL C 94 20.54 6.58 4.23
CA VAL C 94 21.31 7.81 4.16
C VAL C 94 21.87 7.96 2.76
N ASP C 95 21.50 9.06 2.10
CA ASP C 95 21.90 9.28 0.71
C ASP C 95 23.42 9.38 0.62
N PRO C 96 24.06 8.68 -0.31
CA PRO C 96 25.53 8.51 -0.24
C PRO C 96 26.34 9.80 -0.20
N VAL C 97 25.85 10.90 -0.77
CA VAL C 97 26.60 12.15 -0.75
C VAL C 97 26.77 12.70 0.67
N ASN C 98 26.04 12.15 1.64
CA ASN C 98 26.19 12.53 3.03
C ASN C 98 27.41 11.91 3.68
N PHE C 99 27.87 10.76 3.17
CA PHE C 99 29.08 10.13 3.72
C PHE C 99 30.32 10.89 3.29
N LYS C 100 30.34 11.38 2.04
CA LYS C 100 31.42 12.26 1.61
C LYS C 100 31.50 13.49 2.51
N LEU C 101 30.35 14.00 2.95
CA LEU C 101 30.35 15.16 3.82
C LEU C 101 30.92 14.83 5.20
N LEU C 102 30.51 13.68 5.76
CA LEU C 102 31.01 13.30 7.08
C LEU C 102 32.51 12.99 7.04
N GLY C 103 32.97 12.33 5.97
CA GLY C 103 34.40 12.11 5.83
C GLY C 103 35.17 13.41 5.69
N GLN C 104 34.59 14.38 4.98
CA GLN C 104 35.19 15.70 4.88
C GLN C 104 35.32 16.37 6.25
N CYS C 105 34.28 16.28 7.08
CA CYS C 105 34.35 16.86 8.41
C CYS C 105 35.32 16.10 9.31
N PHE C 106 35.37 14.77 9.18
CA PHE C 106 36.31 13.99 9.98
C PHE C 106 37.75 14.31 9.62
N LEU C 107 38.02 14.54 8.33
CA LEU C 107 39.34 14.99 7.92
C LEU C 107 39.69 16.34 8.53
N VAL C 108 38.70 17.23 8.62
CA VAL C 108 38.94 18.54 9.23
C VAL C 108 39.31 18.39 10.70
N VAL C 109 38.64 17.48 11.41
CA VAL C 109 38.91 17.30 12.83
C VAL C 109 40.35 16.81 13.05
N VAL C 110 40.78 15.81 12.28
CA VAL C 110 42.12 15.29 12.48
C VAL C 110 43.17 16.29 12.02
N ALA C 111 42.83 17.15 11.05
CA ALA C 111 43.74 18.22 10.65
C ALA C 111 43.90 19.25 11.77
N ILE C 112 42.86 19.42 12.58
CA ILE C 112 42.91 20.39 13.68
C ILE C 112 43.74 19.86 14.85
N HIS C 113 43.56 18.59 15.22
CA HIS C 113 44.23 18.07 16.40
C HIS C 113 45.58 17.43 16.09
N HIS C 114 45.77 16.93 14.88
CA HIS C 114 47.02 16.28 14.47
C HIS C 114 47.45 16.79 13.09
N PRO C 115 47.78 18.08 12.98
CA PRO C 115 48.27 18.58 11.68
C PRO C 115 49.60 17.99 11.28
N ALA C 116 50.46 17.65 12.25
CA ALA C 116 51.73 17.02 11.94
C ALA C 116 51.51 15.65 11.30
N ALA C 117 50.54 14.88 11.80
CA ALA C 117 50.28 13.55 11.28
C ALA C 117 49.58 13.59 9.93
N LEU C 118 48.74 14.59 9.68
CA LEU C 118 47.99 14.60 8.43
C LEU C 118 48.84 15.24 7.34
N THR C 119 50.03 14.68 7.13
CA THR C 119 50.81 15.01 5.96
C THR C 119 50.04 14.56 4.71
N PRO C 120 50.28 15.18 3.56
CA PRO C 120 49.44 14.88 2.40
C PRO C 120 49.50 13.43 1.93
N GLU C 121 50.56 12.68 2.24
CA GLU C 121 50.55 11.25 1.96
C GLU C 121 49.47 10.55 2.78
N VAL C 122 49.39 10.86 4.08
CA VAL C 122 48.36 10.29 4.92
C VAL C 122 46.99 10.86 4.54
N HIS C 123 46.95 12.11 4.07
CA HIS C 123 45.70 12.69 3.59
C HIS C 123 45.10 11.84 2.49
N ALA C 124 45.92 11.49 1.50
CA ALA C 124 45.44 10.69 0.39
C ALA C 124 45.03 9.29 0.83
N SER C 125 45.60 8.81 1.93
CA SER C 125 45.25 7.47 2.42
C SER C 125 43.93 7.47 3.19
N LEU C 126 43.68 8.48 4.03
CA LEU C 126 42.39 8.56 4.71
C LEU C 126 41.26 8.78 3.72
N ASP C 127 41.50 9.58 2.68
CA ASP C 127 40.45 9.77 1.67
C ASP C 127 40.17 8.46 0.94
N LYS C 128 41.21 7.67 0.66
CA LYS C 128 40.96 6.31 0.16
C LYS C 128 40.17 5.49 1.16
N PHE C 129 40.53 5.58 2.45
CA PHE C 129 39.88 4.76 3.47
C PHE C 129 38.43 5.17 3.71
N LEU C 130 38.19 6.47 3.90
CA LEU C 130 36.84 6.95 4.18
C LEU C 130 35.92 6.74 2.99
N CYS C 131 36.45 6.81 1.78
CA CYS C 131 35.65 6.57 0.60
C CYS C 131 35.28 5.09 0.48
N ALA C 132 36.09 4.20 1.06
CA ALA C 132 35.74 2.78 1.11
C ALA C 132 34.69 2.49 2.19
N VAL C 133 34.83 3.12 3.35
CA VAL C 133 33.82 3.00 4.39
C VAL C 133 32.48 3.54 3.89
N GLY C 134 32.51 4.66 3.18
CA GLY C 134 31.30 5.17 2.58
C GLY C 134 30.68 4.21 1.60
N THR C 135 31.50 3.59 0.75
CA THR C 135 30.97 2.64 -0.22
C THR C 135 30.31 1.46 0.48
N VAL C 136 30.93 0.93 1.53
CA VAL C 136 30.36 -0.20 2.26
C VAL C 136 28.97 0.16 2.79
N LEU C 137 28.81 1.39 3.28
CA LEU C 137 27.54 1.80 3.88
C LEU C 137 26.49 2.18 2.85
N THR C 138 26.84 2.33 1.58
CA THR C 138 25.87 2.57 0.50
C THR C 138 26.23 1.80 -0.78
N ALA C 139 26.61 0.53 -0.65
CA ALA C 139 26.90 -0.30 -1.83
C ALA C 139 25.74 -1.18 -2.25
N LYS C 140 24.90 -1.63 -1.33
CA LYS C 140 23.71 -2.41 -1.70
C LYS C 140 22.61 -1.43 -2.11
N TYR C 141 22.77 -0.88 -3.31
CA TYR C 141 21.73 -0.10 -3.97
C TYR C 141 22.01 -0.03 -5.47
N ARG C 142 21.33 0.93 -6.12
CA ARG C 142 21.49 1.22 -7.55
C ARG C 142 20.86 0.10 -8.37
N VAL D 2 22.81 34.37 -3.02
CA VAL D 2 23.93 34.26 -2.10
C VAL D 2 23.85 35.39 -1.07
N HIS D 3 23.39 35.06 0.14
CA HIS D 3 23.19 36.03 1.21
C HIS D 3 24.15 35.72 2.35
N TRP D 4 24.92 36.72 2.75
CA TRP D 4 25.90 36.59 3.82
C TRP D 4 25.36 37.24 5.09
N THR D 5 25.68 36.65 6.23
CA THR D 5 25.38 37.26 7.52
C THR D 5 26.59 38.03 8.02
N ALA D 6 26.33 38.98 8.92
CA ALA D 6 27.41 39.83 9.44
C ALA D 6 28.48 38.99 10.14
N GLU D 7 28.08 37.89 10.79
CA GLU D 7 29.06 37.03 11.43
C GLU D 7 29.80 36.17 10.41
N GLU D 8 29.14 35.75 9.34
CA GLU D 8 29.82 35.01 8.28
C GLU D 8 30.88 35.85 7.59
N LYS D 9 30.58 37.12 7.31
CA LYS D 9 31.61 38.00 6.74
C LYS D 9 32.77 38.16 7.71
N GLN D 10 32.48 38.36 8.99
CA GLN D 10 33.55 38.54 9.99
C GLN D 10 34.41 37.29 10.12
N LEU D 11 33.82 36.11 9.93
CA LEU D 11 34.59 34.87 9.99
C LEU D 11 35.50 34.72 8.78
N ILE D 12 35.05 35.18 7.61
CA ILE D 12 35.87 35.08 6.40
C ILE D 12 36.92 36.17 6.36
N THR D 13 36.52 37.41 6.66
CA THR D 13 37.49 38.50 6.81
C THR D 13 38.54 38.18 7.86
N GLY D 14 38.10 37.63 9.00
CA GLY D 14 39.04 37.34 10.08
C GLY D 14 40.11 36.34 9.68
N LEU D 15 39.71 35.20 9.10
CA LEU D 15 40.71 34.25 8.62
C LEU D 15 41.59 34.84 7.55
N TRP D 16 41.00 35.54 6.58
CA TRP D 16 41.78 35.96 5.42
C TRP D 16 42.95 36.83 5.83
N GLY D 17 42.81 37.61 6.90
CA GLY D 17 43.90 38.45 7.35
C GLY D 17 45.06 37.71 7.98
N LYS D 18 44.87 36.44 8.34
CA LYS D 18 45.91 35.66 9.01
C LYS D 18 46.41 34.48 8.20
N VAL D 19 45.84 34.22 7.01
CA VAL D 19 46.25 33.07 6.22
C VAL D 19 47.62 33.31 5.61
N ASN D 20 48.53 32.36 5.80
CA ASN D 20 49.82 32.35 5.10
C ASN D 20 49.57 31.85 3.68
N VAL D 21 49.12 32.76 2.82
CA VAL D 21 48.59 32.38 1.51
C VAL D 21 49.68 31.69 0.67
N ALA D 22 50.92 32.16 0.76
CA ALA D 22 51.99 31.56 -0.02
C ALA D 22 52.12 30.07 0.29
N GLU D 23 51.93 29.70 1.55
CA GLU D 23 52.11 28.31 1.98
C GLU D 23 50.83 27.50 1.87
N CYS D 24 49.70 28.06 2.33
CA CYS D 24 48.43 27.33 2.27
C CYS D 24 48.02 27.04 0.84
N GLY D 25 48.21 28.02 -0.06
CA GLY D 25 47.90 27.79 -1.46
C GLY D 25 48.84 26.78 -2.09
N ALA D 26 50.12 26.83 -1.73
CA ALA D 26 51.07 25.84 -2.24
C ALA D 26 50.75 24.45 -1.73
N GLU D 27 50.26 24.32 -0.50
CA GLU D 27 49.99 23.01 0.07
C GLU D 27 48.64 22.48 -0.41
N ALA D 28 47.65 23.35 -0.59
CA ALA D 28 46.35 22.92 -1.07
C ALA D 28 46.44 22.38 -2.49
N LEU D 29 47.14 23.10 -3.38
CA LEU D 29 47.27 22.64 -4.75
C LEU D 29 48.07 21.33 -4.80
N ALA D 30 49.12 21.23 -3.99
CA ALA D 30 49.90 19.99 -3.93
C ALA D 30 49.06 18.84 -3.40
N ARG D 31 48.25 19.09 -2.37
CA ARG D 31 47.37 18.04 -1.86
C ARG D 31 46.34 17.62 -2.89
N LEU D 32 45.90 18.54 -3.75
CA LEU D 32 45.03 18.15 -4.86
C LEU D 32 45.72 17.14 -5.77
N LEU D 33 47.00 17.38 -6.07
CA LEU D 33 47.69 16.57 -7.07
C LEU D 33 48.05 15.19 -6.56
N ILE D 34 48.01 14.96 -5.25
CA ILE D 34 48.39 13.67 -4.69
C ILE D 34 47.27 12.97 -3.93
N VAL D 35 46.26 13.70 -3.44
CA VAL D 35 45.03 13.04 -2.99
C VAL D 35 44.22 12.58 -4.20
N TYR D 36 44.08 13.44 -5.21
CA TYR D 36 43.34 13.12 -6.43
C TYR D 36 44.34 13.17 -7.58
N PRO D 37 45.15 12.12 -7.76
CA PRO D 37 46.28 12.21 -8.69
C PRO D 37 45.88 12.27 -10.16
N TRP D 38 44.60 12.10 -10.50
CA TRP D 38 44.20 12.26 -11.89
C TRP D 38 44.19 13.72 -12.33
N THR D 39 44.36 14.66 -11.41
CA THR D 39 44.46 16.06 -11.77
C THR D 39 45.84 16.45 -12.27
N GLN D 40 46.82 15.54 -12.21
CA GLN D 40 48.18 15.86 -12.66
C GLN D 40 48.26 16.08 -14.17
N ARG D 41 47.31 15.50 -14.93
CA ARG D 41 47.33 15.67 -16.38
C ARG D 41 47.05 17.12 -16.79
N PHE D 42 46.35 17.87 -15.95
CA PHE D 42 46.12 19.28 -16.23
C PHE D 42 47.39 20.11 -16.08
N PHE D 43 48.38 19.60 -15.38
CA PHE D 43 49.58 20.36 -15.02
C PHE D 43 50.84 19.68 -15.57
N ALA D 44 50.75 19.10 -16.77
CA ALA D 44 51.88 18.40 -17.34
C ALA D 44 53.06 19.33 -17.55
N SER D 45 52.81 20.63 -17.74
CA SER D 45 53.87 21.61 -17.90
C SER D 45 54.62 21.91 -16.61
N PHE D 46 54.14 21.44 -15.47
CA PHE D 46 54.83 21.71 -14.21
C PHE D 46 56.00 20.77 -13.97
N GLY D 47 56.20 19.77 -14.80
CA GLY D 47 57.41 18.95 -14.72
C GLY D 47 57.25 17.80 -13.73
N ASN D 48 58.15 17.76 -12.74
CA ASN D 48 58.31 16.59 -11.87
C ASN D 48 57.12 16.48 -10.93
N LEU D 49 56.20 15.56 -11.25
CA LEU D 49 55.03 15.27 -10.42
C LEU D 49 55.03 13.79 -10.01
N SER D 50 56.22 13.21 -9.89
CA SER D 50 56.39 11.76 -9.82
C SER D 50 56.30 11.19 -8.42
N SER D 51 56.09 12.02 -7.39
CA SER D 51 55.96 11.53 -6.03
C SER D 51 55.32 12.64 -5.19
N PRO D 52 54.70 12.29 -4.06
CA PRO D 52 54.21 13.35 -3.17
C PRO D 52 55.31 14.28 -2.67
N THR D 53 56.51 13.77 -2.42
CA THR D 53 57.60 14.64 -1.99
C THR D 53 58.07 15.54 -3.13
N ALA D 54 58.09 15.02 -4.36
CA ALA D 54 58.49 15.84 -5.49
C ALA D 54 57.45 16.89 -5.83
N ILE D 55 56.17 16.62 -5.55
CA ILE D 55 55.13 17.60 -5.86
C ILE D 55 55.12 18.74 -4.87
N LEU D 56 55.33 18.46 -3.57
CA LEU D 56 55.47 19.55 -2.61
C LEU D 56 56.66 20.44 -2.96
N GLY D 57 57.79 19.84 -3.32
CA GLY D 57 58.99 20.58 -3.65
C GLY D 57 59.01 21.19 -5.04
N ASN D 58 58.01 20.91 -5.86
CA ASN D 58 57.99 21.43 -7.22
C ASN D 58 57.69 22.93 -7.19
N PRO D 59 58.60 23.79 -7.66
CA PRO D 59 58.39 25.23 -7.52
C PRO D 59 57.21 25.76 -8.31
N MET D 60 56.87 25.15 -9.45
CA MET D 60 55.72 25.62 -10.22
C MET D 60 54.39 25.17 -9.62
N VAL D 61 54.38 24.08 -8.85
CA VAL D 61 53.18 23.73 -8.10
C VAL D 61 52.97 24.73 -6.96
N ARG D 62 54.05 25.14 -6.30
CA ARG D 62 53.94 26.12 -5.24
C ARG D 62 53.57 27.50 -5.77
N ALA D 63 54.10 27.84 -6.95
CA ALA D 63 53.81 29.13 -7.55
C ALA D 63 52.35 29.24 -7.97
N HIS D 64 51.84 28.22 -8.66
CA HIS D 64 50.45 28.26 -9.12
C HIS D 64 49.48 28.11 -7.96
N GLY D 65 49.81 27.28 -6.97
CA GLY D 65 48.97 27.17 -5.79
C GLY D 65 48.84 28.48 -5.04
N LYS D 66 49.91 29.28 -5.01
CA LYS D 66 49.84 30.59 -4.38
C LYS D 66 48.86 31.49 -5.12
N LYS D 67 48.87 31.46 -6.44
CA LYS D 67 47.98 32.32 -7.21
C LYS D 67 46.53 31.87 -7.13
N VAL D 68 46.28 30.61 -6.80
CA VAL D 68 44.90 30.13 -6.66
C VAL D 68 44.29 30.63 -5.36
N LEU D 69 44.97 30.39 -4.23
CA LEU D 69 44.46 30.91 -2.97
C LEU D 69 44.43 32.43 -2.96
N THR D 70 45.36 33.06 -3.68
CA THR D 70 45.29 34.51 -3.86
C THR D 70 44.00 34.93 -4.55
N SER D 71 43.51 34.13 -5.50
CA SER D 71 42.30 34.54 -6.20
C SER D 71 41.06 34.43 -5.33
N PHE D 72 41.08 33.62 -4.26
CA PHE D 72 39.95 33.74 -3.34
C PHE D 72 39.95 35.09 -2.63
N GLY D 73 41.11 35.75 -2.60
CA GLY D 73 41.17 37.08 -2.00
C GLY D 73 40.27 38.08 -2.71
N ASP D 74 40.16 37.98 -4.04
CA ASP D 74 39.26 38.89 -4.72
C ASP D 74 37.80 38.57 -4.41
N ALA D 75 37.50 37.33 -4.03
CA ALA D 75 36.18 37.00 -3.52
C ALA D 75 36.00 37.47 -2.08
N VAL D 76 37.06 37.43 -1.27
CA VAL D 76 36.96 37.91 0.10
C VAL D 76 36.68 39.40 0.14
N LYS D 77 37.37 40.17 -0.69
CA LYS D 77 37.24 41.63 -0.67
C LYS D 77 36.00 42.12 -1.43
N ASN D 78 35.29 41.23 -2.15
CA ASN D 78 33.92 41.47 -2.64
C ASN D 78 33.13 40.18 -2.45
N LEU D 79 32.52 40.03 -1.27
CA LEU D 79 31.70 38.85 -1.00
C LEU D 79 30.36 38.91 -1.73
N ASP D 80 29.72 40.08 -1.75
CA ASP D 80 28.43 40.26 -2.38
C ASP D 80 28.55 40.52 -3.88
N ASN D 81 29.73 40.31 -4.46
CA ASN D 81 29.96 40.47 -5.90
C ASN D 81 30.87 39.38 -6.45
N ILE D 82 30.65 38.12 -6.06
CA ILE D 82 31.60 37.08 -6.49
C ILE D 82 31.40 36.68 -7.95
N LYS D 83 30.16 36.69 -8.46
CA LYS D 83 29.91 36.20 -9.82
C LYS D 83 30.69 36.99 -10.86
N ASN D 84 30.68 38.32 -10.76
CA ASN D 84 31.42 39.15 -11.70
C ASN D 84 32.92 39.07 -11.50
N THR D 85 33.38 38.78 -10.28
CA THR D 85 34.81 38.72 -10.04
C THR D 85 35.46 37.55 -10.78
N PHE D 86 34.76 36.43 -10.94
CA PHE D 86 35.37 35.29 -11.63
C PHE D 86 34.75 35.05 -13.00
N SER D 87 34.13 36.07 -13.61
CA SER D 87 33.63 35.93 -14.98
C SER D 87 34.77 35.61 -15.93
N GLN D 88 35.87 36.35 -15.79
CA GLN D 88 37.09 36.12 -16.56
C GLN D 88 37.58 34.68 -16.42
N LEU D 89 37.80 34.22 -15.18
CA LEU D 89 38.32 32.87 -14.97
C LEU D 89 37.32 31.78 -15.35
N SER D 90 36.02 32.09 -15.27
CA SER D 90 35.01 31.11 -15.63
C SER D 90 35.14 30.69 -17.10
N GLU D 91 35.29 31.67 -17.99
CA GLU D 91 35.49 31.34 -19.40
C GLU D 91 36.83 30.62 -19.58
N LEU D 92 37.85 31.03 -18.83
CA LEU D 92 39.18 30.44 -18.96
C LEU D 92 39.14 28.94 -18.70
N HIS D 93 38.58 28.53 -17.57
CA HIS D 93 38.60 27.11 -17.21
C HIS D 93 37.72 26.27 -18.13
N CYS D 94 36.73 26.87 -18.79
CA CYS D 94 35.90 26.09 -19.72
C CYS D 94 36.55 25.93 -21.08
N ASP D 95 36.66 27.03 -21.81
CA ASP D 95 37.03 26.96 -23.22
C ASP D 95 38.47 27.41 -23.43
N LYS D 96 39.30 27.24 -22.40
CA LYS D 96 40.74 27.39 -22.58
C LYS D 96 41.48 26.26 -21.89
N LEU D 97 40.89 25.71 -20.82
CA LEU D 97 41.54 24.65 -20.06
C LEU D 97 40.78 23.33 -20.02
N HIS D 98 39.48 23.31 -20.32
CA HIS D 98 38.71 22.06 -20.38
C HIS D 98 38.72 21.34 -19.04
N VAL D 99 38.42 22.07 -17.97
CA VAL D 99 38.38 21.52 -16.62
C VAL D 99 36.93 21.21 -16.28
N ASP D 100 36.67 19.97 -15.91
CA ASP D 100 35.34 19.57 -15.49
C ASP D 100 34.97 20.34 -14.23
N PRO D 101 33.85 21.07 -14.20
CA PRO D 101 33.51 21.88 -13.02
C PRO D 101 33.42 21.08 -11.74
N GLU D 102 33.18 19.77 -11.83
CA GLU D 102 33.08 18.95 -10.64
C GLU D 102 34.42 18.88 -9.91
N ASN D 103 35.53 19.16 -10.61
CA ASN D 103 36.84 19.19 -9.97
C ASN D 103 37.01 20.40 -9.07
N PHE D 104 36.22 21.45 -9.29
CA PHE D 104 36.29 22.63 -8.43
C PHE D 104 35.94 22.30 -6.99
N ARG D 105 35.00 21.36 -6.81
CA ARG D 105 34.63 20.92 -5.46
C ARG D 105 35.83 20.32 -4.74
N LEU D 106 36.64 19.52 -5.45
CA LEU D 106 37.73 18.80 -4.81
C LEU D 106 38.78 19.77 -4.28
N LEU D 107 39.20 20.73 -5.09
CA LEU D 107 40.21 21.69 -4.65
C LEU D 107 39.68 22.54 -3.49
N GLY D 108 38.42 22.96 -3.57
CA GLY D 108 37.87 23.78 -2.51
C GLY D 108 37.72 23.04 -1.20
N ASP D 109 37.28 21.79 -1.24
CA ASP D 109 37.15 21.01 -0.01
C ASP D 109 38.51 20.68 0.59
N ILE D 110 39.55 20.56 -0.25
CA ILE D 110 40.90 20.37 0.26
C ILE D 110 41.41 21.64 0.94
N LEU D 111 41.09 22.81 0.38
CA LEU D 111 41.49 24.06 1.00
C LEU D 111 40.95 24.17 2.42
N ILE D 112 39.76 23.63 2.67
CA ILE D 112 39.20 23.65 4.02
C ILE D 112 40.04 22.80 4.96
N ILE D 113 40.50 21.64 4.50
CA ILE D 113 41.35 20.79 5.33
C ILE D 113 42.69 21.45 5.58
N VAL D 114 43.22 22.17 4.59
CA VAL D 114 44.48 22.89 4.77
C VAL D 114 44.31 24.02 5.79
N LEU D 115 43.26 24.84 5.63
CA LEU D 115 43.03 25.92 6.57
C LEU D 115 42.79 25.38 7.98
N ALA D 116 42.10 24.25 8.08
CA ALA D 116 41.89 23.62 9.38
C ALA D 116 43.21 23.24 10.03
N ALA D 117 44.15 22.73 9.23
CA ALA D 117 45.44 22.31 9.78
C ALA D 117 46.21 23.48 10.36
N HIS D 118 46.20 24.63 9.69
CA HIS D 118 47.04 25.74 10.10
C HIS D 118 46.40 26.66 11.13
N PHE D 119 45.10 26.55 11.39
CA PHE D 119 44.45 27.39 12.39
C PHE D 119 43.91 26.61 13.56
N SER D 120 44.07 25.28 13.56
CA SER D 120 43.80 24.42 14.71
C SER D 120 42.43 24.70 15.32
N LYS D 121 42.37 25.33 16.49
CA LYS D 121 41.09 25.55 17.15
C LYS D 121 40.53 26.95 16.95
N ASP D 122 41.20 27.79 16.18
CA ASP D 122 40.57 29.02 15.72
C ASP D 122 39.59 28.75 14.59
N PHE D 123 39.65 27.55 14.01
CA PHE D 123 38.84 27.15 12.87
C PHE D 123 37.60 26.40 13.38
N THR D 124 36.78 27.14 14.14
CA THR D 124 35.59 26.61 14.77
C THR D 124 34.62 26.05 13.73
N PRO D 125 33.66 25.22 14.14
CA PRO D 125 32.67 24.72 13.15
C PRO D 125 31.93 25.83 12.44
N GLU D 126 31.57 26.89 13.17
CA GLU D 126 30.96 28.06 12.56
C GLU D 126 31.91 28.75 11.59
N CYS D 127 33.22 28.75 11.88
CA CYS D 127 34.19 29.27 10.92
C CYS D 127 34.30 28.36 9.71
N GLN D 128 34.26 27.04 9.91
CA GLN D 128 34.27 26.12 8.79
C GLN D 128 33.03 26.27 7.92
N ALA D 129 31.86 26.48 8.55
CA ALA D 129 30.63 26.65 7.78
C ALA D 129 30.71 27.87 6.88
N ALA D 130 31.27 28.96 7.39
CA ALA D 130 31.41 30.18 6.59
C ALA D 130 32.31 29.94 5.38
N TRP D 131 33.50 29.36 5.61
CA TRP D 131 34.43 29.10 4.53
C TRP D 131 34.02 27.95 3.64
N GLN D 132 33.18 27.05 4.12
CA GLN D 132 32.60 26.05 3.22
C GLN D 132 31.63 26.70 2.25
N LYS D 133 30.83 27.66 2.74
CA LYS D 133 29.97 28.42 1.84
C LYS D 133 30.78 29.24 0.85
N LEU D 134 31.87 29.85 1.32
CA LEU D 134 32.70 30.67 0.44
C LEU D 134 33.32 29.83 -0.67
N VAL D 135 33.98 28.73 -0.30
CA VAL D 135 34.51 27.80 -1.29
C VAL D 135 33.43 27.35 -2.25
N ARG D 136 32.23 27.13 -1.74
CA ARG D 136 31.18 26.55 -2.55
C ARG D 136 30.59 27.58 -3.51
N VAL D 137 30.50 28.85 -3.08
CA VAL D 137 30.03 29.92 -3.97
C VAL D 137 31.07 30.24 -5.03
N VAL D 138 32.36 30.24 -4.66
CA VAL D 138 33.40 30.53 -5.65
C VAL D 138 33.43 29.45 -6.73
N ALA D 139 33.19 28.19 -6.34
CA ALA D 139 33.15 27.12 -7.32
C ALA D 139 31.97 27.26 -8.26
N HIS D 140 30.83 27.73 -7.75
CA HIS D 140 29.68 27.96 -8.61
C HIS D 140 29.91 29.15 -9.55
N ALA D 141 30.75 30.10 -9.14
CA ALA D 141 31.05 31.25 -9.99
C ALA D 141 31.93 30.86 -11.17
N LEU D 142 32.91 29.99 -10.93
CA LEU D 142 33.79 29.53 -12.02
C LEU D 142 33.08 28.65 -13.03
N ALA D 143 31.98 28.00 -12.63
CA ALA D 143 31.23 27.15 -13.54
C ALA D 143 30.07 27.87 -14.19
N ARG D 144 29.97 29.19 -14.02
CA ARG D 144 28.79 29.91 -14.48
C ARG D 144 28.75 30.08 -16.00
N LYS D 145 29.91 30.08 -16.65
CA LYS D 145 29.97 30.28 -18.10
C LYS D 145 30.68 29.08 -18.73
N TYR D 146 29.95 27.98 -18.97
CA TYR D 146 30.54 26.84 -19.65
C TYR D 146 29.85 26.45 -20.95
N HIS D 147 29.32 27.42 -21.71
CA HIS D 147 28.88 27.17 -23.08
C HIS D 147 27.99 25.93 -23.26
N THR E 64 -20.05 43.01 -21.72
CA THR E 64 -20.85 42.14 -20.86
C THR E 64 -21.17 40.79 -21.53
N ALA E 65 -20.30 39.81 -21.28
CA ALA E 65 -20.41 38.50 -21.87
C ALA E 65 -21.06 37.52 -20.90
N GLU E 66 -21.73 36.51 -21.44
CA GLU E 66 -22.42 35.54 -20.60
C GLU E 66 -21.41 34.66 -19.86
N VAL E 67 -21.82 34.19 -18.68
CA VAL E 67 -21.01 33.33 -17.84
C VAL E 67 -21.88 32.16 -17.39
N ARG E 68 -21.25 30.99 -17.26
CA ARG E 68 -21.94 29.81 -16.75
C ARG E 68 -21.02 29.07 -15.79
N LEU E 69 -21.62 28.26 -14.93
CA LEU E 69 -20.89 27.46 -13.95
C LEU E 69 -21.15 26.00 -14.26
N VAL E 70 -20.08 25.25 -14.54
CA VAL E 70 -20.16 23.92 -15.14
C VAL E 70 -19.62 22.90 -14.16
N ASP E 71 -20.25 21.73 -14.13
CA ASP E 71 -19.77 20.55 -13.37
C ASP E 71 -19.85 20.77 -11.87
N GLY E 72 -20.76 21.61 -11.41
CA GLY E 72 -20.96 21.83 -9.99
C GLY E 72 -22.17 21.09 -9.47
N PRO E 73 -22.48 21.26 -8.18
CA PRO E 73 -23.70 20.64 -7.64
C PRO E 73 -24.98 21.17 -8.27
N ASN E 74 -24.96 22.42 -8.72
CA ASN E 74 -26.17 23.06 -9.24
C ASN E 74 -25.75 24.24 -10.13
N ARG E 75 -26.70 25.13 -10.39
CA ARG E 75 -26.45 26.26 -11.29
C ARG E 75 -25.47 27.27 -10.71
N CYS E 76 -25.42 27.40 -9.39
CA CYS E 76 -24.71 28.49 -8.74
C CYS E 76 -23.34 28.08 -8.21
N SER E 77 -22.82 26.93 -8.60
CA SER E 77 -21.46 26.55 -8.24
C SER E 77 -20.87 25.72 -9.38
N GLY E 78 -19.56 25.85 -9.56
CA GLY E 78 -18.85 25.07 -10.56
C GLY E 78 -17.71 25.87 -11.15
N ARG E 79 -17.21 25.36 -12.27
CA ARG E 79 -16.12 26.00 -13.00
C ARG E 79 -16.63 27.20 -13.80
N VAL E 80 -15.96 28.34 -13.64
CA VAL E 80 -16.33 29.54 -14.38
C VAL E 80 -15.96 29.36 -15.84
N GLU E 81 -16.93 29.59 -16.73
CA GLU E 81 -16.70 29.61 -18.16
C GLU E 81 -17.37 30.83 -18.78
N VAL E 82 -16.62 31.57 -19.58
CA VAL E 82 -17.09 32.80 -20.19
C VAL E 82 -17.27 32.57 -21.68
N LEU E 83 -18.17 33.34 -22.28
CA LEU E 83 -18.49 33.22 -23.70
C LEU E 83 -17.82 34.35 -24.46
N HIS E 84 -16.96 33.99 -25.42
CA HIS E 84 -16.27 34.99 -26.23
C HIS E 84 -15.98 34.39 -27.60
N ASN E 85 -16.25 35.16 -28.64
CA ASN E 85 -16.21 34.69 -30.03
C ASN E 85 -17.02 33.41 -30.20
N ASP E 86 -18.17 33.35 -29.52
CA ASP E 86 -19.08 32.20 -29.55
C ASP E 86 -18.40 30.92 -29.07
N VAL E 87 -17.33 31.04 -28.28
CA VAL E 87 -16.59 29.89 -27.76
C VAL E 87 -16.56 30.01 -26.24
N TRP E 88 -17.02 28.96 -25.56
CA TRP E 88 -16.97 28.94 -24.11
C TRP E 88 -15.58 28.52 -23.65
N GLY E 89 -14.94 29.37 -22.85
CA GLY E 89 -13.62 29.09 -22.35
C GLY E 89 -13.53 29.32 -20.86
N THR E 90 -12.50 28.73 -20.25
CA THR E 90 -12.33 28.80 -18.81
C THR E 90 -11.59 30.07 -18.42
N VAL E 91 -11.43 30.27 -17.11
CA VAL E 91 -10.73 31.42 -16.55
C VAL E 91 -9.56 30.91 -15.72
N CYS E 92 -8.36 31.44 -16.02
CA CYS E 92 -7.19 31.09 -15.23
C CYS E 92 -7.34 31.63 -13.80
N ASP E 93 -6.72 30.94 -12.85
CA ASP E 93 -6.96 31.22 -11.43
C ASP E 93 -5.94 32.17 -10.82
N GLU E 94 -4.99 32.68 -11.60
CA GLU E 94 -4.08 33.68 -11.08
C GLU E 94 -4.79 34.99 -10.85
N GLY E 95 -4.66 35.54 -9.65
CA GLY E 95 -5.39 36.72 -9.28
C GLY E 95 -6.88 36.50 -9.10
N TRP E 96 -7.29 35.25 -8.90
CA TRP E 96 -8.69 34.89 -8.77
C TRP E 96 -9.06 34.82 -7.29
N ASP E 97 -9.97 35.68 -6.86
CA ASP E 97 -10.29 35.83 -5.45
C ASP E 97 -11.78 36.14 -5.33
N LEU E 98 -12.24 36.45 -4.12
CA LEU E 98 -13.67 36.67 -3.91
C LEU E 98 -14.21 37.87 -4.67
N ARG E 99 -13.35 38.83 -5.03
CA ARG E 99 -13.83 39.96 -5.82
C ARG E 99 -14.38 39.51 -7.17
N GLU E 100 -13.61 38.68 -7.90
CA GLU E 100 -14.15 38.09 -9.12
C GLU E 100 -15.30 37.15 -8.82
N ALA E 101 -15.28 36.50 -7.65
CA ALA E 101 -16.33 35.55 -7.30
C ALA E 101 -17.68 36.23 -7.21
N ARG E 102 -17.75 37.39 -6.53
CA ARG E 102 -19.05 38.04 -6.34
C ARG E 102 -19.51 38.80 -7.58
N VAL E 103 -18.63 39.03 -8.54
CA VAL E 103 -19.08 39.50 -9.85
C VAL E 103 -19.82 38.41 -10.59
N VAL E 104 -19.32 37.18 -10.55
CA VAL E 104 -19.97 36.07 -11.22
C VAL E 104 -21.28 35.70 -10.51
N CYS E 105 -21.32 35.88 -9.19
CA CYS E 105 -22.54 35.54 -8.45
C CYS E 105 -23.64 36.60 -8.60
N ARG E 106 -23.29 37.90 -8.67
CA ARG E 106 -24.31 38.88 -9.04
C ARG E 106 -24.83 38.64 -10.45
N GLN E 107 -23.92 38.42 -11.40
CA GLN E 107 -24.33 38.35 -12.80
C GLN E 107 -25.33 37.23 -13.01
N LEU E 108 -25.17 36.13 -12.28
CA LEU E 108 -26.08 34.99 -12.37
C LEU E 108 -27.27 35.08 -11.44
N GLY E 109 -27.36 36.15 -10.64
CA GLY E 109 -28.41 36.22 -9.62
C GLY E 109 -28.30 35.13 -8.60
N CYS E 110 -27.08 34.65 -8.32
CA CYS E 110 -26.84 33.54 -7.41
C CYS E 110 -26.44 33.98 -6.01
N GLY E 111 -26.49 35.27 -5.68
CA GLY E 111 -26.20 35.64 -4.32
C GLY E 111 -24.86 36.29 -4.05
N THR E 112 -24.07 35.75 -3.11
CA THR E 112 -23.03 36.54 -2.45
C THR E 112 -21.67 35.84 -2.37
N ALA E 113 -21.42 34.79 -3.16
CA ALA E 113 -20.07 34.32 -3.47
C ALA E 113 -19.31 33.87 -2.22
N LEU E 114 -19.71 32.69 -1.75
CA LEU E 114 -19.10 32.11 -0.56
C LEU E 114 -17.59 31.91 -0.72
N SER E 115 -17.15 31.40 -1.87
CA SER E 115 -15.73 31.10 -2.05
C SER E 115 -15.37 31.06 -3.53
N SER E 116 -14.07 31.10 -3.81
CA SER E 116 -13.52 31.15 -5.16
C SER E 116 -12.49 30.05 -5.34
N PRO E 117 -12.94 28.81 -5.50
CA PRO E 117 -12.01 27.67 -5.52
C PRO E 117 -11.05 27.72 -6.69
N LYS E 118 -9.76 27.69 -6.38
CA LYS E 118 -8.69 27.67 -7.37
C LYS E 118 -8.31 26.24 -7.73
N LYS E 119 -7.73 26.10 -8.92
CA LYS E 119 -7.13 24.85 -9.40
C LYS E 119 -8.12 23.70 -9.56
N SER E 120 -9.15 23.91 -10.40
CA SER E 120 -9.94 22.81 -10.98
C SER E 120 -10.66 21.98 -9.90
N LYS E 121 -11.29 22.67 -8.95
CA LYS E 121 -12.09 21.96 -7.96
C LYS E 121 -13.21 21.19 -8.64
N TYR E 122 -13.85 21.80 -9.63
CA TYR E 122 -14.93 21.16 -10.38
C TYR E 122 -14.46 20.65 -11.74
N GLY E 123 -13.21 20.19 -11.81
CA GLY E 123 -12.68 19.66 -13.05
C GLY E 123 -12.09 20.73 -13.95
N GLU E 124 -11.40 20.25 -14.99
CA GLU E 124 -10.72 21.11 -15.93
C GLU E 124 -11.58 21.29 -17.16
N GLY E 125 -11.64 22.51 -17.67
CA GLY E 125 -12.28 22.72 -18.95
C GLY E 125 -11.42 22.25 -20.09
N LYS E 126 -11.98 22.32 -21.29
CA LYS E 126 -11.25 22.03 -22.51
C LYS E 126 -11.32 23.22 -23.45
N GLY E 127 -10.39 23.25 -24.40
CA GLY E 127 -10.35 24.33 -25.35
C GLY E 127 -9.72 25.59 -24.81
N GLN E 128 -10.34 26.73 -25.12
CA GLN E 128 -9.72 28.02 -24.90
C GLN E 128 -9.79 28.45 -23.44
N ILE E 129 -8.76 29.16 -23.01
CA ILE E 129 -8.76 29.87 -21.73
C ILE E 129 -8.80 31.35 -22.06
N TRP E 130 -9.95 32.00 -21.84
CA TRP E 130 -10.08 33.38 -22.29
C TRP E 130 -9.44 34.38 -21.33
N LEU E 131 -9.82 34.36 -20.07
CA LEU E 131 -9.39 35.37 -19.12
C LEU E 131 -8.31 34.84 -18.20
N SER E 132 -7.45 35.75 -17.74
CA SER E 132 -6.38 35.42 -16.80
C SER E 132 -5.91 36.71 -16.15
N ASP E 133 -5.39 36.58 -14.93
CA ASP E 133 -4.96 37.74 -14.14
C ASP E 133 -6.06 38.79 -14.02
N LEU E 134 -7.24 38.33 -13.60
CA LEU E 134 -8.36 39.23 -13.36
C LEU E 134 -8.09 40.13 -12.16
N ASP E 135 -8.55 41.37 -12.26
CA ASP E 135 -8.30 42.41 -11.25
C ASP E 135 -9.59 43.17 -10.97
N CYS E 136 -10.67 42.43 -10.70
CA CYS E 136 -11.96 43.06 -10.41
C CYS E 136 -11.91 43.86 -9.12
N LYS E 137 -12.55 45.03 -9.14
CA LYS E 137 -12.79 45.78 -7.91
C LYS E 137 -13.80 45.08 -7.01
N GLY E 138 -14.66 44.24 -7.58
CA GLY E 138 -15.68 43.54 -6.82
C GLY E 138 -17.08 44.06 -7.05
N THR E 139 -17.24 45.16 -7.77
CA THR E 139 -18.55 45.74 -8.05
C THR E 139 -18.96 45.64 -9.51
N GLU E 140 -18.11 45.08 -10.37
CA GLU E 140 -18.36 45.12 -11.80
C GLU E 140 -19.61 44.32 -12.19
N GLY E 141 -20.29 44.82 -13.23
CA GLY E 141 -21.50 44.15 -13.69
C GLY E 141 -21.23 42.79 -14.30
N SER E 142 -20.18 42.68 -15.10
CA SER E 142 -19.81 41.43 -15.76
C SER E 142 -18.33 41.18 -15.55
N LEU E 143 -17.83 40.08 -16.10
CA LEU E 143 -16.46 39.67 -15.86
C LEU E 143 -15.48 40.19 -16.91
N SER E 144 -15.97 40.65 -18.05
CA SER E 144 -15.12 41.28 -19.06
C SER E 144 -14.94 42.78 -18.82
N ASN E 145 -15.69 43.36 -17.90
CA ASN E 145 -15.51 44.77 -17.55
C ASN E 145 -14.43 44.95 -16.49
N CYS E 146 -13.80 43.88 -16.05
CA CYS E 146 -12.70 43.92 -15.10
C CYS E 146 -11.37 44.04 -15.82
N LYS E 147 -10.44 44.74 -15.18
CA LYS E 147 -9.07 44.79 -15.68
C LYS E 147 -8.48 43.39 -15.70
N SER E 148 -7.87 43.02 -16.83
CA SER E 148 -7.32 41.68 -16.99
C SER E 148 -6.46 41.65 -18.24
N LYS E 149 -5.74 40.55 -18.41
CA LYS E 149 -4.97 40.33 -19.62
C LYS E 149 -5.90 40.15 -20.81
N PRO E 150 -5.42 40.42 -22.02
CA PRO E 150 -6.29 40.35 -23.19
C PRO E 150 -6.86 38.96 -23.40
N TRP E 151 -7.93 38.89 -24.19
CA TRP E 151 -8.62 37.63 -24.44
C TRP E 151 -7.66 36.59 -25.01
N GLY E 152 -7.67 35.40 -24.41
CA GLY E 152 -6.87 34.29 -24.89
C GLY E 152 -5.37 34.41 -24.66
N GLU E 153 -4.87 35.57 -24.26
CA GLU E 153 -3.44 35.77 -24.06
C GLU E 153 -3.10 35.42 -22.62
N ASN E 154 -2.44 34.27 -22.43
CA ASN E 154 -2.10 33.78 -21.11
C ASN E 154 -1.14 32.61 -21.28
N ILE E 155 -0.60 32.13 -20.16
CA ILE E 155 0.35 31.03 -20.16
C ILE E 155 -0.12 29.87 -19.29
N CYS E 156 -1.38 29.88 -18.87
CA CYS E 156 -1.94 28.89 -17.97
C CYS E 156 -2.21 27.58 -18.72
N ASN E 157 -2.42 26.50 -17.97
CA ASN E 157 -3.17 25.37 -18.54
C ASN E 157 -4.39 25.11 -17.68
N HIS E 158 -5.18 24.12 -18.07
CA HIS E 158 -6.52 23.94 -17.51
C HIS E 158 -6.51 23.46 -16.06
N VAL E 159 -5.37 22.98 -15.54
CA VAL E 159 -5.30 22.59 -14.15
C VAL E 159 -5.55 23.79 -13.24
N GLU E 160 -5.41 24.99 -13.79
CA GLU E 160 -5.52 26.25 -13.06
C GLU E 160 -6.84 26.94 -13.32
N ASP E 161 -7.89 26.18 -13.67
CA ASP E 161 -9.16 26.81 -14.01
C ASP E 161 -9.91 27.22 -12.75
N ALA E 162 -10.37 28.47 -12.75
CA ALA E 162 -11.01 29.06 -11.58
C ALA E 162 -12.45 28.56 -11.45
N SER E 163 -12.95 28.60 -10.22
CA SER E 163 -14.30 28.17 -9.89
C SER E 163 -14.88 29.14 -8.88
N VAL E 164 -16.19 29.04 -8.66
CA VAL E 164 -16.88 29.91 -7.72
C VAL E 164 -18.04 29.14 -7.09
N GLU E 165 -18.40 29.52 -5.87
CA GLU E 165 -19.47 28.86 -5.13
C GLU E 165 -20.34 29.96 -4.51
N CYS E 166 -21.57 30.09 -4.99
CA CYS E 166 -22.48 31.12 -4.54
C CYS E 166 -23.46 30.53 -3.54
N SER E 167 -24.23 31.41 -2.88
CA SER E 167 -25.16 30.96 -1.84
C SER E 167 -26.57 30.70 -2.35
N GLY E 168 -26.97 31.28 -3.48
CA GLY E 168 -28.28 31.10 -4.04
C GLY E 168 -29.29 32.16 -3.64
N THR E 169 -29.13 32.76 -2.46
CA THR E 169 -30.04 33.78 -1.97
C THR E 169 -29.26 34.92 -1.33
N GLU E 170 -29.84 36.12 -1.39
CA GLU E 170 -29.22 37.33 -0.86
C GLU E 170 -29.08 37.23 0.65
N ILE E 171 -27.85 37.16 1.13
CA ILE E 171 -27.56 37.20 2.56
C ILE E 171 -26.39 38.16 2.78
N PRO E 172 -26.23 38.67 4.00
CA PRO E 172 -25.04 39.47 4.30
C PRO E 172 -23.77 38.66 4.12
N GLU E 173 -22.64 39.36 4.11
CA GLU E 173 -21.36 38.69 3.95
C GLU E 173 -21.19 37.66 5.07
N PRO E 174 -20.63 36.48 4.79
CA PRO E 174 -20.48 35.48 5.86
C PRO E 174 -19.67 35.98 7.05
N GLY E 175 -18.70 36.86 6.82
CA GLY E 175 -17.86 37.35 7.87
C GLY E 175 -16.41 37.00 7.64
N PRO E 176 -15.51 37.53 8.47
CA PRO E 176 -14.08 37.26 8.32
C PRO E 176 -13.64 35.90 8.84
N LEU E 177 -14.57 35.02 9.21
CA LEU E 177 -14.22 33.81 9.93
C LEU E 177 -15.33 32.79 9.72
N ARG E 178 -14.96 31.53 9.48
CA ARG E 178 -15.98 30.52 9.29
C ARG E 178 -15.42 29.15 9.63
N LEU E 179 -16.29 28.28 10.14
CA LEU E 179 -15.97 26.88 10.40
C LEU E 179 -16.63 26.03 9.32
N VAL E 180 -15.81 25.30 8.57
CA VAL E 180 -16.24 24.55 7.40
C VAL E 180 -15.79 23.11 7.50
N GLY E 181 -16.63 22.20 7.00
CA GLY E 181 -16.33 20.79 6.97
C GLY E 181 -16.85 20.00 8.14
N GLY E 182 -17.39 20.66 9.16
CA GLY E 182 -17.89 19.98 10.32
C GLY E 182 -19.38 19.73 10.25
N PRO E 183 -19.98 19.38 11.39
CA PRO E 183 -21.41 19.08 11.39
C PRO E 183 -22.29 20.29 11.17
N ASN E 184 -21.84 21.50 11.56
CA ASN E 184 -22.72 22.67 11.54
C ASN E 184 -21.85 23.92 11.60
N ARG E 185 -22.49 25.08 11.84
CA ARG E 185 -21.77 26.35 11.89
C ARG E 185 -20.65 26.34 12.92
N CYS E 186 -20.90 25.75 14.09
CA CYS E 186 -20.07 25.99 15.26
C CYS E 186 -19.02 24.91 15.48
N ALA E 187 -18.77 24.05 14.50
CA ALA E 187 -17.73 23.04 14.61
C ALA E 187 -17.19 22.74 13.23
N GLY E 188 -15.88 22.81 13.07
CA GLY E 188 -15.27 22.47 11.79
C GLY E 188 -13.89 23.08 11.67
N ARG E 189 -13.39 23.07 10.44
CA ARG E 189 -12.08 23.64 10.14
C ARG E 189 -12.11 25.15 10.20
N VAL E 190 -11.14 25.74 10.88
CA VAL E 190 -11.04 27.20 10.94
C VAL E 190 -10.53 27.72 9.60
N GLU E 191 -11.26 28.68 9.03
CA GLU E 191 -10.81 29.39 7.84
C GLU E 191 -11.07 30.88 8.03
N VAL E 192 -10.07 31.69 7.71
CA VAL E 192 -10.13 33.14 7.88
C VAL E 192 -10.14 33.78 6.50
N LEU E 193 -10.73 34.97 6.41
CA LEU E 193 -10.80 35.73 5.17
C LEU E 193 -9.85 36.92 5.28
N HIS E 194 -8.86 36.96 4.39
CA HIS E 194 -7.86 38.01 4.35
C HIS E 194 -7.42 38.19 2.91
N GLU E 195 -7.25 39.45 2.48
CA GLU E 195 -6.92 39.75 1.08
C GLU E 195 -7.87 39.07 0.10
N GLU E 196 -9.15 39.07 0.45
CA GLU E 196 -10.23 38.57 -0.41
C GLU E 196 -10.08 37.09 -0.75
N GLN E 197 -9.31 36.32 0.01
CA GLN E 197 -9.21 34.89 -0.21
C GLN E 197 -9.44 34.16 1.11
N TRP E 198 -10.24 33.09 1.06
CA TRP E 198 -10.39 32.20 2.20
C TRP E 198 -9.18 31.30 2.32
N GLY E 199 -8.64 31.20 3.54
CA GLY E 199 -7.49 30.35 3.79
C GLY E 199 -7.58 29.74 5.17
N SER E 200 -6.90 28.61 5.33
CA SER E 200 -6.97 27.86 6.57
C SER E 200 -5.87 28.30 7.53
N VAL E 201 -5.86 27.68 8.72
CA VAL E 201 -4.95 28.04 9.80
C VAL E 201 -4.15 26.80 10.18
N CYS E 202 -2.83 26.94 10.27
CA CYS E 202 -1.98 25.83 10.66
C CYS E 202 -2.13 25.56 12.15
N HIS E 203 -1.92 24.29 12.51
CA HIS E 203 -2.23 23.77 13.85
C HIS E 203 -1.06 23.86 14.81
N ASP E 204 0.08 24.44 14.40
CA ASP E 204 1.16 24.80 15.33
C ASP E 204 0.74 25.91 16.30
N GLU E 205 1.20 25.83 17.56
CA GLU E 205 0.67 26.48 18.78
C GLU E 205 -0.86 26.51 18.87
N TRP E 206 -1.61 25.60 18.27
CA TRP E 206 -3.05 25.79 18.28
C TRP E 206 -3.63 25.12 19.53
N ASP E 207 -4.26 25.91 20.41
CA ASP E 207 -4.82 25.33 21.65
C ASP E 207 -6.24 25.87 21.85
N ILE E 208 -6.78 25.59 23.04
CA ILE E 208 -8.17 25.95 23.33
C ILE E 208 -8.39 27.45 23.39
N ASN E 209 -7.34 28.22 23.70
CA ASN E 209 -7.45 29.68 23.70
C ASN E 209 -7.70 30.21 22.30
N ASP E 210 -7.05 29.61 21.31
CA ASP E 210 -7.25 30.03 19.92
C ASP E 210 -8.65 29.66 19.42
N ALA E 211 -9.16 28.51 19.84
CA ALA E 211 -10.52 28.11 19.47
C ALA E 211 -11.55 28.94 20.20
N GLN E 212 -11.21 29.47 21.39
CA GLN E 212 -12.12 30.34 22.12
C GLN E 212 -12.40 31.63 21.36
N VAL E 213 -11.35 32.21 20.77
CA VAL E 213 -11.52 33.43 19.97
C VAL E 213 -12.41 33.15 18.77
N VAL E 214 -12.23 31.99 18.13
CA VAL E 214 -13.06 31.63 16.98
C VAL E 214 -14.50 31.41 17.38
N CYS E 215 -14.73 30.70 18.50
CA CYS E 215 -16.10 30.42 18.93
C CYS E 215 -16.83 31.69 19.36
N LYS E 216 -16.18 32.53 20.16
CA LYS E 216 -16.83 33.76 20.63
C LYS E 216 -17.10 34.73 19.49
N GLN E 217 -16.21 34.83 18.51
CA GLN E 217 -16.43 35.74 17.39
C GLN E 217 -17.63 35.30 16.56
N LEU E 218 -17.82 33.99 16.40
CA LEU E 218 -18.93 33.44 15.63
C LEU E 218 -20.23 33.39 16.43
N GLY E 219 -20.20 33.74 17.71
CA GLY E 219 -21.39 33.61 18.53
C GLY E 219 -21.81 32.15 18.68
N CYS E 220 -20.85 31.31 19.04
CA CYS E 220 -21.08 29.87 19.22
C CYS E 220 -20.84 29.42 20.65
N GLY E 221 -20.89 30.33 21.62
CA GLY E 221 -20.56 29.91 22.97
C GLY E 221 -19.06 29.70 23.12
N ASP E 222 -18.70 28.93 24.15
CA ASP E 222 -17.30 28.71 24.46
C ASP E 222 -16.73 27.58 23.60
N ALA E 223 -15.40 27.48 23.58
CA ALA E 223 -14.72 26.47 22.80
C ALA E 223 -14.58 25.19 23.62
N VAL E 224 -15.06 24.08 23.07
CA VAL E 224 -14.95 22.79 23.72
C VAL E 224 -13.65 22.08 23.37
N LEU E 225 -13.26 22.11 22.10
CA LEU E 225 -12.04 21.47 21.64
C LEU E 225 -11.40 22.30 20.54
N ALA E 226 -10.10 22.08 20.35
CA ALA E 226 -9.32 22.71 19.28
C ALA E 226 -8.57 21.62 18.52
N PRO E 227 -9.29 20.81 17.75
CA PRO E 227 -8.66 19.64 17.12
C PRO E 227 -7.59 20.03 16.12
N ILE E 228 -6.55 19.21 16.07
CA ILE E 228 -5.41 19.41 15.18
C ILE E 228 -5.35 18.28 14.17
N ALA E 229 -4.38 18.34 13.26
CA ALA E 229 -4.16 17.31 12.25
C ALA E 229 -5.35 17.16 11.29
N ALA E 230 -6.00 18.27 10.97
CA ALA E 230 -7.07 18.33 9.97
C ALA E 230 -8.21 17.37 10.33
N LYS E 231 -8.81 17.63 11.50
CA LYS E 231 -9.82 16.72 12.03
C LYS E 231 -11.03 16.64 11.11
N PHE E 232 -11.46 17.78 10.57
CA PHE E 232 -12.66 17.86 9.73
C PHE E 232 -12.32 17.93 8.25
N GLY E 233 -11.15 17.45 7.85
CA GLY E 233 -10.76 17.48 6.46
C GLY E 233 -9.75 18.58 6.18
N ARG E 234 -8.94 18.38 5.15
CA ARG E 234 -7.94 19.36 4.80
C ARG E 234 -8.56 20.51 4.03
N GLY E 235 -7.96 21.70 4.16
CA GLY E 235 -8.31 22.83 3.34
C GLY E 235 -7.73 22.70 1.94
N THR E 236 -8.01 23.71 1.11
CA THR E 236 -7.69 23.61 -0.30
C THR E 236 -6.65 24.61 -0.78
N ASP E 237 -6.86 25.92 -0.65
CA ASP E 237 -5.93 26.81 -1.35
C ASP E 237 -4.87 27.47 -0.49
N THR E 238 -5.28 28.39 0.37
CA THR E 238 -4.30 29.26 1.04
C THR E 238 -4.22 28.88 2.51
N ILE E 239 -3.03 29.04 3.07
CA ILE E 239 -2.83 28.90 4.51
C ILE E 239 -2.42 30.28 5.02
N TRP E 240 -3.36 30.99 5.65
CA TRP E 240 -3.07 32.37 6.03
C TRP E 240 -2.30 32.51 7.34
N LEU E 241 -2.46 31.58 8.28
CA LEU E 241 -1.90 31.79 9.60
C LEU E 241 -1.13 30.56 10.06
N ASP E 242 -0.05 30.83 10.80
CA ASP E 242 0.74 29.81 11.47
C ASP E 242 1.17 30.36 12.81
N ASP E 243 1.35 29.47 13.77
CA ASP E 243 1.86 29.84 15.10
C ASP E 243 0.94 30.85 15.77
N VAL E 244 -0.36 30.61 15.69
CA VAL E 244 -1.35 31.52 16.25
C VAL E 244 -1.35 31.36 17.76
N ASN E 245 -1.13 32.47 18.47
CA ASN E 245 -0.98 32.50 19.93
C ASN E 245 -1.92 33.56 20.50
N CYS E 246 -3.16 33.15 20.79
CA CYS E 246 -4.13 34.02 21.43
C CYS E 246 -4.02 33.91 22.94
N THR E 247 -4.53 34.92 23.64
CA THR E 247 -4.73 34.81 25.07
C THR E 247 -6.12 34.27 25.41
N GLY E 248 -7.07 34.38 24.48
CA GLY E 248 -8.43 33.92 24.68
C GLY E 248 -9.46 35.04 24.68
N SER E 249 -9.08 36.22 25.16
CA SER E 249 -10.00 37.34 25.29
C SER E 249 -10.02 38.24 24.06
N GLU E 250 -9.28 37.92 23.01
CA GLU E 250 -9.25 38.76 21.82
C GLU E 250 -10.61 38.77 21.13
N ALA E 251 -10.84 39.84 20.35
CA ALA E 251 -12.11 40.03 19.66
C ALA E 251 -12.18 39.26 18.34
N SER E 252 -11.07 39.19 17.60
CA SER E 252 -11.02 38.40 16.37
C SER E 252 -9.67 37.70 16.33
N LEU E 253 -9.53 36.80 15.35
CA LEU E 253 -8.33 36.00 15.25
C LEU E 253 -7.17 36.77 14.63
N SER E 254 -7.44 37.92 14.01
CA SER E 254 -6.38 38.78 13.48
C SER E 254 -5.75 39.67 14.54
N GLU E 255 -6.28 39.65 15.77
CA GLU E 255 -5.70 40.40 16.88
C GLU E 255 -4.72 39.57 17.70
N CYS E 256 -4.51 38.31 17.32
CA CYS E 256 -3.64 37.41 18.06
C CYS E 256 -2.24 37.42 17.49
N GLN E 257 -1.30 36.95 18.30
CA GLN E 257 0.09 36.90 17.87
C GLN E 257 0.26 35.75 16.89
N ALA E 258 0.86 36.05 15.74
CA ALA E 258 1.02 35.05 14.69
C ALA E 258 2.10 35.50 13.74
N ARG E 259 2.58 34.56 12.92
CA ARG E 259 3.49 34.91 11.85
C ARG E 259 2.76 35.81 10.85
N PRO E 260 3.50 36.58 10.06
CA PRO E 260 2.85 37.43 9.06
C PRO E 260 1.96 36.60 8.14
N TRP E 261 0.99 37.28 7.55
CA TRP E 261 -0.02 36.61 6.75
C TRP E 261 0.63 35.85 5.61
N GLY E 262 0.38 34.54 5.57
CA GLY E 262 0.91 33.70 4.53
C GLY E 262 2.21 33.01 4.85
N ASP E 263 2.96 33.50 5.84
CA ASP E 263 4.17 32.81 6.26
C ASP E 263 3.81 31.61 7.13
N HIS E 264 4.35 30.44 6.77
CA HIS E 264 4.07 29.22 7.51
C HIS E 264 5.10 28.17 7.09
N ASN E 265 5.16 27.10 7.88
CA ASN E 265 5.94 25.92 7.51
C ASN E 265 5.04 24.70 7.48
N CYS E 266 3.86 24.83 6.85
CA CYS E 266 2.79 23.87 7.02
C CYS E 266 2.23 23.43 5.68
N TYR E 267 1.38 22.41 5.73
CA TYR E 267 0.56 22.00 4.60
C TYR E 267 -0.82 21.69 5.15
N HIS E 268 -1.78 21.46 4.26
CA HIS E 268 -3.18 21.35 4.68
C HIS E 268 -3.49 20.11 5.50
N GLY E 269 -2.59 19.13 5.54
CA GLY E 269 -2.77 18.03 6.49
C GLY E 269 -2.69 18.47 7.94
N GLU E 270 -2.29 19.71 8.17
CA GLU E 270 -2.07 20.28 9.48
C GLU E 270 -3.07 21.39 9.81
N ASP E 271 -4.24 21.39 9.18
CA ASP E 271 -5.19 22.48 9.39
C ASP E 271 -5.86 22.36 10.76
N ALA E 272 -5.96 23.48 11.45
CA ALA E 272 -6.56 23.54 12.77
C ALA E 272 -8.08 23.60 12.66
N SER E 273 -8.74 23.21 13.74
CA SER E 273 -10.19 23.15 13.80
C SER E 273 -10.65 23.70 15.15
N ALA E 274 -11.96 23.79 15.33
CA ALA E 274 -12.51 24.26 16.59
C ALA E 274 -13.92 23.72 16.72
N ILE E 275 -14.31 23.38 17.96
CA ILE E 275 -15.64 22.90 18.26
C ILE E 275 -16.21 23.76 19.38
N CYS E 276 -17.50 24.10 19.27
CA CYS E 276 -18.17 25.04 20.17
C CYS E 276 -19.45 24.38 20.67
N SER E 277 -20.36 25.15 21.28
CA SER E 277 -21.64 24.58 21.71
C SER E 277 -22.49 24.23 20.50
N ASP E 278 -22.72 22.94 20.29
CA ASP E 278 -23.44 22.49 19.09
C ASP E 278 -23.68 20.98 19.04
N THR F 64 51.33 64.74 6.47
CA THR F 64 51.97 64.01 5.38
C THR F 64 52.74 62.83 5.95
N ALA F 65 52.34 61.63 5.50
CA ALA F 65 52.62 60.40 6.26
C ALA F 65 54.10 60.07 6.32
N GLU F 66 54.80 60.15 5.17
CA GLU F 66 56.13 59.59 4.89
C GLU F 66 56.00 58.23 4.23
N VAL F 67 56.75 58.02 3.14
CA VAL F 67 56.72 56.76 2.40
C VAL F 67 58.15 56.32 2.14
N ARG F 68 58.31 55.02 1.89
CA ARG F 68 59.59 54.44 1.52
C ARG F 68 59.32 53.21 0.67
N LEU F 69 60.34 52.74 -0.02
CA LEU F 69 60.27 51.52 -0.81
C LEU F 69 61.23 50.50 -0.25
N VAL F 70 60.76 49.27 -0.07
CA VAL F 70 61.50 48.25 0.64
C VAL F 70 61.59 47.01 -0.25
N ASP F 71 62.68 46.25 -0.08
CA ASP F 71 62.86 44.94 -0.70
C ASP F 71 62.87 45.03 -2.23
N GLY F 72 63.34 46.14 -2.77
CA GLY F 72 63.53 46.28 -4.19
C GLY F 72 65.00 46.27 -4.57
N PRO F 73 65.29 46.23 -5.87
CA PRO F 73 66.69 46.29 -6.31
C PRO F 73 67.38 47.58 -5.89
N ASN F 74 66.62 48.64 -5.72
CA ASN F 74 67.12 49.96 -5.40
C ASN F 74 66.05 50.65 -4.57
N ARG F 75 66.12 51.97 -4.44
CA ARG F 75 65.12 52.68 -3.66
C ARG F 75 64.14 53.48 -4.50
N CYS F 76 64.07 53.21 -5.81
CA CYS F 76 62.99 53.72 -6.65
C CYS F 76 62.06 52.60 -7.11
N SER F 77 62.16 51.41 -6.53
CA SER F 77 61.22 50.33 -6.76
C SER F 77 61.18 49.45 -5.51
N GLY F 78 59.99 48.98 -5.16
CA GLY F 78 59.84 48.11 -4.02
C GLY F 78 58.44 48.18 -3.46
N ARG F 79 58.26 47.48 -2.33
CA ARG F 79 56.98 47.48 -1.64
C ARG F 79 56.71 48.84 -1.00
N VAL F 80 55.54 49.40 -1.27
CA VAL F 80 55.17 50.68 -0.68
C VAL F 80 54.94 50.49 0.81
N GLU F 81 55.57 51.34 1.62
CA GLU F 81 55.32 51.36 3.05
C GLU F 81 55.20 52.81 3.53
N VAL F 82 54.21 53.06 4.36
CA VAL F 82 53.93 54.39 4.88
C VAL F 82 54.13 54.39 6.40
N LEU F 83 54.39 55.59 6.91
CA LEU F 83 54.65 55.79 8.34
C LEU F 83 53.47 56.53 8.96
N HIS F 84 53.01 56.04 10.11
CA HIS F 84 51.85 56.61 10.80
C HIS F 84 51.82 56.05 12.21
N ASN F 85 51.66 56.94 13.20
CA ASN F 85 51.67 56.56 14.62
C ASN F 85 52.92 55.77 14.97
N ASP F 86 54.07 56.26 14.51
CA ASP F 86 55.40 55.75 14.83
C ASP F 86 55.65 54.35 14.28
N VAL F 87 54.71 53.78 13.53
CA VAL F 87 54.78 52.40 13.07
C VAL F 87 54.77 52.39 11.55
N TRP F 88 55.70 51.65 10.96
CA TRP F 88 55.69 51.45 9.52
C TRP F 88 54.73 50.33 9.13
N GLY F 89 53.96 50.56 8.07
CA GLY F 89 53.01 49.59 7.59
C GLY F 89 52.94 49.57 6.08
N THR F 90 52.29 48.54 5.54
CA THR F 90 52.16 48.34 4.11
C THR F 90 50.84 48.91 3.61
N VAL F 91 50.63 48.84 2.30
CA VAL F 91 49.45 49.38 1.64
C VAL F 91 48.77 48.28 0.82
N CYS F 92 47.49 48.07 1.05
CA CYS F 92 46.72 47.11 0.26
C CYS F 92 46.55 47.61 -1.17
N ASP F 93 46.33 46.66 -2.09
CA ASP F 93 46.31 46.96 -3.52
C ASP F 93 44.89 47.11 -4.07
N GLU F 94 43.88 47.18 -3.22
CA GLU F 94 42.53 47.51 -3.67
C GLU F 94 42.47 48.92 -4.22
N GLY F 95 42.05 49.05 -5.48
CA GLY F 95 42.02 50.33 -6.13
C GLY F 95 43.37 50.97 -6.34
N TRP F 96 44.45 50.20 -6.17
CA TRP F 96 45.80 50.70 -6.36
C TRP F 96 46.16 50.67 -7.84
N ASP F 97 46.60 51.81 -8.37
CA ASP F 97 46.91 51.93 -9.78
C ASP F 97 47.90 53.07 -9.96
N LEU F 98 48.13 53.47 -11.21
CA LEU F 98 49.16 54.46 -11.51
C LEU F 98 48.85 55.83 -10.94
N ARG F 99 47.62 56.08 -10.50
CA ARG F 99 47.32 57.36 -9.86
C ARG F 99 47.98 57.45 -8.49
N GLU F 100 47.95 56.36 -7.72
CA GLU F 100 48.71 56.32 -6.48
C GLU F 100 50.21 56.17 -6.75
N ALA F 101 50.57 55.54 -7.86
CA ALA F 101 51.98 55.28 -8.15
C ALA F 101 52.75 56.58 -8.39
N ARG F 102 52.21 57.47 -9.22
CA ARG F 102 52.88 58.72 -9.52
C ARG F 102 52.97 59.64 -8.31
N VAL F 103 52.09 59.45 -7.32
CA VAL F 103 52.20 60.21 -6.08
C VAL F 103 53.40 59.75 -5.27
N VAL F 104 53.61 58.43 -5.18
CA VAL F 104 54.71 57.91 -4.36
C VAL F 104 56.05 58.19 -5.03
N CYS F 105 56.14 58.02 -6.35
CA CYS F 105 57.39 58.31 -7.04
C CYS F 105 57.78 59.77 -6.90
N ARG F 106 56.79 60.67 -6.93
CA ARG F 106 57.08 62.09 -6.80
C ARG F 106 57.57 62.44 -5.39
N GLN F 107 56.97 61.84 -4.34
CA GLN F 107 57.41 62.14 -2.99
C GLN F 107 58.89 61.84 -2.83
N LEU F 108 59.28 60.65 -3.27
CA LEU F 108 60.62 60.11 -3.06
C LEU F 108 61.65 60.77 -3.97
N GLY F 109 61.22 61.56 -4.95
CA GLY F 109 62.14 62.08 -5.94
C GLY F 109 62.62 61.04 -6.93
N CYS F 110 61.81 60.02 -7.20
CA CYS F 110 62.18 58.94 -8.10
C CYS F 110 61.54 59.01 -9.48
N GLY F 111 60.79 60.06 -9.80
CA GLY F 111 60.39 60.22 -11.19
C GLY F 111 58.93 60.05 -11.56
N THR F 112 58.61 59.10 -12.45
CA THR F 112 57.38 59.17 -13.23
C THR F 112 56.58 57.86 -13.27
N ALA F 113 56.87 56.91 -12.38
CA ALA F 113 55.92 55.84 -12.02
C ALA F 113 55.61 54.94 -13.22
N LEU F 114 56.61 54.14 -13.56
CA LEU F 114 56.53 53.16 -14.62
C LEU F 114 55.36 52.19 -14.45
N SER F 115 55.16 51.65 -13.25
CA SER F 115 54.08 50.67 -13.06
C SER F 115 53.65 50.62 -11.60
N SER F 116 52.50 49.97 -11.38
CA SER F 116 51.90 49.83 -10.04
C SER F 116 51.60 48.35 -9.78
N PRO F 117 52.63 47.56 -9.48
CA PRO F 117 52.43 46.10 -9.36
C PRO F 117 51.60 45.75 -8.14
N LYS F 118 50.59 44.91 -8.35
CA LYS F 118 49.76 44.38 -7.27
C LYS F 118 50.33 43.07 -6.75
N LYS F 119 49.73 42.61 -5.65
CA LYS F 119 49.91 41.25 -5.14
C LYS F 119 51.36 40.95 -4.77
N SER F 120 51.96 41.87 -3.99
CA SER F 120 53.27 41.68 -3.37
C SER F 120 54.32 41.18 -4.37
N LYS F 121 54.53 41.98 -5.42
CA LYS F 121 55.56 41.66 -6.39
C LYS F 121 56.93 41.56 -5.73
N TYR F 122 57.22 42.46 -4.80
CA TYR F 122 58.52 42.51 -4.13
C TYR F 122 58.46 41.92 -2.74
N GLY F 123 57.68 40.86 -2.57
CA GLY F 123 57.54 40.21 -1.29
C GLY F 123 56.50 40.87 -0.41
N GLU F 124 56.18 40.18 0.68
CA GLU F 124 55.14 40.61 1.59
C GLU F 124 55.77 41.35 2.75
N GLY F 125 55.11 42.42 3.20
CA GLY F 125 55.46 43.04 4.46
C GLY F 125 54.97 42.20 5.62
N LYS F 126 55.32 42.64 6.83
CA LYS F 126 54.83 42.01 8.04
C LYS F 126 54.29 43.09 8.97
N GLY F 127 53.27 42.74 9.74
CA GLY F 127 52.70 43.67 10.70
C GLY F 127 51.51 44.47 10.19
N GLN F 128 51.53 45.77 10.46
CA GLN F 128 50.35 46.60 10.23
C GLN F 128 50.17 46.86 8.73
N ILE F 129 48.90 46.89 8.31
CA ILE F 129 48.52 47.31 6.97
C ILE F 129 47.75 48.61 7.15
N TRP F 130 48.39 49.75 6.85
CA TRP F 130 47.75 51.03 7.16
C TRP F 130 46.61 51.35 6.22
N LEU F 131 46.87 51.42 4.92
CA LEU F 131 45.92 51.98 3.98
C LEU F 131 45.31 50.91 3.09
N SER F 132 44.11 51.20 2.59
CA SER F 132 43.41 50.33 1.65
C SER F 132 42.36 51.14 0.92
N ASP F 133 42.02 50.69 -0.30
CA ASP F 133 41.08 51.39 -1.17
C ASP F 133 41.49 52.84 -1.41
N LEU F 134 42.76 53.03 -1.76
CA LEU F 134 43.24 54.35 -2.15
C LEU F 134 42.56 54.83 -3.44
N ASP F 135 42.20 56.10 -3.45
CA ASP F 135 41.50 56.75 -4.56
C ASP F 135 42.17 58.08 -4.90
N CYS F 136 43.48 58.06 -5.06
CA CYS F 136 44.22 59.27 -5.41
C CYS F 136 43.81 59.76 -6.79
N LYS F 137 43.70 61.07 -6.94
CA LYS F 137 43.53 61.66 -8.26
C LYS F 137 44.82 61.67 -9.06
N GLY F 138 45.97 61.45 -8.42
CA GLY F 138 47.26 61.41 -9.06
C GLY F 138 48.16 62.58 -8.76
N THR F 139 47.61 63.68 -8.23
CA THR F 139 48.38 64.89 -7.99
C THR F 139 48.53 65.22 -6.50
N GLU F 140 48.09 64.33 -5.61
CA GLU F 140 48.16 64.59 -4.19
C GLU F 140 49.62 64.70 -3.73
N GLY F 141 49.87 65.62 -2.80
CA GLY F 141 51.24 65.85 -2.36
C GLY F 141 51.87 64.63 -1.72
N SER F 142 51.15 64.02 -0.78
CA SER F 142 51.62 62.80 -0.12
C SER F 142 50.55 61.73 -0.28
N LEU F 143 50.71 60.58 0.39
CA LEU F 143 49.77 59.49 0.18
C LEU F 143 48.58 59.54 1.12
N SER F 144 48.68 60.24 2.26
CA SER F 144 47.55 60.39 3.15
C SER F 144 46.55 61.46 2.68
N ASN F 145 46.98 62.34 1.77
CA ASN F 145 46.10 63.38 1.25
C ASN F 145 45.09 62.83 0.25
N CYS F 146 45.04 61.52 0.08
CA CYS F 146 44.08 60.85 -0.81
C CYS F 146 42.90 60.33 0.00
N LYS F 147 41.80 60.07 -0.71
CA LYS F 147 40.65 59.42 -0.09
C LYS F 147 40.87 57.92 -0.05
N SER F 148 40.63 57.31 1.10
CA SER F 148 40.84 55.88 1.28
C SER F 148 40.00 55.42 2.46
N LYS F 149 40.15 54.15 2.81
CA LYS F 149 39.55 53.68 4.04
C LYS F 149 40.35 54.21 5.23
N PRO F 150 39.72 54.39 6.38
CA PRO F 150 40.44 54.93 7.54
C PRO F 150 41.70 54.15 7.89
N TRP F 151 42.62 54.78 8.60
CA TRP F 151 43.88 54.13 8.95
C TRP F 151 43.61 52.84 9.69
N GLY F 152 44.25 51.76 9.25
CA GLY F 152 44.13 50.50 9.95
C GLY F 152 42.96 49.64 9.52
N GLU F 153 41.81 50.25 9.21
CA GLU F 153 40.62 49.47 8.88
C GLU F 153 40.79 48.86 7.50
N ASN F 154 40.91 47.53 7.43
CA ASN F 154 41.04 46.87 6.16
C ASN F 154 40.62 45.41 6.35
N ILE F 155 40.25 44.78 5.24
CA ILE F 155 39.98 43.35 5.24
C ILE F 155 41.02 42.62 4.38
N CYS F 156 42.15 43.26 4.12
CA CYS F 156 43.16 42.75 3.21
C CYS F 156 44.09 41.77 3.92
N ASN F 157 45.01 41.20 3.13
CA ASN F 157 46.08 40.32 3.60
C ASN F 157 47.37 40.75 2.91
N HIS F 158 48.51 40.49 3.58
CA HIS F 158 49.82 40.92 3.10
C HIS F 158 50.21 40.38 1.74
N VAL F 159 49.52 39.37 1.21
CA VAL F 159 49.77 38.97 -0.17
C VAL F 159 49.40 40.08 -1.12
N GLU F 160 48.53 40.99 -0.68
CA GLU F 160 47.96 42.06 -1.49
C GLU F 160 48.66 43.39 -1.26
N ASP F 161 49.93 43.35 -0.82
CA ASP F 161 50.68 44.59 -0.60
C ASP F 161 51.11 45.19 -1.91
N ALA F 162 50.78 46.46 -2.10
CA ALA F 162 51.03 47.14 -3.35
C ALA F 162 52.47 47.63 -3.43
N SER F 163 52.99 47.66 -4.66
CA SER F 163 54.36 48.12 -4.89
C SER F 163 54.35 49.24 -5.93
N VAL F 164 55.53 49.68 -6.36
CA VAL F 164 55.63 50.71 -7.38
C VAL F 164 57.00 50.57 -8.03
N GLU F 165 57.10 51.02 -9.27
CA GLU F 165 58.37 51.08 -9.98
C GLU F 165 58.51 52.47 -10.59
N CYS F 166 59.60 53.16 -10.27
CA CYS F 166 59.82 54.52 -10.71
C CYS F 166 60.99 54.54 -11.68
N SER F 167 61.13 55.66 -12.40
CA SER F 167 62.14 55.76 -13.44
C SER F 167 63.51 56.18 -12.94
N GLY F 168 63.58 56.92 -11.83
CA GLY F 168 64.83 57.46 -11.33
C GLY F 168 65.22 58.73 -12.05
N THR F 169 65.77 58.60 -13.27
CA THR F 169 65.95 59.78 -14.12
C THR F 169 65.46 59.60 -15.55
N GLU F 170 65.66 58.43 -16.16
CA GLU F 170 65.40 58.27 -17.59
C GLU F 170 63.90 58.14 -17.86
N ILE F 171 63.42 58.78 -18.92
CA ILE F 171 62.00 59.05 -19.09
C ILE F 171 61.37 58.32 -20.27
N PRO F 172 61.08 57.01 -20.19
CA PRO F 172 60.04 56.45 -21.07
C PRO F 172 58.63 56.37 -20.48
N GLU F 173 57.67 57.29 -20.75
CA GLU F 173 56.27 56.83 -20.79
C GLU F 173 55.73 56.55 -22.19
N PRO F 174 56.08 57.32 -23.24
CA PRO F 174 55.15 57.53 -24.35
C PRO F 174 54.93 56.28 -25.20
N GLY F 175 53.68 55.97 -25.49
CA GLY F 175 52.52 56.60 -24.87
C GLY F 175 51.70 55.57 -24.11
N PRO F 176 50.53 55.22 -24.65
CA PRO F 176 49.71 54.14 -24.08
C PRO F 176 50.12 52.74 -24.49
N LEU F 177 51.29 52.56 -25.11
CA LEU F 177 51.76 51.25 -25.57
C LEU F 177 53.24 51.11 -25.28
N ARG F 178 53.65 49.92 -24.84
CA ARG F 178 55.05 49.66 -24.58
C ARG F 178 55.34 48.17 -24.72
N LEU F 179 56.59 47.85 -25.01
CA LEU F 179 57.07 46.46 -25.08
C LEU F 179 58.04 46.21 -23.94
N VAL F 180 57.80 45.14 -23.18
CA VAL F 180 58.52 44.83 -21.96
C VAL F 180 59.10 43.42 -22.09
N GLY F 181 60.27 43.22 -21.51
CA GLY F 181 60.87 41.91 -21.44
C GLY F 181 61.67 41.49 -22.66
N GLY F 182 61.95 42.42 -23.57
CA GLY F 182 62.77 42.11 -24.72
C GLY F 182 64.15 42.69 -24.60
N PRO F 183 64.99 42.46 -25.60
CA PRO F 183 66.34 43.04 -25.58
C PRO F 183 66.35 44.55 -25.65
N ASN F 184 65.35 45.15 -26.30
CA ASN F 184 65.32 46.59 -26.49
C ASN F 184 63.86 47.02 -26.58
N ARG F 185 63.63 48.24 -27.06
CA ARG F 185 62.27 48.78 -27.09
C ARG F 185 61.37 48.03 -28.07
N CYS F 186 61.92 47.62 -29.22
CA CYS F 186 61.13 47.09 -30.31
C CYS F 186 60.92 45.58 -30.26
N ALA F 187 61.00 44.98 -29.08
CA ALA F 187 60.78 43.54 -28.91
C ALA F 187 60.35 43.28 -27.47
N GLY F 188 59.37 42.38 -27.24
CA GLY F 188 58.89 42.06 -25.89
C GLY F 188 57.41 41.76 -25.93
N ARG F 189 56.75 41.40 -24.82
CA ARG F 189 55.29 41.35 -24.95
C ARG F 189 54.70 42.75 -24.95
N VAL F 190 53.48 42.76 -25.41
CA VAL F 190 52.74 43.98 -25.61
C VAL F 190 52.03 44.32 -24.30
N GLU F 191 52.13 45.57 -23.91
CA GLU F 191 51.37 46.10 -22.79
C GLU F 191 50.70 47.41 -23.18
N VAL F 192 49.44 47.57 -22.76
CA VAL F 192 48.66 48.75 -23.07
C VAL F 192 48.30 49.48 -21.77
N LEU F 193 48.12 50.78 -21.88
CA LEU F 193 47.75 51.64 -20.76
C LEU F 193 46.27 52.00 -20.84
N HIS F 194 45.50 51.55 -19.84
CA HIS F 194 44.07 51.82 -19.82
C HIS F 194 43.61 51.96 -18.37
N GLU F 195 42.84 53.01 -18.10
CA GLU F 195 42.36 53.33 -16.75
C GLU F 195 43.48 53.25 -15.72
N GLU F 196 44.61 53.86 -16.06
CA GLU F 196 45.73 54.05 -15.13
C GLU F 196 46.31 52.72 -14.66
N GLN F 197 46.18 51.69 -15.49
CA GLN F 197 46.80 50.39 -15.24
C GLN F 197 47.39 49.83 -16.52
N TRP F 198 48.63 49.36 -16.44
CA TRP F 198 49.23 48.62 -17.55
C TRP F 198 48.70 47.19 -17.55
N GLY F 199 48.46 46.67 -18.75
CA GLY F 199 47.92 45.33 -18.88
C GLY F 199 48.36 44.69 -20.17
N SER F 200 48.43 43.36 -20.15
CA SER F 200 48.88 42.60 -21.31
C SER F 200 47.75 42.40 -22.31
N VAL F 201 48.10 41.81 -23.45
CA VAL F 201 47.15 41.51 -24.51
C VAL F 201 47.18 40.00 -24.75
N CYS F 202 46.00 39.38 -24.74
CA CYS F 202 45.93 37.95 -24.97
C CYS F 202 46.22 37.63 -26.44
N HIS F 203 46.86 36.49 -26.67
CA HIS F 203 47.26 36.14 -28.03
C HIS F 203 46.14 35.50 -28.84
N ASP F 204 44.93 35.41 -28.31
CA ASP F 204 43.84 34.90 -29.14
C ASP F 204 43.63 35.84 -30.33
N GLU F 205 43.55 35.27 -31.52
CA GLU F 205 43.37 36.01 -32.77
C GLU F 205 44.59 36.87 -33.14
N TRP F 206 45.73 36.65 -32.49
CA TRP F 206 46.89 37.54 -32.62
C TRP F 206 47.75 37.08 -33.81
N ASP F 207 47.83 37.92 -34.83
CA ASP F 207 48.54 37.61 -36.06
C ASP F 207 49.57 38.71 -36.35
N ILE F 208 50.13 38.65 -37.57
CA ILE F 208 51.15 39.61 -37.96
C ILE F 208 50.56 41.01 -38.19
N ASN F 209 49.27 41.11 -38.54
CA ASN F 209 48.65 42.43 -38.68
C ASN F 209 48.56 43.14 -37.34
N ASP F 210 48.23 42.41 -36.27
CA ASP F 210 48.10 43.01 -34.96
C ASP F 210 49.46 43.54 -34.47
N ALA F 211 50.51 42.73 -34.63
CA ALA F 211 51.85 43.18 -34.26
C ALA F 211 52.32 44.31 -35.15
N GLN F 212 51.79 44.40 -36.37
CA GLN F 212 52.14 45.49 -37.27
C GLN F 212 51.66 46.83 -36.73
N VAL F 213 50.41 46.86 -36.23
CA VAL F 213 49.87 48.09 -35.65
C VAL F 213 50.70 48.51 -34.44
N VAL F 214 51.16 47.55 -33.65
CA VAL F 214 52.04 47.85 -32.53
C VAL F 214 53.38 48.39 -33.02
N CYS F 215 53.95 47.78 -34.07
CA CYS F 215 55.26 48.22 -34.56
C CYS F 215 55.20 49.64 -35.11
N LYS F 216 54.19 49.96 -35.89
CA LYS F 216 54.13 51.29 -36.49
C LYS F 216 53.75 52.36 -35.47
N GLN F 217 53.00 51.99 -34.43
CA GLN F 217 52.67 52.95 -33.38
C GLN F 217 53.91 53.34 -32.58
N LEU F 218 54.84 52.40 -32.42
CA LEU F 218 56.09 52.66 -31.71
C LEU F 218 57.19 53.19 -32.61
N GLY F 219 56.93 53.32 -33.92
CA GLY F 219 57.95 53.77 -34.84
C GLY F 219 59.08 52.79 -35.06
N CYS F 220 58.84 51.50 -34.81
CA CYS F 220 59.86 50.47 -34.93
C CYS F 220 59.89 49.83 -36.32
N GLY F 221 59.36 50.51 -37.33
CA GLY F 221 59.36 49.95 -38.67
C GLY F 221 58.24 48.95 -38.89
N ASP F 222 58.53 47.89 -39.64
CA ASP F 222 57.55 46.85 -39.92
C ASP F 222 57.64 45.71 -38.92
N ALA F 223 56.57 44.93 -38.85
CA ALA F 223 56.53 43.77 -37.98
C ALA F 223 57.28 42.60 -38.59
N VAL F 224 57.93 41.81 -37.73
CA VAL F 224 58.70 40.66 -38.17
C VAL F 224 58.08 39.36 -37.69
N LEU F 225 57.66 39.29 -36.43
CA LEU F 225 56.91 38.14 -35.91
C LEU F 225 55.78 38.65 -35.01
N ALA F 226 54.97 37.71 -34.53
CA ALA F 226 53.95 37.99 -33.52
C ALA F 226 53.88 36.81 -32.56
N PRO F 227 54.91 36.63 -31.73
CA PRO F 227 54.99 35.42 -30.90
C PRO F 227 53.86 35.33 -29.89
N ILE F 228 53.49 34.09 -29.57
CA ILE F 228 52.40 33.81 -28.64
C ILE F 228 52.93 33.03 -27.44
N ALA F 229 52.04 32.67 -26.52
CA ALA F 229 52.37 31.85 -25.35
C ALA F 229 53.39 32.53 -24.44
N ALA F 230 53.30 33.85 -24.34
CA ALA F 230 54.18 34.65 -23.50
C ALA F 230 55.64 34.36 -23.82
N LYS F 231 56.02 34.67 -25.06
CA LYS F 231 57.35 34.32 -25.52
C LYS F 231 58.42 35.06 -24.72
N PHE F 232 58.19 36.32 -24.37
CA PHE F 232 59.18 37.03 -23.57
C PHE F 232 58.81 37.07 -22.10
N GLY F 233 57.99 36.14 -21.64
CA GLY F 233 57.63 36.07 -20.24
C GLY F 233 56.21 36.55 -19.99
N ARG F 234 55.62 36.05 -18.91
CA ARG F 234 54.23 36.34 -18.61
C ARG F 234 54.07 37.72 -18.00
N GLY F 235 52.84 38.22 -18.05
CA GLY F 235 52.45 39.43 -17.36
C GLY F 235 52.17 39.18 -15.90
N THR F 236 51.76 40.25 -15.22
CA THR F 236 51.54 40.08 -13.79
C THR F 236 50.15 40.48 -13.32
N ASP F 237 49.58 41.59 -13.77
CA ASP F 237 48.27 41.88 -13.16
C ASP F 237 47.06 41.83 -14.07
N THR F 238 46.99 42.74 -15.05
CA THR F 238 45.75 42.96 -15.77
C THR F 238 45.90 42.45 -17.20
N ILE F 239 44.86 41.79 -17.68
CA ILE F 239 44.76 41.41 -19.09
C ILE F 239 43.68 42.30 -19.69
N TRP F 240 44.08 43.34 -20.42
CA TRP F 240 43.10 44.28 -20.95
C TRP F 240 42.38 43.75 -22.18
N LEU F 241 43.12 43.40 -23.22
CA LEU F 241 42.52 43.11 -24.52
C LEU F 241 42.55 41.62 -24.84
N ASP F 242 41.52 41.20 -25.58
CA ASP F 242 41.39 39.85 -26.08
C ASP F 242 40.73 39.92 -27.46
N ASP F 243 41.03 38.94 -28.30
CA ASP F 243 40.39 38.83 -29.62
C ASP F 243 40.67 40.06 -30.47
N VAL F 244 41.94 40.46 -30.51
CA VAL F 244 42.33 41.65 -31.24
C VAL F 244 42.24 41.35 -32.74
N ASN F 245 41.41 42.12 -33.44
CA ASN F 245 40.97 41.95 -34.83
C ASN F 245 41.34 43.24 -35.55
N CYS F 246 42.61 43.36 -35.95
CA CYS F 246 43.06 44.55 -36.65
C CYS F 246 43.04 44.30 -38.15
N THR F 247 42.78 45.36 -38.91
CA THR F 247 42.98 45.30 -40.35
C THR F 247 44.45 45.38 -40.71
N GLY F 248 45.28 45.93 -39.83
CA GLY F 248 46.70 46.10 -40.05
C GLY F 248 47.12 47.53 -40.32
N SER F 249 46.18 48.39 -40.74
CA SER F 249 46.50 49.77 -41.07
C SER F 249 45.89 50.76 -40.07
N GLU F 250 45.49 50.29 -38.88
CA GLU F 250 45.02 51.19 -37.85
C GLU F 250 46.17 52.06 -37.33
N ALA F 251 45.80 53.20 -36.75
CA ALA F 251 46.80 54.09 -36.16
C ALA F 251 47.35 53.51 -34.85
N SER F 252 46.47 53.31 -33.87
CA SER F 252 46.85 52.74 -32.58
C SER F 252 46.14 51.42 -32.38
N LEU F 253 46.51 50.72 -31.31
CA LEU F 253 45.90 49.44 -31.02
C LEU F 253 44.50 49.57 -30.43
N SER F 254 44.23 50.68 -29.74
CA SER F 254 42.89 50.91 -29.22
C SER F 254 41.88 51.29 -30.30
N GLU F 255 42.33 51.54 -31.52
CA GLU F 255 41.41 51.73 -32.65
C GLU F 255 41.01 50.42 -33.30
N CYS F 256 41.58 49.30 -32.88
CA CYS F 256 41.26 48.02 -33.49
C CYS F 256 39.96 47.45 -32.94
N GLN F 257 39.31 46.65 -33.77
CA GLN F 257 38.15 45.88 -33.35
C GLN F 257 38.58 44.74 -32.43
N ALA F 258 38.06 44.74 -31.20
CA ALA F 258 38.40 43.71 -30.23
C ALA F 258 37.28 43.64 -29.20
N ARG F 259 37.47 42.81 -28.18
CA ARG F 259 36.46 42.67 -27.13
C ARG F 259 36.42 43.94 -26.28
N PRO F 260 35.41 44.09 -25.42
CA PRO F 260 35.41 45.19 -24.47
C PRO F 260 36.63 45.13 -23.56
N TRP F 261 37.07 46.31 -23.12
CA TRP F 261 38.23 46.39 -22.23
C TRP F 261 38.01 45.58 -20.96
N GLY F 262 38.97 44.71 -20.65
CA GLY F 262 38.93 43.88 -19.49
C GLY F 262 38.39 42.48 -19.72
N ASP F 263 37.48 42.33 -20.68
CA ASP F 263 36.86 41.03 -20.94
C ASP F 263 37.83 40.12 -21.69
N HIS F 264 37.97 38.89 -21.21
CA HIS F 264 38.87 37.92 -21.83
C HIS F 264 38.55 36.54 -21.26
N ASN F 265 39.09 35.52 -21.92
CA ASN F 265 39.06 34.14 -21.43
C ASN F 265 40.47 33.58 -21.38
N CYS F 266 41.39 34.37 -20.85
CA CYS F 266 42.82 34.10 -20.94
C CYS F 266 43.47 34.18 -19.57
N TYR F 267 44.70 33.67 -19.51
CA TYR F 267 45.57 33.83 -18.36
C TYR F 267 46.91 34.37 -18.88
N HIS F 268 47.84 34.66 -17.99
CA HIS F 268 49.07 35.30 -18.43
C HIS F 268 50.05 34.36 -19.12
N GLY F 269 49.77 33.06 -19.16
CA GLY F 269 50.55 32.22 -20.05
C GLY F 269 50.30 32.45 -21.52
N GLU F 270 49.35 33.33 -21.83
CA GLU F 270 48.90 33.58 -23.21
C GLU F 270 49.15 35.01 -23.66
N ASP F 271 50.09 35.72 -23.05
CA ASP F 271 50.31 37.12 -23.42
C ASP F 271 51.00 37.20 -24.78
N ALA F 272 50.45 38.03 -25.66
CA ALA F 272 51.00 38.23 -26.99
C ALA F 272 52.22 39.13 -26.95
N SER F 273 53.12 38.91 -27.89
CA SER F 273 54.35 39.69 -28.01
C SER F 273 54.37 40.38 -29.38
N ALA F 274 55.46 41.10 -29.65
CA ALA F 274 55.63 41.76 -30.93
C ALA F 274 57.11 41.98 -31.16
N ILE F 275 57.58 41.66 -32.36
CA ILE F 275 58.97 41.84 -32.76
C ILE F 275 59.01 42.72 -34.00
N CYS F 276 59.83 43.76 -33.97
CA CYS F 276 59.93 44.71 -35.06
C CYS F 276 61.39 44.73 -35.52
N SER F 277 61.71 45.64 -36.44
CA SER F 277 63.05 45.74 -37.01
C SER F 277 63.59 47.16 -36.83
N ASP F 278 64.32 47.38 -35.74
CA ASP F 278 64.56 46.37 -34.70
C ASP F 278 64.62 47.05 -33.33
N VAL G 2 -38.97 -0.83 11.40
CA VAL G 2 -39.40 0.54 11.62
C VAL G 2 -40.37 0.64 12.82
N LEU G 3 -40.88 -0.51 13.26
CA LEU G 3 -41.69 -0.63 14.49
C LEU G 3 -42.97 0.19 14.36
N SER G 4 -43.88 -0.32 13.56
CA SER G 4 -45.24 0.17 13.48
C SER G 4 -45.79 0.38 14.88
N ALA G 5 -46.78 1.26 15.01
CA ALA G 5 -47.34 1.60 16.31
C ALA G 5 -47.77 0.37 17.09
N ALA G 6 -48.30 -0.65 16.38
CA ALA G 6 -48.66 -1.89 17.04
C ALA G 6 -47.44 -2.57 17.63
N ASP G 7 -46.34 -2.63 16.85
CA ASP G 7 -45.10 -3.20 17.35
C ASP G 7 -44.60 -2.46 18.58
N LYS G 8 -44.74 -1.12 18.57
CA LYS G 8 -44.24 -0.33 19.69
C LYS G 8 -45.04 -0.59 20.97
N ASN G 9 -46.36 -0.76 20.84
CA ASN G 9 -47.17 -0.96 22.05
C ASN G 9 -46.99 -2.36 22.62
N ASN G 10 -46.77 -3.36 21.77
CA ASN G 10 -46.53 -4.72 22.27
C ASN G 10 -45.24 -4.79 23.07
N VAL G 11 -44.23 -3.99 22.70
CA VAL G 11 -42.94 -4.05 23.38
C VAL G 11 -43.01 -3.34 24.73
N LYS G 12 -43.55 -2.11 24.76
CA LYS G 12 -43.62 -1.39 26.02
C LYS G 12 -44.61 -2.02 27.00
N GLY G 13 -45.59 -2.79 26.50
CA GLY G 13 -46.49 -3.50 27.37
C GLY G 13 -45.90 -4.74 27.98
N ILE G 14 -45.00 -5.42 27.27
CA ILE G 14 -44.39 -6.62 27.83
C ILE G 14 -43.20 -6.27 28.72
N PHE G 15 -42.53 -5.13 28.49
CA PHE G 15 -41.44 -4.81 29.41
C PHE G 15 -41.92 -4.33 30.77
N THR G 16 -43.19 -3.93 30.91
CA THR G 16 -43.68 -3.65 32.25
C THR G 16 -43.72 -4.93 33.08
N LYS G 17 -43.92 -6.07 32.42
CA LYS G 17 -43.91 -7.37 33.10
C LYS G 17 -42.52 -7.83 33.51
N ILE G 18 -41.47 -7.17 33.04
CA ILE G 18 -40.10 -7.55 33.35
C ILE G 18 -39.32 -6.41 34.02
N ALA G 19 -40.01 -5.31 34.35
CA ALA G 19 -39.32 -4.12 34.84
C ALA G 19 -38.60 -4.40 36.15
N GLY G 20 -39.34 -4.90 37.15
CA GLY G 20 -38.73 -5.19 38.44
C GLY G 20 -37.77 -6.36 38.42
N HIS G 21 -37.92 -7.24 37.44
CA HIS G 21 -37.11 -8.46 37.35
C HIS G 21 -35.85 -8.22 36.52
N ALA G 22 -35.12 -7.15 36.83
CA ALA G 22 -33.99 -6.77 36.01
C ALA G 22 -32.82 -7.72 36.21
N GLU G 23 -32.38 -7.89 37.46
CA GLU G 23 -31.28 -8.81 37.73
C GLU G 23 -31.65 -10.26 37.45
N GLU G 24 -32.86 -10.67 37.82
CA GLU G 24 -33.24 -12.08 37.68
C GLU G 24 -33.21 -12.52 36.22
N TYR G 25 -33.82 -11.73 35.33
CA TYR G 25 -33.86 -12.13 33.93
C TYR G 25 -32.52 -11.90 33.25
N GLY G 26 -31.82 -10.82 33.59
CA GLY G 26 -30.53 -10.56 32.99
C GLY G 26 -29.51 -11.63 33.34
N ALA G 27 -29.51 -12.08 34.59
CA ALA G 27 -28.61 -13.16 34.98
C ALA G 27 -28.97 -14.46 34.27
N GLU G 28 -30.26 -14.72 34.08
CA GLU G 28 -30.68 -15.99 33.50
C GLU G 28 -30.40 -16.03 32.01
N THR G 29 -30.63 -14.92 31.30
CA THR G 29 -30.39 -14.90 29.85
C THR G 29 -28.91 -15.05 29.53
N LEU G 30 -28.01 -14.59 30.40
CA LEU G 30 -26.59 -14.77 30.15
C LEU G 30 -26.16 -16.21 30.36
N GLU G 31 -26.59 -16.84 31.46
CA GLU G 31 -26.19 -18.22 31.72
C GLU G 31 -26.79 -19.16 30.68
N ARG G 32 -27.93 -18.76 30.12
CA ARG G 32 -28.55 -19.42 28.98
C ARG G 32 -27.67 -19.34 27.73
N MET G 33 -27.15 -18.14 27.42
CA MET G 33 -26.34 -17.96 26.22
C MET G 33 -24.99 -18.68 26.35
N PHE G 34 -24.39 -18.63 27.53
CA PHE G 34 -23.10 -19.27 27.76
C PHE G 34 -23.22 -20.79 27.70
N THR G 35 -24.36 -21.34 28.13
CA THR G 35 -24.53 -22.78 28.22
C THR G 35 -24.95 -23.39 26.88
N THR G 36 -25.95 -22.79 26.22
CA THR G 36 -26.40 -23.33 24.94
C THR G 36 -25.45 -22.95 23.81
N TYR G 37 -24.75 -21.83 23.93
CA TYR G 37 -23.81 -21.35 22.91
C TYR G 37 -22.47 -21.12 23.59
N PRO G 38 -21.70 -22.18 23.82
CA PRO G 38 -20.41 -22.04 24.52
C PRO G 38 -19.44 -21.08 23.84
N PRO G 39 -19.43 -20.96 22.50
CA PRO G 39 -18.49 -20.01 21.89
C PRO G 39 -18.63 -18.58 22.38
N THR G 40 -19.81 -18.16 22.85
CA THR G 40 -19.95 -16.79 23.35
C THR G 40 -19.24 -16.57 24.69
N LYS G 41 -18.79 -17.63 25.35
CA LYS G 41 -18.03 -17.47 26.58
C LYS G 41 -16.69 -16.80 26.33
N THR G 42 -16.22 -16.78 25.08
CA THR G 42 -14.94 -16.16 24.74
C THR G 42 -14.93 -14.67 25.09
N TYR G 43 -16.06 -13.97 24.92
CA TYR G 43 -15.89 -12.55 25.10
C TYR G 43 -15.79 -12.15 26.56
N PHE G 44 -15.93 -13.08 27.51
CA PHE G 44 -15.78 -12.75 28.92
C PHE G 44 -14.74 -13.72 29.49
N PRO G 45 -13.45 -13.49 29.20
CA PRO G 45 -12.41 -14.36 29.73
C PRO G 45 -12.05 -14.04 31.18
N HIS G 46 -12.19 -12.76 31.54
CA HIS G 46 -11.87 -12.28 32.87
C HIS G 46 -13.05 -12.40 33.83
N PHE G 47 -14.15 -13.01 33.40
CA PHE G 47 -15.31 -13.20 34.26
C PHE G 47 -15.34 -14.58 34.90
N ASP G 48 -16.24 -14.69 35.88
CA ASP G 48 -16.63 -15.93 36.54
C ASP G 48 -17.93 -16.37 35.90
N LEU G 49 -17.85 -17.38 35.03
CA LEU G 49 -19.03 -17.85 34.31
C LEU G 49 -19.79 -18.92 35.09
N SER G 50 -19.44 -19.12 36.35
CA SER G 50 -20.09 -20.15 37.16
C SER G 50 -21.56 -19.82 37.36
N HIS G 51 -22.35 -20.87 37.59
CA HIS G 51 -23.79 -20.72 37.77
C HIS G 51 -24.11 -19.85 38.98
N GLY G 52 -24.92 -18.81 38.75
CA GLY G 52 -25.33 -17.93 39.84
C GLY G 52 -24.25 -17.04 40.40
N SER G 53 -23.21 -16.75 39.63
CA SER G 53 -22.12 -15.93 40.12
C SER G 53 -22.57 -14.46 40.23
N ALA G 54 -21.82 -13.70 41.04
CA ALA G 54 -22.17 -12.30 41.25
C ALA G 54 -21.84 -11.43 40.04
N GLN G 55 -20.85 -11.82 39.24
CA GLN G 55 -20.56 -11.07 38.03
C GLN G 55 -21.63 -11.27 36.97
N ILE G 56 -22.19 -12.47 36.85
CA ILE G 56 -23.26 -12.68 35.89
C ILE G 56 -24.54 -11.97 36.34
N LYS G 57 -24.82 -11.98 37.65
CA LYS G 57 -25.96 -11.22 38.15
C LYS G 57 -25.75 -9.73 38.00
N GLY G 58 -24.51 -9.26 38.09
CA GLY G 58 -24.22 -7.85 37.93
C GLY G 58 -24.26 -7.40 36.49
N HIS G 59 -23.58 -8.13 35.62
CA HIS G 59 -23.61 -7.81 34.19
C HIS G 59 -24.99 -8.07 33.59
N GLY G 60 -25.70 -9.08 34.10
CA GLY G 60 -27.04 -9.34 33.61
C GLY G 60 -27.99 -8.18 33.92
N LYS G 61 -27.89 -7.63 35.13
CA LYS G 61 -28.73 -6.48 35.47
C LYS G 61 -28.45 -5.32 34.52
N LYS G 62 -27.18 -5.10 34.17
CA LYS G 62 -26.84 -4.03 33.24
C LYS G 62 -27.42 -4.26 31.84
N VAL G 63 -27.52 -5.53 31.42
CA VAL G 63 -27.93 -5.82 30.04
C VAL G 63 -29.40 -5.50 29.84
N VAL G 64 -30.28 -6.08 30.66
CA VAL G 64 -31.70 -5.84 30.44
C VAL G 64 -32.13 -4.46 30.93
N ALA G 65 -31.36 -3.84 31.82
CA ALA G 65 -31.65 -2.45 32.17
C ALA G 65 -31.43 -1.53 30.97
N ALA G 66 -30.48 -1.88 30.10
CA ALA G 66 -30.31 -1.13 28.86
C ALA G 66 -31.44 -1.44 27.89
N LEU G 67 -31.92 -2.68 27.87
CA LEU G 67 -33.05 -3.03 27.03
C LEU G 67 -34.31 -2.30 27.47
N ILE G 68 -34.55 -2.23 28.78
CA ILE G 68 -35.67 -1.46 29.30
C ILE G 68 -35.45 0.03 29.06
N GLU G 69 -34.20 0.48 29.17
CA GLU G 69 -33.86 1.86 28.86
C GLU G 69 -34.18 2.20 27.42
N ALA G 70 -34.03 1.22 26.52
CA ALA G 70 -34.40 1.40 25.12
C ALA G 70 -35.89 1.17 24.89
N ALA G 71 -36.52 0.37 25.74
CA ALA G 71 -37.96 0.16 25.61
C ALA G 71 -38.73 1.45 25.82
N ASN G 72 -38.28 2.27 26.77
CA ASN G 72 -38.89 3.57 26.98
C ASN G 72 -38.74 4.44 25.74
N HIS G 73 -37.53 4.49 25.20
CA HIS G 73 -37.22 5.33 24.04
C HIS G 73 -37.19 4.50 22.76
N ILE G 74 -38.32 3.88 22.44
CA ILE G 74 -38.38 3.06 21.23
C ILE G 74 -38.40 3.92 19.97
N ASP G 75 -38.93 5.14 20.06
CA ASP G 75 -38.92 6.05 18.91
C ASP G 75 -37.52 6.54 18.59
N ASP G 76 -36.60 6.48 19.56
CA ASP G 76 -35.21 6.90 19.36
C ASP G 76 -34.32 5.89 20.07
N ILE G 77 -33.96 4.83 19.36
CA ILE G 77 -33.13 3.75 19.93
C ILE G 77 -31.66 3.93 19.59
N ALA G 78 -31.36 4.37 18.38
CA ALA G 78 -29.96 4.58 18.01
C ALA G 78 -29.26 5.58 18.93
N GLY G 79 -30.01 6.54 19.47
CA GLY G 79 -29.44 7.53 20.35
C GLY G 79 -29.34 7.08 21.80
N THR G 80 -30.34 6.35 22.29
CA THR G 80 -30.34 5.90 23.68
C THR G 80 -29.32 4.79 23.94
N LEU G 81 -28.79 4.16 22.89
CA LEU G 81 -27.77 3.12 23.03
C LEU G 81 -26.49 3.49 22.29
N SER G 82 -26.26 4.78 22.04
CA SER G 82 -25.10 5.20 21.27
C SER G 82 -23.80 4.91 22.02
N LYS G 83 -23.77 5.14 23.33
CA LYS G 83 -22.56 4.83 24.10
C LYS G 83 -22.25 3.34 24.08
N LEU G 84 -23.28 2.50 24.25
CA LEU G 84 -23.05 1.06 24.18
C LEU G 84 -22.69 0.63 22.76
N SER G 85 -23.14 1.39 21.77
CA SER G 85 -22.82 1.06 20.38
C SER G 85 -21.32 1.08 20.15
N ASP G 86 -20.61 2.01 20.78
CA ASP G 86 -19.17 2.08 20.60
C ASP G 86 -18.47 0.95 21.34
N LEU G 87 -18.98 0.59 22.52
CA LEU G 87 -18.38 -0.49 23.30
C LEU G 87 -18.44 -1.82 22.57
N HIS G 88 -19.59 -2.12 21.97
CA HIS G 88 -19.78 -3.42 21.32
C HIS G 88 -19.24 -3.46 19.90
N ALA G 89 -19.36 -2.37 19.15
CA ALA G 89 -18.94 -2.36 17.75
C ALA G 89 -17.50 -1.89 17.55
N HIS G 90 -17.04 -0.91 18.31
CA HIS G 90 -15.75 -0.29 18.04
C HIS G 90 -14.65 -0.82 18.94
N LYS G 91 -14.92 -1.03 20.24
CA LYS G 91 -13.89 -1.55 21.14
C LYS G 91 -13.90 -3.08 21.19
N LEU G 92 -15.01 -3.67 21.62
CA LEU G 92 -15.07 -5.12 21.80
C LEU G 92 -15.17 -5.85 20.47
N ARG G 93 -15.77 -5.21 19.47
CA ARG G 93 -16.03 -5.81 18.16
C ARG G 93 -16.69 -7.18 18.29
N VAL G 94 -17.90 -7.15 18.86
CA VAL G 94 -18.68 -8.38 18.99
C VAL G 94 -19.17 -8.81 17.61
N ASP G 95 -19.03 -10.10 17.33
CA ASP G 95 -19.48 -10.62 16.05
C ASP G 95 -21.00 -10.56 15.99
N PRO G 96 -21.58 -9.96 14.94
CA PRO G 96 -23.04 -9.73 14.92
C PRO G 96 -23.89 -10.97 15.05
N VAL G 97 -23.37 -12.14 14.67
CA VAL G 97 -24.16 -13.36 14.81
C VAL G 97 -24.44 -13.65 16.27
N ASN G 98 -23.69 -13.05 17.19
CA ASN G 98 -23.88 -13.29 18.60
C ASN G 98 -25.07 -12.54 19.19
N PHE G 99 -25.53 -11.45 18.58
CA PHE G 99 -26.68 -10.79 19.19
C PHE G 99 -27.97 -11.54 18.88
N LYS G 100 -28.00 -12.26 17.77
CA LYS G 100 -29.12 -13.17 17.51
C LYS G 100 -29.21 -14.21 18.62
N LEU G 101 -28.07 -14.67 19.13
CA LEU G 101 -28.06 -15.70 20.15
C LEU G 101 -28.54 -15.15 21.49
N LEU G 102 -28.13 -13.93 21.84
CA LEU G 102 -28.60 -13.34 23.09
C LEU G 102 -30.08 -13.01 23.02
N GLY G 103 -30.54 -12.46 21.89
CA GLY G 103 -31.97 -12.20 21.73
C GLY G 103 -32.78 -13.48 21.81
N GLN G 104 -32.24 -14.57 21.26
CA GLN G 104 -32.90 -15.88 21.35
C GLN G 104 -33.01 -16.34 22.81
N CYS G 105 -31.96 -16.13 23.60
CA CYS G 105 -32.02 -16.54 25.00
C CYS G 105 -32.91 -15.63 25.83
N PHE G 106 -32.96 -14.34 25.50
CA PHE G 106 -33.88 -13.44 26.20
C PHE G 106 -35.32 -13.83 25.94
N LEU G 107 -35.64 -14.18 24.69
CA LEU G 107 -36.99 -14.65 24.36
C LEU G 107 -37.33 -15.91 25.14
N VAL G 108 -36.36 -16.79 25.34
CA VAL G 108 -36.58 -17.98 26.18
C VAL G 108 -36.92 -17.57 27.61
N VAL G 109 -36.19 -16.58 28.15
CA VAL G 109 -36.40 -16.19 29.54
C VAL G 109 -37.80 -15.64 29.73
N VAL G 110 -38.25 -14.76 28.82
CA VAL G 110 -39.59 -14.19 28.98
C VAL G 110 -40.67 -15.21 28.65
N ALA G 111 -40.34 -16.26 27.90
CA ALA G 111 -41.30 -17.33 27.65
C ALA G 111 -41.47 -18.21 28.88
N ILE G 112 -40.38 -18.49 29.60
CA ILE G 112 -40.45 -19.30 30.80
C ILE G 112 -41.23 -18.56 31.90
N HIS G 113 -41.00 -17.27 32.04
CA HIS G 113 -41.62 -16.50 33.11
C HIS G 113 -42.97 -15.91 32.73
N HIS G 114 -43.20 -15.64 31.43
CA HIS G 114 -44.44 -15.03 30.96
C HIS G 114 -44.92 -15.73 29.71
N PRO G 115 -45.28 -17.01 29.81
CA PRO G 115 -45.82 -17.71 28.62
C PRO G 115 -47.13 -17.10 28.14
N ALA G 116 -47.96 -16.60 29.05
CA ALA G 116 -49.20 -15.93 28.65
C ALA G 116 -48.90 -14.64 27.90
N ALA G 117 -47.88 -13.90 28.33
CA ALA G 117 -47.57 -12.62 27.70
C ALA G 117 -46.95 -12.79 26.33
N LEU G 118 -46.14 -13.83 26.14
CA LEU G 118 -45.43 -14.02 24.89
C LEU G 118 -46.32 -14.76 23.88
N THR G 119 -47.41 -14.08 23.51
CA THR G 119 -48.22 -14.50 22.39
C THR G 119 -47.40 -14.39 21.12
N PRO G 120 -47.75 -15.16 20.08
CA PRO G 120 -46.94 -15.10 18.85
C PRO G 120 -46.89 -13.74 18.21
N GLU G 121 -47.85 -12.87 18.49
CA GLU G 121 -47.80 -11.52 17.95
C GLU G 121 -46.88 -10.60 18.76
N VAL G 122 -46.73 -10.86 20.06
CA VAL G 122 -45.70 -10.17 20.82
C VAL G 122 -44.33 -10.79 20.55
N HIS G 123 -44.30 -12.08 20.22
CA HIS G 123 -43.07 -12.73 19.79
C HIS G 123 -42.46 -11.99 18.60
N ALA G 124 -43.28 -11.71 17.58
CA ALA G 124 -42.79 -11.04 16.39
C ALA G 124 -42.34 -9.63 16.69
N SER G 125 -43.04 -8.94 17.59
CA SER G 125 -42.66 -7.56 17.92
C SER G 125 -41.36 -7.52 18.71
N LEU G 126 -41.18 -8.40 19.69
CA LEU G 126 -39.89 -8.48 20.37
C LEU G 126 -38.77 -8.88 19.43
N ASP G 127 -39.05 -9.74 18.45
CA ASP G 127 -38.02 -10.09 17.48
C ASP G 127 -37.58 -8.86 16.70
N LYS G 128 -38.54 -8.05 16.25
CA LYS G 128 -38.20 -6.82 15.54
C LYS G 128 -37.46 -5.85 16.45
N PHE G 129 -37.87 -5.77 17.71
CA PHE G 129 -37.20 -4.89 18.67
C PHE G 129 -35.77 -5.34 18.93
N LEU G 130 -35.57 -6.62 19.24
CA LEU G 130 -34.22 -7.12 19.50
C LEU G 130 -33.37 -7.09 18.24
N CYS G 131 -33.98 -7.28 17.08
CA CYS G 131 -33.24 -7.16 15.83
C CYS G 131 -32.94 -5.71 15.47
N ALA G 132 -33.66 -4.76 16.05
CA ALA G 132 -33.33 -3.36 15.89
C ALA G 132 -32.23 -2.93 16.86
N VAL G 133 -32.30 -3.41 18.10
CA VAL G 133 -31.24 -3.16 19.07
C VAL G 133 -29.94 -3.78 18.58
N GLY G 134 -30.02 -4.95 17.94
CA GLY G 134 -28.83 -5.59 17.41
C GLY G 134 -28.13 -4.77 16.34
N THR G 135 -28.91 -4.12 15.47
CA THR G 135 -28.31 -3.29 14.43
C THR G 135 -27.58 -2.10 15.01
N VAL G 136 -28.15 -1.47 16.05
CA VAL G 136 -27.55 -0.28 16.63
C VAL G 136 -26.20 -0.62 17.27
N LEU G 137 -26.10 -1.78 17.93
CA LEU G 137 -24.89 -2.12 18.65
C LEU G 137 -23.77 -2.62 17.75
N THR G 138 -24.04 -2.94 16.49
CA THR G 138 -23.02 -3.36 15.53
C THR G 138 -22.82 -2.33 14.43
N ALA G 139 -23.37 -1.13 14.59
CA ALA G 139 -23.41 -0.12 13.53
C ALA G 139 -22.03 0.19 12.95
N VAL H 2 -21.17 -35.21 16.20
CA VAL H 2 -22.45 -35.36 16.87
C VAL H 2 -22.34 -36.51 17.87
N HIS H 3 -21.78 -36.21 19.05
CA HIS H 3 -21.67 -37.17 20.14
C HIS H 3 -22.58 -36.72 21.27
N TRP H 4 -23.58 -37.54 21.58
CA TRP H 4 -24.52 -37.22 22.65
C TRP H 4 -24.00 -37.80 23.95
N THR H 5 -24.19 -37.06 25.04
CA THR H 5 -23.84 -37.57 26.36
C THR H 5 -25.06 -38.24 26.99
N ALA H 6 -24.81 -38.95 28.10
CA ALA H 6 -25.91 -39.60 28.81
C ALA H 6 -26.90 -38.59 29.35
N GLU H 7 -26.40 -37.47 29.88
CA GLU H 7 -27.28 -36.41 30.38
C GLU H 7 -28.07 -35.77 29.25
N GLU H 8 -27.44 -35.59 28.07
CA GLU H 8 -28.15 -34.99 26.95
C GLU H 8 -29.25 -35.91 26.43
N LYS H 9 -28.96 -37.21 26.27
CA LYS H 9 -29.99 -38.16 25.86
C LYS H 9 -31.10 -38.22 26.90
N GLN H 10 -30.74 -38.12 28.18
CA GLN H 10 -31.73 -38.05 29.25
C GLN H 10 -32.61 -36.81 29.12
N LEU H 11 -32.02 -35.66 28.84
CA LEU H 11 -32.78 -34.41 28.78
C LEU H 11 -33.63 -34.33 27.52
N ILE H 12 -33.21 -35.00 26.43
CA ILE H 12 -34.01 -34.99 25.21
C ILE H 12 -35.15 -36.02 25.31
N THR H 13 -34.84 -37.22 25.82
CA THR H 13 -35.87 -38.25 25.96
C THR H 13 -36.95 -37.83 26.95
N GLY H 14 -36.54 -37.42 28.15
CA GLY H 14 -37.51 -37.10 29.18
C GLY H 14 -38.43 -35.96 28.79
N LEU H 15 -37.93 -35.04 27.97
CA LEU H 15 -38.73 -33.90 27.55
C LEU H 15 -39.71 -34.32 26.46
N TRP H 16 -39.28 -35.22 25.57
CA TRP H 16 -40.15 -35.69 24.49
C TRP H 16 -41.35 -36.47 25.02
N GLY H 17 -41.16 -37.23 26.10
CA GLY H 17 -42.26 -37.97 26.68
C GLY H 17 -43.31 -37.11 27.35
N LYS H 18 -43.03 -35.81 27.55
CA LYS H 18 -43.95 -34.89 28.21
C LYS H 18 -44.58 -33.88 27.27
N VAL H 19 -44.06 -33.72 26.06
CA VAL H 19 -44.53 -32.66 25.16
C VAL H 19 -45.92 -33.00 24.62
N ASN H 20 -46.79 -32.00 24.57
CA ASN H 20 -48.02 -32.08 23.80
C ASN H 20 -47.68 -31.69 22.37
N VAL H 21 -47.41 -32.70 21.53
CA VAL H 21 -46.88 -32.47 20.19
C VAL H 21 -47.91 -31.77 19.31
N ALA H 22 -49.17 -32.20 19.37
CA ALA H 22 -50.20 -31.57 18.55
C ALA H 22 -50.34 -30.09 18.83
N GLU H 23 -49.96 -29.65 20.03
CA GLU H 23 -50.10 -28.25 20.43
C GLU H 23 -48.83 -27.46 20.16
N CYS H 24 -47.67 -27.98 20.60
CA CYS H 24 -46.42 -27.27 20.39
C CYS H 24 -46.06 -27.21 18.91
N GLY H 25 -46.36 -28.25 18.14
CA GLY H 25 -46.07 -28.23 16.72
C GLY H 25 -46.86 -27.14 15.99
N ALA H 26 -48.15 -27.04 16.29
CA ALA H 26 -48.95 -25.95 15.76
C ALA H 26 -48.47 -24.61 16.28
N GLU H 27 -48.15 -24.55 17.57
CA GLU H 27 -47.62 -23.34 18.19
C GLU H 27 -46.35 -22.88 17.47
N ALA H 28 -45.44 -23.81 17.20
CA ALA H 28 -44.17 -23.46 16.58
C ALA H 28 -44.35 -23.04 15.12
N LEU H 29 -45.13 -23.83 14.35
CA LEU H 29 -45.28 -23.54 12.93
C LEU H 29 -46.02 -22.23 12.72
N ALA H 30 -47.06 -21.98 13.51
CA ALA H 30 -47.78 -20.70 13.41
C ALA H 30 -46.88 -19.53 13.78
N ARG H 31 -45.96 -19.70 14.74
CA ARG H 31 -45.03 -18.61 15.04
C ARG H 31 -44.10 -18.35 13.86
N LEU H 32 -43.68 -19.40 13.16
CA LEU H 32 -42.81 -19.20 12.01
C LEU H 32 -43.51 -18.38 10.95
N LEU H 33 -44.81 -18.65 10.72
CA LEU H 33 -45.53 -17.96 9.66
C LEU H 33 -45.80 -16.50 9.97
N ILE H 34 -45.68 -16.07 11.24
CA ILE H 34 -46.02 -14.68 11.55
C ILE H 34 -44.82 -13.92 12.10
N VAL H 35 -43.88 -14.62 12.74
CA VAL H 35 -42.64 -13.96 13.17
C VAL H 35 -41.72 -13.71 11.98
N TYR H 36 -41.59 -14.71 11.10
CA TYR H 36 -40.77 -14.61 9.91
C TYR H 36 -41.71 -14.84 8.74
N PRO H 37 -42.51 -13.82 8.37
CA PRO H 37 -43.72 -14.07 7.56
C PRO H 37 -43.46 -14.38 6.10
N TRP H 38 -42.22 -14.32 5.61
CA TRP H 38 -41.97 -14.74 4.24
C TRP H 38 -42.14 -16.23 4.04
N THR H 39 -42.16 -17.01 5.13
CA THR H 39 -42.35 -18.45 5.04
C THR H 39 -43.73 -18.84 4.55
N GLN H 40 -44.68 -17.90 4.52
CA GLN H 40 -46.01 -18.20 4.00
C GLN H 40 -45.99 -18.48 2.50
N ARG H 41 -44.88 -18.17 1.83
CA ARG H 41 -44.75 -18.48 0.40
C ARG H 41 -45.09 -19.93 0.12
N PHE H 42 -44.62 -20.83 0.98
CA PHE H 42 -44.73 -22.25 0.75
C PHE H 42 -46.07 -22.82 1.19
N PHE H 43 -46.91 -22.04 1.88
CA PHE H 43 -48.16 -22.58 2.41
C PHE H 43 -49.35 -21.79 1.86
N ALA H 44 -49.28 -21.38 0.60
CA ALA H 44 -50.37 -20.64 -0.02
C ALA H 44 -51.66 -21.45 -0.06
N SER H 45 -51.56 -22.78 0.01
CA SER H 45 -52.71 -23.67 -0.11
C SER H 45 -53.33 -24.03 1.24
N PHE H 46 -52.87 -23.44 2.34
CA PHE H 46 -53.44 -23.76 3.64
C PHE H 46 -54.67 -22.92 3.99
N GLY H 47 -55.05 -21.96 3.17
CA GLY H 47 -56.28 -21.23 3.40
C GLY H 47 -56.14 -19.91 4.13
N ASN H 48 -56.72 -19.81 5.32
CA ASN H 48 -56.80 -18.55 6.04
C ASN H 48 -55.48 -18.27 6.73
N LEU H 49 -54.78 -17.23 6.28
CA LEU H 49 -53.50 -16.83 6.85
C LEU H 49 -53.40 -15.32 7.02
N SER H 50 -54.53 -14.61 7.08
CA SER H 50 -54.55 -13.15 7.00
C SER H 50 -54.32 -12.46 8.33
N SER H 51 -54.44 -13.15 9.46
CA SER H 51 -54.19 -12.53 10.75
C SER H 51 -53.42 -13.51 11.64
N PRO H 52 -52.67 -13.00 12.62
CA PRO H 52 -51.98 -13.90 13.55
C PRO H 52 -52.92 -14.82 14.31
N THR H 53 -54.10 -14.33 14.69
CA THR H 53 -55.07 -15.19 15.36
C THR H 53 -55.62 -16.25 14.41
N ALA H 54 -55.76 -15.90 13.12
CA ALA H 54 -56.23 -16.89 12.15
C ALA H 54 -55.20 -17.95 11.86
N ILE H 55 -53.91 -17.59 11.88
CA ILE H 55 -52.87 -18.56 11.56
C ILE H 55 -52.66 -19.57 12.69
N LEU H 56 -52.81 -19.16 13.95
CA LEU H 56 -52.62 -20.09 15.05
C LEU H 56 -53.75 -21.11 15.12
N GLY H 57 -54.96 -20.74 14.75
CA GLY H 57 -56.11 -21.62 14.79
C GLY H 57 -56.47 -22.29 13.49
N ASN H 58 -55.76 -22.00 12.40
CA ASN H 58 -56.02 -22.67 11.13
C ASN H 58 -55.75 -24.16 11.28
N PRO H 59 -56.75 -25.02 11.08
CA PRO H 59 -56.54 -26.46 11.33
C PRO H 59 -55.63 -27.14 10.32
N MET H 60 -55.26 -26.47 9.21
CA MET H 60 -54.21 -27.03 8.36
C MET H 60 -52.83 -26.64 8.83
N VAL H 61 -52.67 -25.38 9.26
CA VAL H 61 -51.42 -24.97 9.92
C VAL H 61 -51.22 -25.77 11.20
N ARG H 62 -52.29 -26.01 11.96
CA ARG H 62 -52.14 -26.81 13.17
C ARG H 62 -51.87 -28.26 12.86
N ALA H 63 -52.47 -28.78 11.78
CA ALA H 63 -52.22 -30.16 11.37
C ALA H 63 -50.80 -30.36 10.87
N HIS H 64 -50.25 -29.36 10.15
CA HIS H 64 -48.92 -29.50 9.58
C HIS H 64 -47.83 -29.32 10.64
N GLY H 65 -47.99 -28.36 11.55
CA GLY H 65 -47.04 -28.24 12.65
C GLY H 65 -47.01 -29.49 13.51
N LYS H 66 -48.16 -30.16 13.65
CA LYS H 66 -48.20 -31.45 14.31
C LYS H 66 -47.22 -32.43 13.67
N LYS H 67 -47.30 -32.58 12.35
CA LYS H 67 -46.48 -33.56 11.66
C LYS H 67 -45.01 -33.15 11.62
N VAL H 68 -44.74 -31.84 11.60
CA VAL H 68 -43.35 -31.37 11.61
C VAL H 68 -42.68 -31.72 12.94
N LEU H 69 -43.35 -31.42 14.05
CA LEU H 69 -42.79 -31.77 15.35
C LEU H 69 -42.80 -33.28 15.57
N THR H 70 -43.79 -33.97 15.01
CA THR H 70 -43.80 -35.43 15.08
C THR H 70 -42.55 -36.02 14.44
N SER H 71 -42.05 -35.39 13.38
CA SER H 71 -40.84 -35.91 12.75
C SER H 71 -39.59 -35.64 13.56
N PHE H 72 -39.58 -34.63 14.45
CA PHE H 72 -38.44 -34.57 15.37
C PHE H 72 -38.42 -35.77 16.30
N GLY H 73 -39.56 -36.44 16.48
CA GLY H 73 -39.57 -37.66 17.26
C GLY H 73 -38.66 -38.73 16.67
N ASP H 74 -38.61 -38.81 15.34
CA ASP H 74 -37.74 -39.79 14.71
C ASP H 74 -36.27 -39.46 14.97
N ALA H 75 -35.94 -38.20 15.19
CA ALA H 75 -34.59 -37.85 15.63
C ALA H 75 -34.38 -38.22 17.09
N VAL H 76 -35.41 -38.03 17.93
CA VAL H 76 -35.29 -38.35 19.34
C VAL H 76 -35.06 -39.85 19.55
N LYS H 77 -35.81 -40.68 18.83
CA LYS H 77 -35.71 -42.12 19.00
C LYS H 77 -34.57 -42.72 18.20
N ASN H 78 -33.92 -41.95 17.34
CA ASN H 78 -32.85 -42.49 16.51
C ASN H 78 -31.70 -41.48 16.48
N LEU H 79 -31.28 -41.02 17.67
CA LEU H 79 -30.36 -39.89 17.79
C LEU H 79 -29.04 -40.13 17.08
N ASP H 80 -28.47 -41.32 17.26
CA ASP H 80 -27.16 -41.58 16.68
C ASP H 80 -27.22 -41.82 15.17
N ASN H 81 -28.38 -41.61 14.55
CA ASN H 81 -28.55 -41.86 13.12
C ASN H 81 -29.41 -40.77 12.47
N ILE H 82 -29.19 -39.49 12.82
CA ILE H 82 -30.10 -38.46 12.31
C ILE H 82 -29.87 -38.19 10.82
N LYS H 83 -28.62 -38.31 10.36
CA LYS H 83 -28.29 -37.95 8.98
C LYS H 83 -29.12 -38.75 7.99
N ASN H 84 -29.19 -40.06 8.18
CA ASN H 84 -29.93 -40.94 7.28
C ASN H 84 -31.44 -40.86 7.51
N THR H 85 -31.85 -40.54 8.75
CA THR H 85 -33.28 -40.49 9.05
C THR H 85 -33.98 -39.39 8.27
N PHE H 86 -33.34 -38.24 8.09
CA PHE H 86 -33.99 -37.17 7.33
C PHE H 86 -33.43 -37.05 5.92
N SER H 87 -32.86 -38.14 5.38
CA SER H 87 -32.39 -38.10 4.00
C SER H 87 -33.54 -37.91 3.02
N GLN H 88 -34.66 -38.61 3.24
CA GLN H 88 -35.82 -38.47 2.37
C GLN H 88 -36.40 -37.06 2.45
N LEU H 89 -36.57 -36.53 3.66
CA LEU H 89 -37.13 -35.19 3.80
C LEU H 89 -36.18 -34.12 3.27
N SER H 90 -34.87 -34.38 3.33
CA SER H 90 -33.91 -33.42 2.81
C SER H 90 -34.09 -33.20 1.31
N GLU H 91 -34.31 -34.29 0.55
CA GLU H 91 -34.54 -34.13 -0.88
C GLU H 91 -35.84 -33.40 -1.15
N LEU H 92 -36.90 -33.71 -0.38
CA LEU H 92 -38.18 -33.04 -0.54
C LEU H 92 -38.05 -31.54 -0.43
N HIS H 93 -37.36 -31.06 0.61
CA HIS H 93 -37.27 -29.63 0.85
C HIS H 93 -36.32 -28.92 -0.13
N CYS H 94 -35.49 -29.66 -0.87
CA CYS H 94 -34.55 -29.01 -1.79
C CYS H 94 -35.11 -28.87 -3.20
N ASP H 95 -35.33 -29.99 -3.84
CA ASP H 95 -35.66 -30.00 -5.27
C ASP H 95 -37.11 -30.41 -5.50
N LYS H 96 -37.96 -30.21 -4.50
CA LYS H 96 -39.41 -30.26 -4.63
C LYS H 96 -40.08 -29.02 -4.04
N LEU H 97 -39.60 -28.51 -2.89
CA LEU H 97 -40.25 -27.42 -2.17
C LEU H 97 -39.46 -26.13 -2.21
N HIS H 98 -38.16 -26.20 -2.49
CA HIS H 98 -37.31 -25.02 -2.71
C HIS H 98 -37.22 -24.17 -1.45
N VAL H 99 -37.14 -24.82 -0.30
CA VAL H 99 -37.02 -24.13 0.99
C VAL H 99 -35.54 -23.90 1.27
N ASP H 100 -35.18 -22.66 1.57
CA ASP H 100 -33.78 -22.32 1.81
C ASP H 100 -33.36 -22.81 3.20
N PRO H 101 -32.19 -23.46 3.32
CA PRO H 101 -31.81 -24.08 4.60
C PRO H 101 -31.76 -23.15 5.78
N GLU H 102 -31.65 -21.82 5.60
CA GLU H 102 -31.66 -20.94 6.75
C GLU H 102 -33.00 -20.97 7.47
N ASN H 103 -34.08 -21.21 6.73
CA ASN H 103 -35.41 -21.34 7.34
C ASN H 103 -35.49 -22.56 8.25
N PHE H 104 -34.58 -23.52 8.09
CA PHE H 104 -34.53 -24.66 9.01
C PHE H 104 -34.02 -24.24 10.37
N ARG H 105 -33.00 -23.38 10.41
CA ARG H 105 -32.51 -22.85 11.68
C ARG H 105 -33.59 -22.01 12.36
N LEU H 106 -34.34 -21.22 11.60
CA LEU H 106 -35.35 -20.35 12.19
C LEU H 106 -36.44 -21.15 12.88
N LEU H 107 -37.02 -22.13 12.16
CA LEU H 107 -38.06 -22.96 12.75
C LEU H 107 -37.57 -23.68 13.99
N GLY H 108 -36.30 -24.08 14.00
CA GLY H 108 -35.76 -24.79 15.14
C GLY H 108 -35.65 -23.91 16.38
N ASP H 109 -35.19 -22.66 16.22
CA ASP H 109 -35.09 -21.78 17.36
C ASP H 109 -36.48 -21.40 17.89
N ILE H 110 -37.45 -21.24 16.99
CA ILE H 110 -38.82 -21.01 17.41
C ILE H 110 -39.34 -22.17 18.24
N LEU H 111 -38.99 -23.40 17.84
CA LEU H 111 -39.40 -24.57 18.61
C LEU H 111 -38.84 -24.52 20.03
N ILE H 112 -37.62 -23.98 20.20
CA ILE H 112 -37.05 -23.85 21.53
C ILE H 112 -37.86 -22.89 22.38
N ILE H 113 -38.29 -21.76 21.81
CA ILE H 113 -39.10 -20.81 22.56
C ILE H 113 -40.45 -21.41 22.91
N VAL H 114 -41.03 -22.18 21.99
CA VAL H 114 -42.30 -22.87 22.28
C VAL H 114 -42.12 -23.88 23.40
N LEU H 115 -41.07 -24.69 23.32
CA LEU H 115 -40.78 -25.65 24.39
C LEU H 115 -40.52 -24.95 25.71
N ALA H 116 -39.78 -23.84 25.68
CA ALA H 116 -39.53 -23.08 26.91
C ALA H 116 -40.82 -22.54 27.50
N ALA H 117 -41.78 -22.16 26.66
CA ALA H 117 -43.04 -21.62 27.16
C ALA H 117 -43.88 -22.69 27.84
N HIS H 118 -43.84 -23.91 27.34
CA HIS H 118 -44.69 -24.98 27.85
C HIS H 118 -44.10 -25.72 29.05
N PHE H 119 -42.82 -25.55 29.39
CA PHE H 119 -42.30 -26.27 30.54
C PHE H 119 -41.75 -25.38 31.65
N SER H 120 -41.82 -24.05 31.51
CA SER H 120 -41.51 -23.09 32.59
C SER H 120 -40.12 -23.42 33.14
N LYS H 121 -39.97 -23.63 34.46
CA LYS H 121 -38.67 -23.85 35.06
C LYS H 121 -38.17 -25.28 34.93
N ASP H 122 -38.98 -26.20 34.44
CA ASP H 122 -38.49 -27.55 34.16
C ASP H 122 -37.60 -27.58 32.92
N PHE H 123 -37.65 -26.53 32.12
CA PHE H 123 -36.83 -26.40 30.92
C PHE H 123 -35.55 -25.64 31.28
N THR H 124 -34.67 -26.33 31.99
CA THR H 124 -33.48 -25.73 32.54
C THR H 124 -32.49 -25.35 31.44
N PRO H 125 -31.49 -24.50 31.76
CA PRO H 125 -30.50 -24.14 30.73
C PRO H 125 -29.80 -25.33 30.08
N GLU H 126 -29.44 -26.37 30.85
CA GLU H 126 -28.88 -27.56 30.22
C GLU H 126 -29.90 -28.27 29.35
N CYS H 127 -31.19 -28.17 29.69
CA CYS H 127 -32.21 -28.74 28.81
C CYS H 127 -32.28 -27.98 27.49
N GLN H 128 -32.16 -26.65 27.54
CA GLN H 128 -32.12 -25.88 26.30
C GLN H 128 -30.87 -26.20 25.50
N ALA H 129 -29.72 -26.35 26.17
CA ALA H 129 -28.48 -26.62 25.46
C ALA H 129 -28.57 -27.94 24.70
N ALA H 130 -29.26 -28.93 25.27
CA ALA H 130 -29.42 -30.20 24.58
C ALA H 130 -30.42 -30.10 23.44
N TRP H 131 -31.55 -29.40 23.67
CA TRP H 131 -32.57 -29.29 22.64
C TRP H 131 -32.21 -28.30 21.53
N GLN H 132 -31.47 -27.25 21.85
CA GLN H 132 -30.89 -26.43 20.79
C GLN H 132 -29.89 -27.22 19.97
N LYS H 133 -29.21 -28.17 20.60
CA LYS H 133 -28.28 -29.04 19.88
C LYS H 133 -29.04 -29.98 18.94
N LEU H 134 -30.09 -30.62 19.43
CA LEU H 134 -30.91 -31.51 18.60
C LEU H 134 -31.49 -30.76 17.42
N VAL H 135 -32.08 -29.59 17.69
CA VAL H 135 -32.57 -28.73 16.63
C VAL H 135 -31.47 -28.39 15.63
N ARG H 136 -30.27 -28.09 16.14
CA ARG H 136 -29.19 -27.71 15.25
C ARG H 136 -28.75 -28.88 14.38
N VAL H 137 -28.77 -30.10 14.93
CA VAL H 137 -28.38 -31.28 14.17
C VAL H 137 -29.41 -31.61 13.11
N VAL H 138 -30.69 -31.55 13.47
CA VAL H 138 -31.75 -31.87 12.51
C VAL H 138 -31.76 -30.88 11.35
N ALA H 139 -31.55 -29.60 11.64
CA ALA H 139 -31.58 -28.59 10.59
C ALA H 139 -30.49 -28.84 9.56
N HIS H 140 -29.30 -29.26 10.01
CA HIS H 140 -28.22 -29.59 9.10
C HIS H 140 -28.41 -30.93 8.42
N ALA H 141 -29.24 -31.82 8.98
CA ALA H 141 -29.56 -33.07 8.30
C ALA H 141 -30.54 -32.85 7.14
N LEU H 142 -31.41 -31.84 7.24
CA LEU H 142 -32.31 -31.49 6.15
C LEU H 142 -31.62 -30.77 5.01
N ALA H 143 -30.36 -30.36 5.18
CA ALA H 143 -29.63 -29.65 4.14
C ALA H 143 -28.48 -30.47 3.55
N ARG H 144 -28.32 -31.72 3.96
CA ARG H 144 -27.21 -32.52 3.47
C ARG H 144 -27.33 -32.84 1.99
N LYS H 145 -28.51 -32.68 1.41
CA LYS H 145 -28.73 -33.02 0.00
C LYS H 145 -29.11 -31.79 -0.81
N TYR H 146 -28.43 -30.67 -0.57
CA TYR H 146 -28.54 -29.56 -1.52
C TYR H 146 -27.25 -29.49 -2.32
N VAL I 2 -25.87 2.90 8.46
CA VAL I 2 -26.79 4.02 8.49
C VAL I 2 -26.57 4.98 7.31
N LEU I 3 -25.62 4.65 6.45
CA LEU I 3 -25.37 5.38 5.18
C LEU I 3 -25.00 6.84 5.46
N SER I 4 -23.80 6.99 5.97
CA SER I 4 -23.23 8.29 6.28
C SER I 4 -22.96 9.06 4.98
N ALA I 5 -22.40 10.27 5.11
CA ALA I 5 -22.18 11.13 3.95
C ALA I 5 -21.18 10.52 2.98
N ALA I 6 -20.12 9.89 3.50
CA ALA I 6 -19.14 9.26 2.61
C ALA I 6 -19.74 8.06 1.89
N ASP I 7 -20.59 7.29 2.56
CA ASP I 7 -21.25 6.17 1.91
C ASP I 7 -22.12 6.64 0.76
N LYS I 8 -22.82 7.75 0.94
CA LYS I 8 -23.69 8.27 -0.10
C LYS I 8 -22.90 8.86 -1.27
N ASN I 9 -21.74 9.47 -0.99
CA ASN I 9 -20.88 9.93 -2.07
C ASN I 9 -20.36 8.76 -2.89
N ASN I 10 -20.06 7.64 -2.23
CA ASN I 10 -19.53 6.49 -2.95
C ASN I 10 -20.60 5.81 -3.80
N VAL I 11 -21.81 5.65 -3.26
CA VAL I 11 -22.88 5.00 -4.01
C VAL I 11 -23.34 5.88 -5.16
N LYS I 12 -23.54 7.18 -4.90
CA LYS I 12 -23.88 8.11 -5.97
C LYS I 12 -22.75 8.20 -6.99
N GLY I 13 -21.51 8.18 -6.51
CA GLY I 13 -20.37 8.28 -7.42
C GLY I 13 -20.24 7.08 -8.34
N ILE I 14 -20.53 5.88 -7.83
CA ILE I 14 -20.35 4.68 -8.65
C ILE I 14 -21.58 4.40 -9.52
N PHE I 15 -22.78 4.85 -9.14
CA PHE I 15 -23.90 4.65 -10.06
C PHE I 15 -23.77 5.51 -11.31
N THR I 16 -23.10 6.67 -11.22
CA THR I 16 -22.92 7.46 -12.44
C THR I 16 -22.12 6.72 -13.49
N LYS I 17 -21.30 5.74 -13.07
CA LYS I 17 -20.59 4.90 -14.02
C LYS I 17 -21.44 3.75 -14.55
N ILE I 18 -22.67 3.58 -14.05
CA ILE I 18 -23.55 2.51 -14.53
C ILE I 18 -24.88 3.11 -14.97
N ALA I 19 -24.96 4.44 -15.00
CA ALA I 19 -26.24 5.12 -15.23
C ALA I 19 -26.77 4.86 -16.64
N GLY I 20 -25.88 4.73 -17.62
CA GLY I 20 -26.32 4.50 -18.98
C GLY I 20 -26.46 3.04 -19.34
N HIS I 21 -25.77 2.16 -18.61
CA HIS I 21 -25.65 0.75 -18.96
C HIS I 21 -26.66 -0.11 -18.21
N ALA I 22 -27.82 0.45 -17.86
CA ALA I 22 -28.75 -0.25 -16.98
C ALA I 22 -29.23 -1.56 -17.60
N GLU I 23 -29.57 -1.53 -18.90
CA GLU I 23 -29.97 -2.75 -19.59
C GLU I 23 -28.85 -3.80 -19.56
N GLU I 24 -27.63 -3.36 -19.86
CA GLU I 24 -26.51 -4.29 -19.97
C GLU I 24 -26.19 -4.93 -18.62
N TYR I 25 -26.07 -4.11 -17.57
CA TYR I 25 -25.67 -4.65 -16.27
C TYR I 25 -26.82 -5.41 -15.62
N GLY I 26 -28.06 -4.95 -15.83
CA GLY I 26 -29.21 -5.61 -15.24
C GLY I 26 -29.45 -7.00 -15.80
N ALA I 27 -29.11 -7.21 -17.06
CA ALA I 27 -29.25 -8.54 -17.65
C ALA I 27 -28.19 -9.50 -17.12
N GLU I 28 -26.93 -9.06 -17.06
CA GLU I 28 -25.85 -9.93 -16.61
C GLU I 28 -26.00 -10.29 -15.14
N THR I 29 -26.44 -9.35 -14.31
CA THR I 29 -26.52 -9.62 -12.88
C THR I 29 -27.55 -10.70 -12.56
N LEU I 30 -28.63 -10.77 -13.34
CA LEU I 30 -29.60 -11.85 -13.17
C LEU I 30 -29.13 -13.15 -13.82
N GLU I 31 -28.50 -13.07 -15.00
CA GLU I 31 -28.01 -14.28 -15.63
C GLU I 31 -26.91 -14.93 -14.79
N ARG I 32 -26.17 -14.13 -14.02
CA ARG I 32 -25.22 -14.69 -13.07
C ARG I 32 -25.93 -15.28 -11.87
N MET I 33 -27.02 -14.65 -11.44
CA MET I 33 -27.73 -15.12 -10.26
C MET I 33 -28.30 -16.51 -10.49
N PHE I 34 -28.92 -16.71 -11.63
CA PHE I 34 -29.55 -18.00 -11.95
C PHE I 34 -28.50 -19.08 -12.16
N THR I 35 -27.30 -18.68 -12.58
CA THR I 35 -26.25 -19.66 -12.86
C THR I 35 -25.50 -20.06 -11.59
N THR I 36 -25.22 -19.12 -10.69
CA THR I 36 -24.52 -19.44 -9.46
C THR I 36 -25.45 -19.88 -8.35
N TYR I 37 -26.71 -19.47 -8.38
CA TYR I 37 -27.70 -19.84 -7.38
C TYR I 37 -28.94 -20.33 -8.11
N PRO I 38 -28.93 -21.58 -8.58
CA PRO I 38 -30.08 -22.13 -9.32
C PRO I 38 -31.39 -22.09 -8.52
N PRO I 39 -31.37 -22.22 -7.17
CA PRO I 39 -32.64 -22.09 -6.43
C PRO I 39 -33.43 -20.82 -6.70
N THR I 40 -32.80 -19.76 -7.19
CA THR I 40 -33.53 -18.53 -7.48
C THR I 40 -34.31 -18.60 -8.78
N LYS I 41 -34.07 -19.60 -9.62
CA LYS I 41 -34.88 -19.80 -10.82
C LYS I 41 -36.32 -20.13 -10.47
N THR I 42 -36.58 -20.54 -9.23
CA THR I 42 -37.93 -20.92 -8.82
C THR I 42 -38.88 -19.74 -8.90
N TYR I 43 -38.41 -18.53 -8.57
CA TYR I 43 -39.38 -17.44 -8.53
C TYR I 43 -39.79 -16.96 -9.90
N PHE I 44 -39.16 -17.44 -10.98
CA PHE I 44 -39.55 -17.05 -12.33
C PHE I 44 -39.83 -18.35 -13.09
N PRO I 45 -41.00 -18.95 -12.87
CA PRO I 45 -41.30 -20.22 -13.56
C PRO I 45 -41.73 -20.00 -15.00
N HIS I 46 -42.43 -18.89 -15.24
CA HIS I 46 -43.01 -18.56 -16.53
C HIS I 46 -42.10 -17.68 -17.36
N PHE I 47 -40.81 -17.62 -17.04
CA PHE I 47 -39.86 -16.86 -17.83
C PHE I 47 -39.05 -17.76 -18.75
N ASP I 48 -38.45 -17.10 -19.75
CA ASP I 48 -37.42 -17.66 -20.60
C ASP I 48 -36.08 -17.37 -19.92
N LEU I 49 -35.56 -18.35 -19.18
CA LEU I 49 -34.34 -18.17 -18.41
C LEU I 49 -33.09 -18.45 -19.23
N SER I 50 -33.25 -18.71 -20.53
CA SER I 50 -32.12 -18.92 -21.43
C SER I 50 -31.25 -17.68 -21.49
N HIS I 51 -30.00 -17.89 -21.91
CA HIS I 51 -29.07 -16.79 -22.12
C HIS I 51 -29.57 -15.84 -23.20
N GLY I 52 -29.45 -14.54 -22.95
CA GLY I 52 -29.79 -13.54 -23.94
C GLY I 52 -31.25 -13.36 -24.20
N SER I 53 -32.12 -13.94 -23.37
CA SER I 53 -33.56 -13.82 -23.59
C SER I 53 -34.02 -12.38 -23.41
N ALA I 54 -35.00 -11.97 -24.22
CA ALA I 54 -35.57 -10.64 -24.09
C ALA I 54 -36.37 -10.46 -22.81
N GLN I 55 -36.66 -11.56 -22.09
CA GLN I 55 -37.41 -11.47 -20.84
C GLN I 55 -36.49 -11.19 -19.65
N ILE I 56 -35.34 -11.86 -19.59
CA ILE I 56 -34.33 -11.51 -18.60
C ILE I 56 -33.76 -10.12 -18.89
N LYS I 57 -33.55 -9.80 -20.17
CA LYS I 57 -33.04 -8.46 -20.49
C LYS I 57 -34.10 -7.40 -20.25
N GLY I 58 -35.37 -7.71 -20.52
CA GLY I 58 -36.43 -6.75 -20.23
C GLY I 58 -36.63 -6.52 -18.74
N HIS I 59 -36.60 -7.59 -17.95
CA HIS I 59 -36.74 -7.47 -16.51
C HIS I 59 -35.45 -6.99 -15.84
N GLY I 60 -34.30 -7.26 -16.47
CA GLY I 60 -33.04 -6.81 -15.90
C GLY I 60 -32.89 -5.32 -15.91
N LYS I 61 -33.38 -4.65 -16.96
CA LYS I 61 -33.36 -3.20 -16.99
C LYS I 61 -34.27 -2.61 -15.91
N LYS I 62 -35.35 -3.30 -15.59
CA LYS I 62 -36.28 -2.82 -14.56
C LYS I 62 -35.61 -2.79 -13.18
N VAL I 63 -34.80 -3.80 -12.88
CA VAL I 63 -34.29 -3.97 -11.52
C VAL I 63 -33.24 -2.91 -11.20
N VAL I 64 -32.20 -2.81 -12.01
CA VAL I 64 -31.13 -1.85 -11.76
C VAL I 64 -31.65 -0.42 -11.88
N ALA I 65 -32.68 -0.20 -12.70
CA ALA I 65 -33.29 1.12 -12.77
C ALA I 65 -33.94 1.51 -11.44
N ALA I 66 -34.50 0.52 -10.73
CA ALA I 66 -35.00 0.79 -9.38
C ALA I 66 -33.86 1.14 -8.43
N LEU I 67 -32.69 0.52 -8.60
CA LEU I 67 -31.56 0.88 -7.76
C LEU I 67 -31.07 2.30 -8.07
N ILE I 68 -31.06 2.68 -9.34
CA ILE I 68 -30.65 4.04 -9.70
C ILE I 68 -31.63 5.06 -9.14
N GLU I 69 -32.93 4.74 -9.19
CA GLU I 69 -33.93 5.62 -8.61
C GLU I 69 -33.81 5.68 -7.09
N ALA I 70 -33.32 4.60 -6.48
CA ALA I 70 -33.03 4.64 -5.04
C ALA I 70 -31.77 5.44 -4.77
N ALA I 71 -30.73 5.25 -5.58
CA ALA I 71 -29.44 5.88 -5.32
C ALA I 71 -29.55 7.40 -5.32
N ASN I 72 -30.50 7.96 -6.06
CA ASN I 72 -30.72 9.40 -6.01
C ASN I 72 -31.40 9.79 -4.70
N HIS I 73 -32.46 9.07 -4.33
CA HIS I 73 -33.16 9.34 -3.09
C HIS I 73 -32.79 8.36 -1.98
N ILE I 74 -31.52 8.35 -1.56
CA ILE I 74 -31.07 7.43 -0.51
C ILE I 74 -31.14 8.02 0.89
N ASP I 75 -31.55 9.27 1.04
CA ASP I 75 -31.82 9.79 2.38
C ASP I 75 -32.99 9.07 3.01
N ASP I 76 -34.00 8.73 2.21
CA ASP I 76 -35.13 7.93 2.66
C ASP I 76 -35.41 6.89 1.57
N ILE I 77 -34.93 5.67 1.76
CA ILE I 77 -35.03 4.65 0.73
C ILE I 77 -36.37 3.91 0.83
N ALA I 78 -36.95 3.84 2.04
CA ALA I 78 -38.17 3.09 2.24
C ALA I 78 -39.36 3.70 1.49
N GLY I 79 -39.33 5.01 1.25
CA GLY I 79 -40.42 5.67 0.57
C GLY I 79 -40.36 5.52 -0.94
N THR I 80 -39.15 5.68 -1.51
CA THR I 80 -39.00 5.58 -2.96
C THR I 80 -39.21 4.15 -3.47
N LEU I 81 -39.10 3.15 -2.62
CA LEU I 81 -39.36 1.76 -2.99
C LEU I 81 -40.62 1.22 -2.31
N SER I 82 -41.54 2.09 -1.92
CA SER I 82 -42.73 1.63 -1.22
C SER I 82 -43.67 0.85 -2.13
N LYS I 83 -43.58 1.03 -3.45
CA LYS I 83 -44.43 0.24 -4.34
C LYS I 83 -43.85 -1.16 -4.53
N LEU I 84 -42.55 -1.26 -4.80
CA LEU I 84 -41.90 -2.57 -4.93
C LEU I 84 -41.81 -3.31 -3.61
N SER I 85 -41.97 -2.61 -2.47
CA SER I 85 -41.86 -3.27 -1.18
C SER I 85 -42.99 -4.28 -0.99
N ASP I 86 -44.23 -3.91 -1.34
CA ASP I 86 -45.33 -4.85 -1.26
C ASP I 86 -45.22 -5.96 -2.31
N LEU I 87 -44.62 -5.67 -3.46
CA LEU I 87 -44.52 -6.68 -4.50
C LEU I 87 -43.68 -7.86 -4.05
N HIS I 88 -42.56 -7.60 -3.37
CA HIS I 88 -41.66 -8.66 -2.95
C HIS I 88 -42.02 -9.24 -1.58
N ALA I 89 -42.52 -8.41 -0.67
CA ALA I 89 -42.75 -8.86 0.69
C ALA I 89 -44.15 -9.37 0.93
N HIS I 90 -45.14 -8.89 0.19
CA HIS I 90 -46.53 -9.20 0.51
C HIS I 90 -47.19 -10.10 -0.53
N LYS I 91 -46.78 -10.00 -1.81
CA LYS I 91 -47.30 -10.86 -2.86
C LYS I 91 -46.32 -11.97 -3.24
N LEU I 92 -45.10 -11.61 -3.67
CA LEU I 92 -44.15 -12.61 -4.12
C LEU I 92 -43.59 -13.43 -2.97
N ARG I 93 -43.50 -12.86 -1.77
CA ARG I 93 -42.97 -13.55 -0.60
C ARG I 93 -41.53 -14.03 -0.86
N VAL I 94 -40.67 -13.07 -1.20
CA VAL I 94 -39.28 -13.39 -1.53
C VAL I 94 -38.51 -13.66 -0.24
N ASP I 95 -37.80 -14.78 -0.22
CA ASP I 95 -36.99 -15.13 0.94
C ASP I 95 -35.85 -14.12 1.09
N PRO I 96 -35.68 -13.51 2.27
CA PRO I 96 -34.72 -12.40 2.40
C PRO I 96 -33.28 -12.78 2.06
N VAL I 97 -32.91 -14.06 2.15
CA VAL I 97 -31.56 -14.47 1.82
C VAL I 97 -31.27 -14.39 0.33
N ASN I 98 -32.28 -14.19 -0.50
CA ASN I 98 -32.07 -14.02 -1.93
C ASN I 98 -31.53 -12.63 -2.27
N PHE I 99 -31.92 -11.62 -1.49
CA PHE I 99 -31.42 -10.27 -1.73
C PHE I 99 -29.91 -10.20 -1.51
N LYS I 100 -29.40 -10.97 -0.54
CA LYS I 100 -27.96 -11.10 -0.38
C LYS I 100 -27.32 -11.69 -1.62
N LEU I 101 -27.98 -12.66 -2.25
CA LEU I 101 -27.43 -13.28 -3.45
C LEU I 101 -27.43 -12.30 -4.61
N LEU I 102 -28.49 -11.51 -4.76
CA LEU I 102 -28.55 -10.55 -5.86
C LEU I 102 -27.61 -9.38 -5.62
N GLY I 103 -27.56 -8.86 -4.39
CA GLY I 103 -26.65 -7.78 -4.09
C GLY I 103 -25.20 -8.16 -4.33
N GLN I 104 -24.87 -9.44 -4.18
CA GLN I 104 -23.50 -9.89 -4.36
C GLN I 104 -23.22 -10.16 -5.84
N CYS I 105 -24.21 -10.62 -6.60
CA CYS I 105 -24.08 -10.71 -8.06
C CYS I 105 -23.92 -9.33 -8.68
N PHE I 106 -24.66 -8.34 -8.17
CA PHE I 106 -24.53 -6.98 -8.68
C PHE I 106 -23.11 -6.45 -8.43
N LEU I 107 -22.57 -6.70 -7.24
CA LEU I 107 -21.19 -6.29 -6.96
C LEU I 107 -20.22 -6.94 -7.92
N VAL I 108 -20.47 -8.20 -8.30
CA VAL I 108 -19.63 -8.87 -9.29
C VAL I 108 -19.65 -8.12 -10.61
N VAL I 109 -20.83 -7.67 -11.03
CA VAL I 109 -20.95 -7.01 -12.33
C VAL I 109 -20.21 -5.67 -12.32
N VAL I 110 -20.39 -4.88 -11.25
CA VAL I 110 -19.74 -3.57 -11.22
C VAL I 110 -18.24 -3.72 -11.00
N ALA I 111 -17.79 -4.84 -10.44
CA ALA I 111 -16.36 -5.11 -10.32
C ALA I 111 -15.77 -5.53 -11.66
N ILE I 112 -16.52 -6.31 -12.44
CA ILE I 112 -16.05 -6.70 -13.77
C ILE I 112 -15.94 -5.49 -14.69
N HIS I 113 -16.96 -4.62 -14.66
CA HIS I 113 -17.01 -3.51 -15.59
C HIS I 113 -16.32 -2.24 -15.07
N HIS I 114 -16.10 -2.15 -13.76
CA HIS I 114 -15.49 -0.95 -13.17
C HIS I 114 -14.62 -1.37 -12.00
N PRO I 115 -13.54 -2.12 -12.26
CA PRO I 115 -12.70 -2.58 -11.14
C PRO I 115 -11.98 -1.44 -10.43
N ALA I 116 -11.53 -0.42 -11.15
CA ALA I 116 -10.89 0.71 -10.52
C ALA I 116 -11.87 1.54 -9.70
N ALA I 117 -13.13 1.62 -10.16
CA ALA I 117 -14.15 2.36 -9.42
C ALA I 117 -14.53 1.67 -8.13
N LEU I 118 -14.48 0.33 -8.09
CA LEU I 118 -14.93 -0.42 -6.92
C LEU I 118 -13.73 -0.67 -5.99
N THR I 119 -13.26 0.44 -5.40
CA THR I 119 -12.28 0.36 -4.34
C THR I 119 -12.93 -0.30 -3.13
N PRO I 120 -12.15 -0.85 -2.20
CA PRO I 120 -12.78 -1.51 -1.05
C PRO I 120 -13.68 -0.60 -0.23
N GLU I 121 -13.42 0.71 -0.20
CA GLU I 121 -14.36 1.63 0.44
C GLU I 121 -15.68 1.69 -0.30
N VAL I 122 -15.64 1.78 -1.63
CA VAL I 122 -16.86 1.79 -2.42
C VAL I 122 -17.55 0.43 -2.34
N HIS I 123 -16.77 -0.64 -2.29
CA HIS I 123 -17.30 -1.97 -2.00
C HIS I 123 -18.12 -1.95 -0.71
N ALA I 124 -17.57 -1.33 0.33
CA ALA I 124 -18.24 -1.29 1.63
C ALA I 124 -19.48 -0.40 1.61
N SER I 125 -19.51 0.58 0.72
CA SER I 125 -20.68 1.46 0.64
C SER I 125 -21.80 0.82 -0.16
N LEU I 126 -21.49 0.16 -1.28
CA LEU I 126 -22.51 -0.58 -2.01
C LEU I 126 -23.10 -1.72 -1.18
N ASP I 127 -22.30 -2.36 -0.34
CA ASP I 127 -22.85 -3.39 0.53
C ASP I 127 -23.82 -2.78 1.53
N LYS I 128 -23.48 -1.64 2.13
CA LYS I 128 -24.40 -0.98 3.05
C LYS I 128 -25.67 -0.53 2.33
N PHE I 129 -25.53 -0.01 1.11
CA PHE I 129 -26.68 0.41 0.33
C PHE I 129 -27.56 -0.78 -0.07
N LEU I 130 -26.94 -1.86 -0.56
CA LEU I 130 -27.71 -3.01 -0.99
C LEU I 130 -28.30 -3.79 0.18
N CYS I 131 -27.60 -3.81 1.32
CA CYS I 131 -28.15 -4.45 2.50
C CYS I 131 -29.31 -3.64 3.08
N ALA I 132 -29.44 -2.37 2.70
CA ALA I 132 -30.57 -1.55 3.07
C ALA I 132 -31.74 -1.69 2.10
N VAL I 133 -31.45 -1.70 0.80
CA VAL I 133 -32.51 -1.92 -0.19
C VAL I 133 -33.17 -3.27 0.02
N GLY I 134 -32.38 -4.29 0.34
CA GLY I 134 -32.94 -5.59 0.67
C GLY I 134 -33.83 -5.56 1.90
N THR I 135 -33.48 -4.74 2.89
CA THR I 135 -34.30 -4.63 4.09
C THR I 135 -35.64 -3.99 3.79
N VAL I 136 -35.66 -2.95 2.96
CA VAL I 136 -36.91 -2.27 2.62
C VAL I 136 -37.86 -3.21 1.88
N LEU I 137 -37.33 -4.01 0.96
CA LEU I 137 -38.13 -4.90 0.15
C LEU I 137 -38.63 -6.13 0.90
N THR I 138 -38.36 -6.26 2.19
CA THR I 138 -38.97 -7.27 3.05
C THR I 138 -39.39 -6.70 4.40
N ALA I 139 -39.75 -5.42 4.43
CA ALA I 139 -40.16 -4.77 5.68
C ALA I 139 -41.62 -5.06 5.99
N VAL J 2 -21.37 -33.06 -3.38
CA VAL J 2 -20.13 -32.48 -3.90
C VAL J 2 -19.62 -33.34 -5.05
N HIS J 3 -20.28 -33.22 -6.20
CA HIS J 3 -19.89 -33.92 -7.42
C HIS J 3 -19.50 -32.87 -8.46
N TRP J 4 -18.24 -32.92 -8.90
CA TRP J 4 -17.70 -31.90 -9.79
C TRP J 4 -17.81 -32.34 -11.23
N THR J 5 -18.18 -31.40 -12.10
CA THR J 5 -18.25 -31.67 -13.53
C THR J 5 -16.91 -31.35 -14.19
N ALA J 6 -16.76 -31.81 -15.43
CA ALA J 6 -15.52 -31.56 -16.16
C ALA J 6 -15.36 -30.08 -16.47
N GLU J 7 -16.47 -29.39 -16.78
CA GLU J 7 -16.39 -27.95 -17.03
C GLU J 7 -16.03 -27.19 -15.76
N GLU J 8 -16.57 -27.60 -14.62
CA GLU J 8 -16.22 -26.95 -13.36
C GLU J 8 -14.75 -27.15 -13.02
N LYS J 9 -14.24 -28.37 -13.22
CA LYS J 9 -12.81 -28.61 -13.03
C LYS J 9 -11.97 -27.78 -14.00
N GLN J 10 -12.45 -27.64 -15.23
CA GLN J 10 -11.77 -26.82 -16.24
C GLN J 10 -11.73 -25.36 -15.83
N LEU J 11 -12.84 -24.85 -15.29
CA LEU J 11 -12.94 -23.44 -14.92
C LEU J 11 -12.13 -23.13 -13.68
N ILE J 12 -12.14 -24.02 -12.69
CA ILE J 12 -11.39 -23.80 -11.47
C ILE J 12 -9.89 -23.94 -11.72
N THR J 13 -9.49 -24.96 -12.49
CA THR J 13 -8.08 -25.09 -12.87
C THR J 13 -7.63 -23.92 -13.74
N GLY J 14 -8.45 -23.53 -14.71
CA GLY J 14 -8.06 -22.45 -15.60
C GLY J 14 -7.84 -21.15 -14.87
N LEU J 15 -8.72 -20.84 -13.91
CA LEU J 15 -8.61 -19.55 -13.22
C LEU J 15 -7.39 -19.56 -12.29
N TRP J 16 -7.20 -20.67 -11.57
CA TRP J 16 -6.14 -20.75 -10.56
C TRP J 16 -4.75 -20.59 -11.18
N GLY J 17 -4.51 -21.19 -12.33
CA GLY J 17 -3.23 -21.04 -12.99
C GLY J 17 -2.90 -19.61 -13.39
N LYS J 18 -3.89 -18.73 -13.39
CA LYS J 18 -3.74 -17.36 -13.86
C LYS J 18 -3.89 -16.32 -12.75
N VAL J 19 -4.45 -16.70 -11.59
CA VAL J 19 -4.66 -15.77 -10.50
C VAL J 19 -3.34 -15.28 -9.94
N ASN J 20 -3.22 -13.98 -9.74
CA ASN J 20 -2.10 -13.42 -8.99
C ASN J 20 -2.41 -13.59 -7.51
N VAL J 21 -1.87 -14.67 -6.93
CA VAL J 21 -2.22 -15.05 -5.56
C VAL J 21 -1.80 -13.98 -4.56
N ALA J 22 -0.61 -13.41 -4.75
CA ALA J 22 -0.15 -12.38 -3.82
C ALA J 22 -1.08 -11.18 -3.82
N GLU J 23 -1.59 -10.79 -5.00
CA GLU J 23 -2.39 -9.58 -5.10
C GLU J 23 -3.84 -9.82 -4.69
N CYS J 24 -4.44 -10.90 -5.20
CA CYS J 24 -5.84 -11.19 -4.88
C CYS J 24 -6.01 -11.59 -3.42
N GLY J 25 -5.06 -12.36 -2.88
CA GLY J 25 -5.16 -12.76 -1.49
C GLY J 25 -5.10 -11.58 -0.54
N ALA J 26 -4.21 -10.63 -0.82
CA ALA J 26 -4.16 -9.41 -0.01
C ALA J 26 -5.42 -8.57 -0.20
N GLU J 27 -5.96 -8.54 -1.41
CA GLU J 27 -7.14 -7.72 -1.69
C GLU J 27 -8.37 -8.27 -0.97
N ALA J 28 -8.59 -9.59 -1.07
CA ALA J 28 -9.74 -10.20 -0.44
C ALA J 28 -9.70 -10.07 1.08
N LEU J 29 -8.51 -10.24 1.66
CA LEU J 29 -8.39 -10.15 3.11
C LEU J 29 -8.59 -8.70 3.57
N ALA J 30 -8.02 -7.75 2.84
CA ALA J 30 -8.16 -6.34 3.20
C ALA J 30 -9.62 -5.88 3.10
N ARG J 31 -10.32 -6.30 2.04
CA ARG J 31 -11.72 -5.91 1.91
C ARG J 31 -12.56 -6.51 3.02
N LEU J 32 -12.19 -7.69 3.51
CA LEU J 32 -12.93 -8.30 4.62
C LEU J 32 -12.87 -7.41 5.86
N LEU J 33 -11.70 -6.82 6.11
CA LEU J 33 -11.50 -6.05 7.33
C LEU J 33 -12.19 -4.67 7.30
N ILE J 34 -12.54 -4.15 6.13
CA ILE J 34 -13.21 -2.86 6.07
C ILE J 34 -14.68 -2.98 5.67
N VAL J 35 -15.07 -4.04 4.98
CA VAL J 35 -16.47 -4.23 4.62
C VAL J 35 -17.24 -4.84 5.80
N TYR J 36 -16.64 -5.83 6.46
CA TYR J 36 -17.22 -6.49 7.62
C TYR J 36 -16.27 -6.20 8.78
N PRO J 37 -16.36 -5.01 9.38
CA PRO J 37 -15.26 -4.54 10.25
C PRO J 37 -15.14 -5.27 11.57
N TRP J 38 -16.17 -5.99 12.02
CA TRP J 38 -16.09 -6.66 13.31
C TRP J 38 -15.04 -7.77 13.34
N THR J 39 -14.54 -8.19 12.18
CA THR J 39 -13.53 -9.22 12.07
C THR J 39 -12.13 -8.74 12.42
N GLN J 40 -11.94 -7.43 12.63
CA GLN J 40 -10.63 -6.92 12.99
C GLN J 40 -10.19 -7.42 14.37
N ARG J 41 -11.12 -7.94 15.18
CA ARG J 41 -10.76 -8.42 16.50
C ARG J 41 -9.79 -9.59 16.44
N PHE J 42 -9.85 -10.39 15.37
CA PHE J 42 -8.97 -11.54 15.25
C PHE J 42 -7.56 -11.17 14.80
N PHE J 43 -7.36 -9.94 14.35
CA PHE J 43 -6.06 -9.49 13.85
C PHE J 43 -5.52 -8.35 14.73
N ALA J 44 -5.72 -8.48 16.04
CA ALA J 44 -5.33 -7.41 16.96
C ALA J 44 -3.82 -7.19 16.94
N SER J 45 -3.05 -8.21 16.60
CA SER J 45 -1.59 -8.12 16.60
C SER J 45 -1.02 -7.70 15.26
N PHE J 46 -1.84 -7.48 14.24
CA PHE J 46 -1.26 -7.07 12.96
C PHE J 46 -0.87 -5.60 12.90
N GLY J 47 -1.23 -4.81 13.89
CA GLY J 47 -0.80 -3.42 13.94
C GLY J 47 -1.88 -2.45 13.47
N ASN J 48 -1.49 -1.52 12.60
CA ASN J 48 -2.35 -0.41 12.23
C ASN J 48 -3.50 -0.88 11.35
N LEU J 49 -4.71 -0.88 11.91
CA LEU J 49 -5.94 -1.24 11.21
C LEU J 49 -7.00 -0.16 11.40
N SER J 50 -6.56 1.09 11.60
CA SER J 50 -7.43 2.16 12.06
C SER J 50 -8.14 2.90 10.93
N SER J 51 -7.86 2.58 9.67
CA SER J 51 -8.53 3.20 8.54
C SER J 51 -8.45 2.26 7.35
N PRO J 52 -9.36 2.37 6.39
CA PRO J 52 -9.27 1.51 5.20
C PRO J 52 -7.94 1.64 4.47
N THR J 53 -7.39 2.85 4.34
CA THR J 53 -6.09 3.00 3.70
C THR J 53 -4.99 2.36 4.54
N ALA J 54 -5.08 2.47 5.86
CA ALA J 54 -4.09 1.81 6.72
C ALA J 54 -4.13 0.30 6.55
N ILE J 55 -5.31 -0.27 6.29
CA ILE J 55 -5.43 -1.70 6.13
C ILE J 55 -4.87 -2.15 4.77
N LEU J 56 -5.07 -1.36 3.72
CA LEU J 56 -4.48 -1.73 2.43
C LEU J 56 -2.96 -1.73 2.52
N GLY J 57 -2.38 -0.74 3.18
CA GLY J 57 -0.93 -0.64 3.30
C GLY J 57 -0.31 -1.51 4.38
N ASN J 58 -1.12 -2.13 5.22
CA ASN J 58 -0.58 -2.91 6.33
C ASN J 58 0.09 -4.17 5.80
N PRO J 59 1.41 -4.32 5.97
CA PRO J 59 2.10 -5.47 5.35
C PRO J 59 1.75 -6.82 5.94
N MET J 60 1.33 -6.88 7.22
CA MET J 60 0.96 -8.17 7.81
C MET J 60 -0.38 -8.68 7.28
N VAL J 61 -1.37 -7.80 7.12
CA VAL J 61 -2.59 -8.16 6.39
C VAL J 61 -2.26 -8.52 4.98
N ARG J 62 -1.37 -7.72 4.40
CA ARG J 62 -0.88 -7.90 3.06
C ARG J 62 -0.31 -9.29 2.85
N ALA J 63 0.47 -9.77 3.84
CA ALA J 63 1.13 -11.08 3.75
C ALA J 63 0.21 -12.23 4.15
N HIS J 64 -0.63 -12.03 5.17
CA HIS J 64 -1.52 -13.10 5.61
C HIS J 64 -2.58 -13.39 4.58
N GLY J 65 -3.05 -12.37 3.87
CA GLY J 65 -4.00 -12.59 2.80
C GLY J 65 -3.44 -13.47 1.70
N LYS J 66 -2.14 -13.35 1.42
CA LYS J 66 -1.50 -14.23 0.43
C LYS J 66 -1.57 -15.69 0.87
N LYS J 67 -1.29 -15.96 2.15
CA LYS J 67 -1.30 -17.34 2.62
C LYS J 67 -2.70 -17.93 2.64
N VAL J 68 -3.72 -17.10 2.91
CA VAL J 68 -5.09 -17.59 2.90
C VAL J 68 -5.49 -18.04 1.50
N LEU J 69 -5.25 -17.18 0.49
CA LEU J 69 -5.63 -17.54 -0.86
C LEU J 69 -4.73 -18.63 -1.42
N THR J 70 -3.50 -18.73 -0.90
CA THR J 70 -2.65 -19.87 -1.24
C THR J 70 -3.26 -21.18 -0.79
N SER J 71 -3.93 -21.18 0.36
CA SER J 71 -4.46 -22.45 0.85
C SER J 71 -5.62 -22.98 0.02
N PHE J 72 -6.19 -22.18 -0.89
CA PHE J 72 -7.14 -22.81 -1.82
C PHE J 72 -6.43 -23.67 -2.85
N GLY J 73 -5.11 -23.51 -3.01
CA GLY J 73 -4.38 -24.38 -3.92
C GLY J 73 -4.51 -25.84 -3.52
N ASP J 74 -4.42 -26.11 -2.21
CA ASP J 74 -4.64 -27.46 -1.72
C ASP J 74 -6.08 -27.93 -1.92
N ALA J 75 -7.02 -27.00 -2.07
CA ALA J 75 -8.40 -27.37 -2.37
C ALA J 75 -8.59 -27.63 -3.87
N VAL J 76 -7.95 -26.82 -4.72
CA VAL J 76 -8.09 -26.99 -6.16
C VAL J 76 -7.42 -28.28 -6.61
N LYS J 77 -6.29 -28.63 -6.00
CA LYS J 77 -5.56 -29.82 -6.42
C LYS J 77 -6.08 -31.10 -5.77
N ASN J 78 -6.97 -31.01 -4.78
CA ASN J 78 -7.79 -32.13 -4.30
C ASN J 78 -9.24 -31.63 -4.16
N LEU J 79 -9.99 -31.70 -5.26
CA LEU J 79 -11.36 -31.22 -5.26
C LEU J 79 -12.31 -32.24 -4.63
N ASP J 80 -12.12 -33.53 -4.93
CA ASP J 80 -12.93 -34.59 -4.36
C ASP J 80 -12.43 -35.01 -2.98
N ASN J 81 -11.55 -34.20 -2.37
CA ASN J 81 -11.05 -34.51 -1.03
C ASN J 81 -10.89 -33.25 -0.17
N ILE J 82 -11.76 -32.25 -0.36
CA ILE J 82 -11.59 -30.97 0.35
C ILE J 82 -11.82 -31.13 1.85
N LYS J 83 -12.71 -32.05 2.25
CA LYS J 83 -13.09 -32.17 3.66
C LYS J 83 -11.88 -32.51 4.52
N ASN J 84 -11.07 -33.48 4.10
CA ASN J 84 -9.89 -33.87 4.87
C ASN J 84 -8.79 -32.83 4.76
N THR J 85 -8.66 -32.21 3.59
CA THR J 85 -7.55 -31.28 3.36
C THR J 85 -7.55 -30.14 4.37
N PHE J 86 -8.73 -29.63 4.74
CA PHE J 86 -8.77 -28.51 5.67
C PHE J 86 -9.14 -28.92 7.09
N SER J 87 -9.03 -30.20 7.44
CA SER J 87 -9.26 -30.59 8.82
C SER J 87 -8.29 -29.89 9.75
N GLN J 88 -7.05 -29.68 9.28
CA GLN J 88 -6.04 -29.01 10.09
C GLN J 88 -6.46 -27.59 10.43
N LEU J 89 -6.81 -26.81 9.40
CA LEU J 89 -7.23 -25.43 9.61
C LEU J 89 -8.59 -25.34 10.29
N SER J 90 -9.43 -26.37 10.12
CA SER J 90 -10.73 -26.35 10.78
C SER J 90 -10.58 -26.31 12.30
N GLU J 91 -9.67 -27.12 12.85
CA GLU J 91 -9.40 -27.04 14.28
C GLU J 91 -8.77 -25.70 14.62
N LEU J 92 -7.81 -25.24 13.81
CA LEU J 92 -7.16 -23.95 14.04
C LEU J 92 -8.17 -22.83 14.19
N HIS J 93 -9.17 -22.78 13.32
CA HIS J 93 -10.11 -21.68 13.38
C HIS J 93 -11.19 -21.88 14.46
N CYS J 94 -11.45 -23.11 14.89
CA CYS J 94 -12.53 -23.32 15.86
C CYS J 94 -12.08 -23.10 17.30
N ASP J 95 -11.27 -24.00 17.81
CA ASP J 95 -10.88 -23.96 19.22
C ASP J 95 -9.58 -23.21 19.45
N LYS J 96 -8.84 -22.89 18.37
CA LYS J 96 -7.59 -22.15 18.49
C LYS J 96 -7.78 -20.67 18.18
N LEU J 97 -8.78 -20.30 17.38
CA LEU J 97 -9.02 -18.89 17.04
C LEU J 97 -10.46 -18.42 17.32
N HIS J 98 -11.41 -19.32 17.51
CA HIS J 98 -12.80 -18.96 17.88
C HIS J 98 -13.44 -18.04 16.85
N VAL J 99 -13.18 -18.30 15.56
CA VAL J 99 -13.82 -17.59 14.45
C VAL J 99 -15.15 -18.26 14.15
N ASP J 100 -16.20 -17.46 14.12
CA ASP J 100 -17.54 -17.98 13.84
C ASP J 100 -17.66 -18.33 12.35
N PRO J 101 -18.22 -19.50 12.03
CA PRO J 101 -18.21 -19.98 10.63
C PRO J 101 -18.87 -19.05 9.63
N GLU J 102 -19.79 -18.18 10.05
CA GLU J 102 -20.41 -17.27 9.07
C GLU J 102 -19.37 -16.38 8.41
N ASN J 103 -18.29 -16.05 9.13
CA ASN J 103 -17.21 -15.26 8.57
C ASN J 103 -16.53 -15.96 7.41
N PHE J 104 -16.58 -17.30 7.36
CA PHE J 104 -16.02 -18.05 6.24
C PHE J 104 -16.78 -17.75 4.95
N ARG J 105 -18.11 -17.79 5.02
CA ARG J 105 -18.92 -17.46 3.85
C ARG J 105 -18.64 -16.04 3.36
N LEU J 106 -18.47 -15.10 4.30
CA LEU J 106 -18.25 -13.71 3.92
C LEU J 106 -16.93 -13.54 3.18
N LEU J 107 -15.86 -14.18 3.66
CA LEU J 107 -14.58 -14.09 2.96
C LEU J 107 -14.68 -14.70 1.57
N GLY J 108 -15.41 -15.81 1.45
CA GLY J 108 -15.56 -16.43 0.15
C GLY J 108 -16.33 -15.58 -0.84
N ASP J 109 -17.36 -14.88 -0.36
CA ASP J 109 -18.08 -13.96 -1.25
C ASP J 109 -17.19 -12.82 -1.69
N ILE J 110 -16.39 -12.26 -0.77
CA ILE J 110 -15.48 -11.18 -1.14
C ILE J 110 -14.44 -11.68 -2.14
N LEU J 111 -13.98 -12.92 -1.98
CA LEU J 111 -13.01 -13.46 -2.92
C LEU J 111 -13.58 -13.53 -4.33
N ILE J 112 -14.87 -13.84 -4.44
CA ILE J 112 -15.53 -13.81 -5.76
C ILE J 112 -15.52 -12.39 -6.31
N ILE J 113 -15.75 -11.40 -5.45
CA ILE J 113 -15.72 -10.00 -5.89
C ILE J 113 -14.31 -9.64 -6.37
N VAL J 114 -13.29 -10.09 -5.65
CA VAL J 114 -11.91 -9.78 -6.00
C VAL J 114 -11.53 -10.45 -7.32
N LEU J 115 -11.85 -11.74 -7.46
CA LEU J 115 -11.55 -12.45 -8.69
C LEU J 115 -12.30 -11.84 -9.87
N ALA J 116 -13.54 -11.41 -9.66
CA ALA J 116 -14.31 -10.76 -10.71
C ALA J 116 -13.64 -9.46 -11.15
N ALA J 117 -13.14 -8.68 -10.19
CA ALA J 117 -12.51 -7.40 -10.53
C ALA J 117 -11.21 -7.61 -11.30
N HIS J 118 -10.47 -8.68 -11.02
CA HIS J 118 -9.19 -8.84 -11.67
C HIS J 118 -9.25 -9.63 -12.98
N PHE J 119 -10.35 -10.35 -13.27
CA PHE J 119 -10.41 -11.08 -14.53
C PHE J 119 -11.44 -10.56 -15.51
N SER J 120 -12.13 -9.46 -15.21
CA SER J 120 -12.94 -8.71 -16.18
C SER J 120 -13.96 -9.68 -16.81
N LYS J 121 -14.06 -9.73 -18.14
CA LYS J 121 -15.03 -10.56 -18.84
C LYS J 121 -14.59 -12.01 -18.98
N ASP J 122 -13.40 -12.35 -18.51
CA ASP J 122 -12.95 -13.74 -18.48
C ASP J 122 -13.57 -14.50 -17.31
N PHE J 123 -14.12 -13.77 -16.34
CA PHE J 123 -14.79 -14.36 -15.18
C PHE J 123 -16.28 -14.50 -15.51
N THR J 124 -16.56 -15.47 -16.39
CA THR J 124 -17.87 -15.62 -16.99
C THR J 124 -18.90 -16.01 -15.92
N PRO J 125 -20.20 -15.86 -16.22
CA PRO J 125 -21.22 -16.34 -15.26
C PRO J 125 -21.06 -17.81 -14.90
N GLU J 126 -20.71 -18.66 -15.86
CA GLU J 126 -20.44 -20.06 -15.52
C GLU J 126 -19.18 -20.17 -14.68
N CYS J 127 -18.17 -19.36 -14.97
CA CYS J 127 -16.94 -19.38 -14.18
C CYS J 127 -17.18 -18.90 -12.76
N GLN J 128 -18.08 -17.93 -12.58
CA GLN J 128 -18.46 -17.51 -11.24
C GLN J 128 -19.13 -18.64 -10.48
N ALA J 129 -19.98 -19.41 -11.17
CA ALA J 129 -20.70 -20.48 -10.50
C ALA J 129 -19.76 -21.54 -9.94
N ALA J 130 -18.75 -21.92 -10.72
CA ALA J 130 -17.81 -22.96 -10.27
C ALA J 130 -17.03 -22.49 -9.05
N TRP J 131 -16.52 -21.25 -9.08
CA TRP J 131 -15.76 -20.75 -7.94
C TRP J 131 -16.64 -20.40 -6.76
N GLN J 132 -17.89 -20.02 -6.99
CA GLN J 132 -18.82 -19.87 -5.88
C GLN J 132 -19.09 -21.20 -5.21
N LYS J 133 -19.11 -22.29 -5.97
CA LYS J 133 -19.23 -23.63 -5.39
C LYS J 133 -17.99 -23.98 -4.58
N LEU J 134 -16.80 -23.73 -5.16
CA LEU J 134 -15.55 -24.05 -4.46
C LEU J 134 -15.45 -23.26 -3.17
N VAL J 135 -15.85 -21.99 -3.19
CA VAL J 135 -15.91 -21.20 -1.97
C VAL J 135 -16.87 -21.82 -0.96
N ARG J 136 -18.02 -22.31 -1.41
CA ARG J 136 -18.92 -22.99 -0.47
C ARG J 136 -18.24 -24.16 0.21
N VAL J 137 -17.62 -25.05 -0.57
CA VAL J 137 -17.13 -26.31 0.01
C VAL J 137 -15.98 -26.05 0.98
N VAL J 138 -15.12 -25.06 0.69
CA VAL J 138 -14.05 -24.72 1.62
C VAL J 138 -14.62 -24.17 2.91
N ALA J 139 -15.67 -23.34 2.82
CA ALA J 139 -16.32 -22.84 4.03
C ALA J 139 -17.08 -23.96 4.75
N HIS J 140 -17.78 -24.82 4.01
CA HIS J 140 -18.41 -25.99 4.62
C HIS J 140 -17.42 -27.07 4.96
N ALA J 141 -16.12 -26.78 4.93
CA ALA J 141 -15.10 -27.71 5.41
C ALA J 141 -14.29 -27.16 6.58
N LEU J 142 -14.14 -25.84 6.68
CA LEU J 142 -13.52 -25.24 7.87
C LEU J 142 -14.44 -25.29 9.07
N ALA J 143 -15.73 -25.51 8.87
CA ALA J 143 -16.71 -25.54 9.95
C ALA J 143 -17.01 -26.96 10.42
N ARG J 144 -16.36 -27.98 9.88
CA ARG J 144 -16.76 -29.35 10.18
C ARG J 144 -16.13 -29.88 11.45
N LYS J 145 -15.29 -29.10 12.11
CA LYS J 145 -14.77 -29.46 13.43
C LYS J 145 -15.35 -28.54 14.49
N TYR J 146 -16.64 -28.20 14.39
CA TYR J 146 -17.29 -27.50 15.49
C TYR J 146 -18.33 -28.40 16.14
N THR K 64 -50.04 -64.23 28.57
CA THR K 64 -50.55 -63.38 27.51
C THR K 64 -51.40 -62.26 28.10
N ALA K 65 -51.46 -61.14 27.40
CA ALA K 65 -52.24 -59.98 27.80
C ALA K 65 -53.42 -59.80 26.87
N GLU K 66 -54.54 -59.33 27.43
CA GLU K 66 -55.70 -59.07 26.61
C GLU K 66 -55.50 -57.75 25.85
N VAL K 67 -55.97 -57.71 24.60
CA VAL K 67 -55.75 -56.56 23.73
C VAL K 67 -57.12 -56.05 23.27
N ARG K 68 -57.18 -54.78 22.93
CA ARG K 68 -58.41 -54.16 22.48
C ARG K 68 -58.09 -53.06 21.47
N LEU K 69 -59.09 -52.73 20.67
CA LEU K 69 -58.96 -51.69 19.65
C LEU K 69 -59.97 -50.60 19.95
N VAL K 70 -59.54 -49.34 19.89
CA VAL K 70 -60.29 -48.22 20.43
C VAL K 70 -60.36 -47.10 19.40
N ASP K 71 -61.52 -46.45 19.31
CA ASP K 71 -61.74 -45.23 18.55
C ASP K 71 -61.72 -45.45 17.03
N GLY K 72 -61.97 -46.66 16.57
CA GLY K 72 -62.03 -46.94 15.15
C GLY K 72 -63.46 -47.02 14.66
N PRO K 73 -63.64 -47.25 13.35
CA PRO K 73 -65.01 -47.39 12.82
C PRO K 73 -65.76 -48.57 13.43
N ASN K 74 -65.04 -49.57 13.94
CA ASN K 74 -65.60 -50.73 14.60
C ASN K 74 -64.54 -51.29 15.55
N ARG K 75 -64.77 -52.46 16.12
CA ARG K 75 -63.76 -53.05 17.02
C ARG K 75 -62.76 -53.95 16.33
N CYS K 76 -62.77 -54.04 15.01
CA CYS K 76 -61.67 -54.67 14.30
C CYS K 76 -60.70 -53.64 13.74
N SER K 77 -60.82 -52.38 14.16
CA SER K 77 -59.86 -51.35 13.79
C SER K 77 -59.83 -50.30 14.89
N GLY K 78 -58.65 -49.77 15.18
CA GLY K 78 -58.50 -48.72 16.17
C GLY K 78 -57.12 -48.75 16.78
N ARG K 79 -56.95 -47.89 17.79
CA ARG K 79 -55.69 -47.80 18.50
C ARG K 79 -55.44 -49.06 19.32
N VAL K 80 -54.25 -49.62 19.20
CA VAL K 80 -53.90 -50.84 19.92
C VAL K 80 -53.61 -50.50 21.37
N GLU K 81 -54.32 -51.16 22.28
CA GLU K 81 -54.10 -51.04 23.72
C GLU K 81 -53.97 -52.42 24.32
N VAL K 82 -52.99 -52.59 25.19
CA VAL K 82 -52.73 -53.85 25.88
C VAL K 82 -53.06 -53.68 27.36
N LEU K 83 -53.35 -54.80 28.00
CA LEU K 83 -53.63 -54.84 29.43
C LEU K 83 -52.43 -55.41 30.16
N HIS K 84 -51.98 -54.71 31.20
CA HIS K 84 -50.79 -55.15 31.93
C HIS K 84 -50.88 -54.58 33.34
N ASN K 85 -50.86 -55.48 34.34
CA ASN K 85 -50.97 -55.10 35.76
C ASN K 85 -52.22 -54.27 36.01
N ASP K 86 -53.34 -54.73 35.45
CA ASP K 86 -54.65 -54.09 35.56
C ASP K 86 -54.65 -52.64 35.08
N VAL K 87 -53.66 -52.26 34.28
CA VAL K 87 -53.57 -50.92 33.72
C VAL K 87 -53.49 -51.05 32.20
N TRP K 88 -54.44 -50.43 31.51
CA TRP K 88 -54.41 -50.43 30.05
C TRP K 88 -53.42 -49.39 29.55
N GLY K 89 -52.64 -49.76 28.54
CA GLY K 89 -51.66 -48.86 27.97
C GLY K 89 -51.61 -48.99 26.46
N THR K 90 -50.95 -48.02 25.83
CA THR K 90 -50.81 -48.00 24.39
C THR K 90 -49.50 -48.67 23.97
N VAL K 91 -49.25 -48.70 22.66
CA VAL K 91 -48.08 -49.36 22.09
C VAL K 91 -47.40 -48.39 21.15
N CYS K 92 -46.14 -48.06 21.44
CA CYS K 92 -45.36 -47.20 20.56
C CYS K 92 -45.16 -47.84 19.19
N ASP K 93 -44.96 -47.00 18.18
CA ASP K 93 -44.96 -47.45 16.79
C ASP K 93 -43.57 -47.62 16.19
N GLU K 94 -42.51 -47.56 17.00
CA GLU K 94 -41.18 -47.93 16.49
C GLU K 94 -41.15 -49.41 16.12
N GLY K 95 -40.77 -49.68 14.87
CA GLY K 95 -40.76 -51.03 14.36
C GLY K 95 -42.12 -51.65 14.20
N TRP K 96 -43.19 -50.84 14.23
CA TRP K 96 -44.54 -51.35 14.10
C TRP K 96 -44.85 -51.61 12.62
N ASP K 97 -45.21 -52.85 12.31
CA ASP K 97 -45.57 -53.23 10.95
C ASP K 97 -46.59 -54.36 11.01
N LEU K 98 -46.86 -54.98 9.85
CA LEU K 98 -47.94 -55.96 9.75
C LEU K 98 -47.69 -57.22 10.56
N ARG K 99 -46.45 -57.54 10.89
CA ARG K 99 -46.18 -58.73 11.69
C ARG K 99 -46.80 -58.58 13.08
N GLU K 100 -46.69 -57.40 13.68
CA GLU K 100 -47.43 -57.15 14.91
C GLU K 100 -48.92 -56.98 14.64
N ALA K 101 -49.27 -56.43 13.49
CA ALA K 101 -50.67 -56.19 13.17
C ALA K 101 -51.44 -57.51 13.07
N ARG K 102 -50.91 -58.47 12.30
CA ARG K 102 -51.65 -59.71 12.10
C ARG K 102 -51.65 -60.60 13.33
N VAL K 103 -50.75 -60.35 14.28
CA VAL K 103 -50.84 -61.01 15.57
C VAL K 103 -52.06 -60.50 16.34
N VAL K 104 -52.33 -59.20 16.28
CA VAL K 104 -53.48 -58.65 16.98
C VAL K 104 -54.77 -59.07 16.30
N CYS K 105 -54.83 -58.97 14.97
CA CYS K 105 -56.05 -59.30 14.24
C CYS K 105 -56.40 -60.78 14.41
N ARG K 106 -55.39 -61.66 14.39
CA ARG K 106 -55.65 -63.06 14.70
C ARG K 106 -56.08 -63.24 16.16
N GLN K 107 -55.42 -62.53 17.08
CA GLN K 107 -55.72 -62.69 18.50
C GLN K 107 -57.18 -62.37 18.81
N LEU K 108 -57.69 -61.28 18.24
CA LEU K 108 -59.06 -60.85 18.51
C LEU K 108 -60.09 -61.61 17.69
N GLY K 109 -59.65 -62.47 16.77
CA GLY K 109 -60.57 -63.05 15.80
C GLY K 109 -61.20 -62.03 14.86
N CYS K 110 -60.40 -61.09 14.35
CA CYS K 110 -60.90 -59.97 13.56
C CYS K 110 -60.45 -60.03 12.09
N GLY K 111 -59.80 -61.10 11.64
CA GLY K 111 -59.53 -61.25 10.25
C GLY K 111 -58.06 -61.28 9.93
N THR K 112 -57.65 -60.45 8.91
CA THR K 112 -56.41 -60.67 8.19
C THR K 112 -55.45 -59.47 8.15
N ALA K 113 -55.66 -58.39 8.92
CA ALA K 113 -54.67 -57.36 9.13
C ALA K 113 -54.31 -56.61 7.84
N LEU K 114 -55.26 -55.78 7.43
CA LEU K 114 -55.12 -54.91 6.26
C LEU K 114 -54.02 -53.87 6.44
N SER K 115 -53.88 -53.27 7.61
CA SER K 115 -52.93 -52.16 7.77
C SER K 115 -52.35 -52.11 9.18
N SER K 116 -51.25 -51.37 9.30
CA SER K 116 -50.58 -51.14 10.58
C SER K 116 -50.30 -49.64 10.74
N PRO K 117 -51.35 -48.84 10.92
CA PRO K 117 -51.18 -47.37 10.87
C PRO K 117 -50.39 -46.85 12.07
N LYS K 118 -49.38 -46.05 11.79
CA LYS K 118 -48.56 -45.43 12.82
C LYS K 118 -48.97 -43.99 13.04
N LYS K 119 -48.54 -43.45 14.19
CA LYS K 119 -48.66 -42.03 14.51
C LYS K 119 -50.11 -41.58 14.67
N SER K 120 -50.85 -42.30 15.52
CA SER K 120 -52.13 -41.84 16.06
C SER K 120 -53.18 -41.63 14.96
N LYS K 121 -53.36 -42.63 14.11
CA LYS K 121 -54.43 -42.54 13.11
C LYS K 121 -55.80 -42.51 13.79
N TYR K 122 -55.95 -43.24 14.89
CA TYR K 122 -57.24 -43.29 15.58
C TYR K 122 -57.10 -42.64 16.95
N GLY K 123 -56.44 -41.49 16.98
CA GLY K 123 -56.33 -40.69 18.18
C GLY K 123 -55.18 -41.13 19.07
N GLU K 124 -54.84 -40.23 19.99
CA GLU K 124 -53.80 -40.51 20.97
C GLU K 124 -54.44 -41.16 22.19
N GLY K 125 -53.84 -42.24 22.66
CA GLY K 125 -54.20 -42.75 23.97
C GLY K 125 -53.67 -41.83 25.05
N LYS K 126 -54.05 -42.14 26.28
CA LYS K 126 -53.57 -41.38 27.43
C LYS K 126 -53.04 -42.35 28.47
N GLY K 127 -52.33 -41.82 29.46
CA GLY K 127 -51.79 -42.65 30.51
C GLY K 127 -50.54 -43.43 30.11
N GLN K 128 -50.53 -44.72 30.46
CA GLN K 128 -49.33 -45.52 30.30
C GLN K 128 -49.11 -45.93 28.84
N ILE K 129 -47.84 -46.04 28.47
CA ILE K 129 -47.42 -46.71 27.23
C ILE K 129 -46.66 -47.96 27.64
N TRP K 130 -47.17 -49.14 27.27
CA TRP K 130 -46.52 -50.36 27.73
C TRP K 130 -45.40 -50.85 26.81
N LEU K 131 -45.69 -51.02 25.52
CA LEU K 131 -44.77 -51.70 24.63
C LEU K 131 -44.18 -50.74 23.61
N SER K 132 -42.95 -51.02 23.20
CA SER K 132 -42.25 -50.23 22.19
C SER K 132 -41.20 -51.11 21.52
N ASP K 133 -40.91 -50.82 20.26
CA ASP K 133 -39.98 -51.61 19.45
C ASP K 133 -40.34 -53.09 19.48
N LEU K 134 -41.60 -53.38 19.17
CA LEU K 134 -42.02 -54.76 18.95
C LEU K 134 -41.37 -55.31 17.70
N ASP K 135 -40.93 -56.56 17.78
CA ASP K 135 -40.33 -57.27 16.66
C ASP K 135 -40.97 -58.65 16.53
N CYS K 136 -42.31 -58.67 16.52
CA CYS K 136 -43.04 -59.91 16.34
C CYS K 136 -42.66 -60.56 15.02
N LYS K 137 -42.54 -61.89 15.06
CA LYS K 137 -42.34 -62.70 13.87
C LYS K 137 -43.59 -62.82 13.01
N GLY K 138 -44.76 -62.54 13.57
CA GLY K 138 -46.02 -62.67 12.86
C GLY K 138 -46.84 -63.86 13.28
N THR K 139 -46.25 -64.83 14.00
CA THR K 139 -46.95 -66.02 14.44
C THR K 139 -47.16 -66.07 15.95
N GLU K 140 -46.78 -65.03 16.68
CA GLU K 140 -46.92 -65.05 18.13
C GLU K 140 -48.39 -65.08 18.54
N GLY K 141 -48.66 -65.78 19.64
CA GLY K 141 -50.03 -65.91 20.10
C GLY K 141 -50.64 -64.59 20.55
N SER K 142 -49.88 -63.82 21.33
CA SER K 142 -50.36 -62.52 21.79
C SER K 142 -49.26 -61.49 21.54
N LEU K 143 -49.47 -60.27 21.99
CA LEU K 143 -48.53 -59.20 21.70
C LEU K 143 -47.40 -59.11 22.72
N SER K 144 -47.62 -59.60 23.95
CA SER K 144 -46.57 -59.66 24.96
C SER K 144 -45.55 -60.75 24.69
N ASN K 145 -45.92 -61.78 23.94
CA ASN K 145 -45.04 -62.91 23.66
C ASN K 145 -44.04 -62.63 22.55
N CYS K 146 -43.88 -61.36 22.16
CA CYS K 146 -42.94 -60.95 21.15
C CYS K 146 -41.69 -60.34 21.77
N LYS K 147 -40.58 -60.41 21.03
CA LYS K 147 -39.41 -59.64 21.42
C LYS K 147 -39.74 -58.16 21.35
N SER K 148 -39.42 -57.44 22.42
CA SER K 148 -39.65 -56.00 22.46
C SER K 148 -38.87 -55.40 23.60
N LYS K 149 -39.06 -54.11 23.80
CA LYS K 149 -38.51 -53.43 24.96
C LYS K 149 -39.32 -53.81 26.21
N PRO K 150 -38.69 -53.76 27.39
CA PRO K 150 -39.42 -54.12 28.60
C PRO K 150 -40.61 -53.21 28.86
N TRP K 151 -41.50 -53.69 29.72
CA TRP K 151 -42.78 -53.02 29.95
C TRP K 151 -42.59 -51.62 30.49
N GLY K 152 -43.29 -50.66 29.89
CA GLY K 152 -43.31 -49.29 30.34
C GLY K 152 -42.07 -48.49 29.99
N GLU K 153 -41.00 -49.19 29.64
CA GLU K 153 -39.69 -48.58 29.47
C GLU K 153 -39.48 -48.27 28.00
N ASN K 154 -39.53 -46.98 27.65
CA ASN K 154 -39.53 -46.56 26.25
C ASN K 154 -39.11 -45.09 26.21
N ILE K 155 -38.91 -44.58 24.99
CA ILE K 155 -38.56 -43.18 24.80
C ILE K 155 -39.55 -42.54 23.84
N CYS K 156 -40.79 -43.00 23.87
CA CYS K 156 -41.82 -42.57 22.94
C CYS K 156 -42.76 -41.54 23.57
N ASN K 157 -43.58 -40.95 22.69
CA ASN K 157 -44.66 -40.03 23.05
C ASN K 157 -45.95 -40.55 22.42
N HIS K 158 -47.08 -40.24 23.06
CA HIS K 158 -48.37 -40.78 22.66
C HIS K 158 -48.75 -40.47 21.22
N VAL K 159 -48.18 -39.43 20.62
CA VAL K 159 -48.41 -39.16 19.21
C VAL K 159 -47.96 -40.34 18.36
N GLU K 160 -46.98 -41.11 18.83
CA GLU K 160 -46.63 -42.36 18.17
C GLU K 160 -47.37 -43.55 18.81
N ASP K 161 -48.70 -43.52 18.81
CA ASP K 161 -49.47 -44.69 19.24
C ASP K 161 -49.90 -45.52 18.03
N ALA K 162 -49.58 -46.80 18.07
CA ALA K 162 -49.81 -47.70 16.96
C ALA K 162 -51.28 -48.10 16.89
N SER K 163 -51.71 -48.42 15.67
CA SER K 163 -53.08 -48.82 15.38
C SER K 163 -53.04 -50.09 14.53
N VAL K 164 -54.22 -50.63 14.23
CA VAL K 164 -54.32 -51.78 13.34
C VAL K 164 -55.69 -51.74 12.67
N GLU K 165 -55.75 -52.28 11.45
CA GLU K 165 -57.00 -52.34 10.70
C GLU K 165 -57.17 -53.78 10.21
N CYS K 166 -58.22 -54.44 10.69
CA CYS K 166 -58.47 -55.83 10.36
C CYS K 166 -59.65 -55.89 9.39
N SER K 167 -59.78 -57.02 8.69
CA SER K 167 -60.79 -57.16 7.64
C SER K 167 -62.15 -57.56 8.16
N GLY K 168 -62.22 -58.25 9.30
CA GLY K 168 -63.48 -58.69 9.87
C GLY K 168 -64.06 -59.93 9.25
N THR K 169 -63.60 -60.33 8.07
CA THR K 169 -64.10 -61.50 7.38
C THR K 169 -62.93 -62.31 6.82
N GLU K 170 -63.18 -63.60 6.60
CA GLU K 170 -62.14 -64.51 6.12
C GLU K 170 -61.83 -64.20 4.66
N ILE K 171 -60.68 -63.56 4.43
CA ILE K 171 -60.24 -63.16 3.11
C ILE K 171 -58.81 -63.69 2.96
N PRO K 172 -58.36 -64.08 1.77
CA PRO K 172 -56.99 -64.63 1.65
C PRO K 172 -55.92 -63.56 1.80
N GLU K 173 -56.32 -62.35 2.23
CA GLU K 173 -55.60 -61.07 2.28
C GLU K 173 -55.04 -60.75 0.89
N PRO K 174 -54.97 -59.47 0.53
CA PRO K 174 -54.64 -59.11 -0.85
C PRO K 174 -53.16 -59.29 -1.15
N GLY K 175 -52.87 -59.30 -2.45
CA GLY K 175 -51.52 -59.50 -2.94
C GLY K 175 -50.62 -58.32 -2.67
N PRO K 176 -49.55 -58.19 -3.46
CA PRO K 176 -48.57 -57.12 -3.23
C PRO K 176 -49.02 -55.74 -3.67
N LEU K 177 -50.26 -55.59 -4.13
CA LEU K 177 -50.72 -54.33 -4.69
C LEU K 177 -52.21 -54.16 -4.47
N ARG K 178 -52.62 -52.96 -4.07
CA ARG K 178 -54.02 -52.65 -3.87
C ARG K 178 -54.25 -51.18 -4.16
N LEU K 179 -55.50 -50.84 -4.47
CA LEU K 179 -55.93 -49.47 -4.70
C LEU K 179 -56.92 -49.05 -3.62
N VAL K 180 -56.62 -47.94 -2.97
CA VAL K 180 -57.25 -47.54 -1.73
C VAL K 180 -57.97 -46.21 -1.92
N GLY K 181 -59.17 -46.09 -1.33
CA GLY K 181 -59.86 -44.82 -1.23
C GLY K 181 -60.81 -44.52 -2.36
N GLY K 182 -60.89 -45.37 -3.38
CA GLY K 182 -61.79 -45.15 -4.48
C GLY K 182 -63.15 -45.77 -4.23
N PRO K 183 -64.02 -45.74 -5.26
CA PRO K 183 -65.33 -46.38 -5.11
C PRO K 183 -65.26 -47.89 -5.02
N ASN K 184 -64.16 -48.51 -5.42
CA ASN K 184 -64.10 -49.96 -5.53
C ASN K 184 -62.65 -50.36 -5.75
N ARG K 185 -62.42 -51.63 -6.10
CA ARG K 185 -61.06 -52.14 -6.26
C ARG K 185 -60.29 -51.36 -7.31
N CYS K 186 -60.89 -51.14 -8.47
CA CYS K 186 -60.17 -50.70 -9.66
C CYS K 186 -60.05 -49.17 -9.75
N ALA K 187 -60.17 -48.48 -8.62
CA ALA K 187 -60.04 -47.02 -8.59
C ALA K 187 -59.50 -46.62 -7.24
N GLY K 188 -58.49 -45.74 -7.23
CA GLY K 188 -57.93 -45.28 -5.97
C GLY K 188 -56.44 -45.04 -5.98
N ARG K 189 -55.93 -44.51 -4.88
CA ARG K 189 -54.49 -44.31 -4.72
C ARG K 189 -53.77 -45.65 -4.59
N VAL K 190 -52.63 -45.77 -5.26
CA VAL K 190 -51.87 -47.01 -5.34
C VAL K 190 -51.08 -47.20 -4.05
N GLU K 191 -51.15 -48.42 -3.49
CA GLU K 191 -50.31 -48.81 -2.37
C GLU K 191 -49.71 -50.19 -2.64
N VAL K 192 -48.44 -50.34 -2.31
CA VAL K 192 -47.68 -51.56 -2.53
C VAL K 192 -47.22 -52.12 -1.19
N LEU K 193 -47.11 -53.44 -1.13
CA LEU K 193 -46.73 -54.14 0.09
C LEU K 193 -45.27 -54.56 -0.01
N HIS K 194 -44.44 -54.05 0.89
CA HIS K 194 -43.01 -54.33 0.85
C HIS K 194 -42.44 -54.21 2.26
N GLU K 195 -41.60 -55.18 2.64
CA GLU K 195 -40.99 -55.23 3.97
C GLU K 195 -42.06 -55.10 5.06
N GLU K 196 -43.18 -55.79 4.84
CA GLU K 196 -44.27 -55.90 5.82
C GLU K 196 -44.88 -54.54 6.15
N GLN K 197 -44.83 -53.59 5.24
CA GLN K 197 -45.50 -52.32 5.46
C GLN K 197 -46.14 -51.87 4.15
N TRP K 198 -47.37 -51.36 4.23
CA TRP K 198 -48.02 -50.76 3.06
C TRP K 198 -47.51 -49.34 2.88
N GLY K 199 -47.09 -49.02 1.65
CA GLY K 199 -46.62 -47.70 1.34
C GLY K 199 -47.17 -47.23 0.01
N SER K 200 -47.18 -45.92 -0.16
CA SER K 200 -47.72 -45.30 -1.36
C SER K 200 -46.64 -45.10 -2.42
N VAL K 201 -47.08 -44.80 -3.63
CA VAL K 201 -46.21 -44.56 -4.78
C VAL K 201 -46.26 -43.08 -5.10
N CYS K 202 -45.10 -42.44 -5.21
CA CYS K 202 -45.04 -41.02 -5.55
C CYS K 202 -45.38 -40.81 -7.02
N HIS K 203 -46.06 -39.70 -7.32
CA HIS K 203 -46.55 -39.48 -8.67
C HIS K 203 -45.50 -38.96 -9.63
N ASP K 204 -44.25 -38.81 -9.19
CA ASP K 204 -43.21 -38.42 -10.12
C ASP K 204 -43.06 -39.48 -11.20
N GLU K 205 -43.07 -39.03 -12.45
CA GLU K 205 -42.93 -39.89 -13.62
C GLU K 205 -44.07 -40.91 -13.71
N TRP K 206 -45.24 -40.56 -13.18
CA TRP K 206 -46.39 -41.46 -13.10
C TRP K 206 -47.31 -41.17 -14.27
N ASP K 207 -47.15 -41.92 -15.36
CA ASP K 207 -47.91 -41.77 -16.59
C ASP K 207 -48.88 -42.94 -16.76
N ILE K 208 -49.52 -43.00 -17.93
CA ILE K 208 -50.53 -44.03 -18.17
C ILE K 208 -49.90 -45.42 -18.25
N ASN K 209 -48.58 -45.51 -18.49
CA ASN K 209 -47.91 -46.80 -18.54
C ASN K 209 -47.78 -47.41 -17.16
N ASP K 210 -47.48 -46.59 -16.15
CA ASP K 210 -47.41 -47.07 -14.78
C ASP K 210 -48.77 -47.59 -14.30
N ALA K 211 -49.82 -46.82 -14.57
CA ALA K 211 -51.17 -47.25 -14.18
C ALA K 211 -51.61 -48.48 -14.98
N GLN K 212 -51.10 -48.65 -16.19
CA GLN K 212 -51.43 -49.82 -17.00
C GLN K 212 -50.93 -51.10 -16.32
N VAL K 213 -49.71 -51.08 -15.79
CA VAL K 213 -49.15 -52.27 -15.14
C VAL K 213 -49.94 -52.59 -13.88
N VAL K 214 -50.39 -51.56 -13.17
CA VAL K 214 -51.22 -51.77 -11.98
C VAL K 214 -52.58 -52.37 -12.37
N CYS K 215 -53.22 -51.83 -13.41
CA CYS K 215 -54.53 -52.33 -13.81
C CYS K 215 -54.47 -53.77 -14.27
N LYS K 216 -53.44 -54.16 -15.05
CA LYS K 216 -53.37 -55.54 -15.50
C LYS K 216 -52.97 -56.48 -14.37
N GLN K 217 -52.16 -56.02 -13.42
CA GLN K 217 -51.80 -56.87 -12.28
C GLN K 217 -53.03 -57.21 -11.44
N LEU K 218 -53.90 -56.23 -11.22
CA LEU K 218 -55.12 -56.46 -10.44
C LEU K 218 -56.23 -57.11 -11.27
N GLY K 219 -56.04 -57.28 -12.57
CA GLY K 219 -57.10 -57.80 -13.41
C GLY K 219 -58.30 -56.88 -13.50
N CYS K 220 -58.03 -55.58 -13.71
CA CYS K 220 -59.06 -54.56 -13.80
C CYS K 220 -59.26 -54.03 -15.22
N GLY K 221 -58.90 -54.80 -16.23
CA GLY K 221 -58.93 -54.27 -17.59
C GLY K 221 -57.78 -53.31 -17.83
N ASP K 222 -58.00 -52.38 -18.75
CA ASP K 222 -56.98 -51.40 -19.09
C ASP K 222 -57.08 -50.16 -18.20
N ALA K 223 -56.01 -49.36 -18.22
CA ALA K 223 -55.96 -48.13 -17.45
C ALA K 223 -56.71 -47.02 -18.17
N VAL K 224 -57.45 -46.23 -17.41
CA VAL K 224 -58.20 -45.10 -17.93
C VAL K 224 -57.50 -43.78 -17.62
N LEU K 225 -57.04 -43.61 -16.38
CA LEU K 225 -56.28 -42.44 -15.98
C LEU K 225 -55.22 -42.84 -14.96
N ALA K 226 -54.22 -41.97 -14.82
CA ALA K 226 -53.17 -42.10 -13.81
C ALA K 226 -53.13 -40.79 -13.03
N PRO K 227 -54.10 -40.56 -12.14
CA PRO K 227 -54.22 -39.25 -11.49
C PRO K 227 -53.05 -39.00 -10.54
N ILE K 228 -52.50 -37.79 -10.63
CA ILE K 228 -51.39 -37.38 -9.79
C ILE K 228 -51.91 -36.45 -8.70
N ALA K 229 -51.05 -36.12 -7.74
CA ALA K 229 -51.34 -35.16 -6.67
C ALA K 229 -52.41 -35.69 -5.70
N ALA K 230 -52.33 -36.99 -5.40
CA ALA K 230 -53.17 -37.63 -4.38
C ALA K 230 -54.65 -37.38 -4.67
N LYS K 231 -55.10 -37.88 -5.82
CA LYS K 231 -56.47 -37.59 -6.27
C LYS K 231 -57.51 -38.22 -5.35
N PHE K 232 -57.26 -39.42 -4.83
CA PHE K 232 -58.26 -40.04 -3.97
C PHE K 232 -57.89 -39.95 -2.49
N GLY K 233 -57.09 -38.96 -2.12
CA GLY K 233 -56.69 -38.80 -0.73
C GLY K 233 -55.23 -39.15 -0.53
N ARG K 234 -54.65 -38.56 0.52
CA ARG K 234 -53.22 -38.74 0.77
C ARG K 234 -52.94 -40.05 1.51
N GLY K 235 -51.72 -40.55 1.32
CA GLY K 235 -51.20 -41.64 2.09
C GLY K 235 -50.88 -41.22 3.50
N THR K 236 -50.46 -42.20 4.29
CA THR K 236 -50.31 -41.87 5.69
C THR K 236 -48.92 -42.16 6.25
N ASP K 237 -48.29 -43.29 5.91
CA ASP K 237 -47.02 -43.61 6.55
C ASP K 237 -45.82 -43.72 5.61
N THR K 238 -45.80 -44.69 4.71
CA THR K 238 -44.57 -45.04 4.00
C THR K 238 -44.70 -44.68 2.54
N ILE K 239 -43.60 -44.25 1.94
CA ILE K 239 -43.50 -44.10 0.49
C ILE K 239 -42.42 -45.07 0.02
N TRP K 240 -42.82 -46.12 -0.69
CA TRP K 240 -41.86 -47.13 -1.13
C TRP K 240 -41.21 -46.78 -2.47
N LEU K 241 -41.98 -46.36 -3.45
CA LEU K 241 -41.47 -46.20 -4.81
C LEU K 241 -41.61 -44.76 -5.26
N ASP K 242 -40.57 -44.27 -5.92
CA ASP K 242 -40.57 -42.96 -6.57
C ASP K 242 -39.92 -43.10 -7.93
N ASP K 243 -40.34 -42.24 -8.85
CA ASP K 243 -39.81 -42.21 -10.21
C ASP K 243 -40.07 -43.54 -10.92
N VAL K 244 -41.27 -44.09 -10.70
CA VAL K 244 -41.62 -45.39 -11.26
C VAL K 244 -41.73 -45.26 -12.77
N ASN K 245 -40.94 -46.06 -13.49
CA ASN K 245 -40.83 -46.01 -14.95
C ASN K 245 -41.18 -47.37 -15.52
N CYS K 246 -42.47 -47.62 -15.76
CA CYS K 246 -42.91 -48.85 -16.38
C CYS K 246 -43.05 -48.66 -17.88
N THR K 247 -42.71 -49.70 -18.64
CA THR K 247 -42.95 -49.67 -20.07
C THR K 247 -44.40 -49.94 -20.43
N GLY K 248 -45.14 -50.57 -19.53
CA GLY K 248 -46.53 -50.92 -19.74
C GLY K 248 -46.79 -52.41 -19.89
N SER K 249 -45.76 -53.19 -20.20
CA SER K 249 -45.91 -54.62 -20.46
C SER K 249 -45.42 -55.49 -19.30
N GLU K 250 -45.09 -54.89 -18.16
CA GLU K 250 -44.62 -55.67 -17.02
C GLU K 250 -45.79 -56.41 -16.36
N ALA K 251 -45.45 -57.45 -15.60
CA ALA K 251 -46.44 -58.26 -14.91
C ALA K 251 -46.78 -57.72 -13.53
N SER K 252 -45.78 -57.23 -12.80
CA SER K 252 -45.98 -56.65 -11.48
C SER K 252 -45.29 -55.30 -11.43
N LEU K 253 -45.71 -54.46 -10.48
CA LEU K 253 -45.17 -53.11 -10.38
C LEU K 253 -43.73 -53.10 -9.89
N SER K 254 -43.30 -54.16 -9.20
CA SER K 254 -41.92 -54.27 -8.74
C SER K 254 -40.97 -54.78 -9.83
N GLU K 255 -41.47 -55.02 -11.04
CA GLU K 255 -40.62 -55.39 -12.17
C GLU K 255 -40.14 -54.19 -12.97
N CYS K 256 -40.55 -52.97 -12.61
CA CYS K 256 -40.23 -51.80 -13.40
C CYS K 256 -38.98 -51.12 -12.87
N GLN K 257 -38.51 -50.11 -13.61
CA GLN K 257 -37.51 -49.20 -13.09
C GLN K 257 -38.11 -48.28 -12.04
N ALA K 258 -37.36 -48.05 -10.98
CA ALA K 258 -37.71 -47.06 -9.97
C ALA K 258 -36.48 -46.80 -9.12
N ARG K 259 -36.62 -45.93 -8.13
CA ARG K 259 -35.58 -45.75 -7.16
C ARG K 259 -35.60 -46.91 -6.17
N PRO K 260 -34.52 -47.11 -5.41
CA PRO K 260 -34.53 -48.20 -4.43
C PRO K 260 -35.68 -48.05 -3.44
N TRP K 261 -36.17 -49.18 -2.96
CA TRP K 261 -37.30 -49.20 -2.05
C TRP K 261 -37.04 -48.29 -0.85
N GLY K 262 -37.86 -47.23 -0.74
CA GLY K 262 -37.76 -46.25 0.33
C GLY K 262 -37.19 -44.92 -0.11
N ASP K 263 -36.37 -44.89 -1.15
CA ASP K 263 -35.77 -43.65 -1.61
C ASP K 263 -36.80 -42.83 -2.39
N HIS K 264 -37.03 -41.60 -1.95
CA HIS K 264 -37.96 -40.69 -2.60
C HIS K 264 -37.60 -39.27 -2.21
N ASN K 265 -38.13 -38.31 -2.97
CA ASN K 265 -38.05 -36.90 -2.65
C ASN K 265 -39.43 -36.28 -2.51
N CYS K 266 -40.38 -37.07 -2.01
CA CYS K 266 -41.80 -36.76 -2.09
C CYS K 266 -42.42 -36.66 -0.69
N TYR K 267 -43.69 -36.26 -0.68
CA TYR K 267 -44.55 -36.33 0.49
C TYR K 267 -45.90 -36.87 0.05
N HIS K 268 -46.78 -37.13 1.01
CA HIS K 268 -48.02 -37.83 0.69
C HIS K 268 -49.03 -36.97 -0.06
N GLY K 269 -48.82 -35.66 -0.16
CA GLY K 269 -49.60 -34.89 -1.11
C GLY K 269 -49.29 -35.19 -2.55
N GLU K 270 -48.25 -35.98 -2.80
CA GLU K 270 -47.82 -36.39 -4.12
C GLU K 270 -48.04 -37.88 -4.39
N ASP K 271 -49.04 -38.49 -3.74
CA ASP K 271 -49.28 -39.91 -3.94
C ASP K 271 -50.00 -40.17 -5.26
N ALA K 272 -49.58 -41.21 -5.96
CA ALA K 272 -50.13 -41.56 -7.26
C ALA K 272 -51.37 -42.42 -7.11
N SER K 273 -52.30 -42.25 -8.04
CA SER K 273 -53.54 -43.00 -8.08
C SER K 273 -53.68 -43.71 -9.42
N ALA K 274 -54.68 -44.57 -9.52
CA ALA K 274 -54.93 -45.31 -10.75
C ALA K 274 -56.42 -45.55 -10.90
N ILE K 275 -56.92 -45.39 -12.12
CA ILE K 275 -58.32 -45.64 -12.44
C ILE K 275 -58.36 -46.60 -13.62
N CYS K 276 -59.11 -47.70 -13.47
CA CYS K 276 -59.16 -48.75 -14.46
C CYS K 276 -60.61 -48.83 -15.00
N SER K 277 -60.87 -49.84 -15.82
CA SER K 277 -62.19 -49.97 -16.44
C SER K 277 -63.21 -50.38 -15.37
N ASP K 278 -63.97 -49.41 -14.89
CA ASP K 278 -65.03 -49.66 -13.93
C ASP K 278 -65.91 -48.42 -13.79
N THR L 64 17.38 -36.93 -20.69
CA THR L 64 17.70 -36.38 -19.38
C THR L 64 17.68 -34.85 -19.39
N ALA L 65 16.79 -34.29 -18.58
CA ALA L 65 16.59 -32.85 -18.56
C ALA L 65 17.62 -32.15 -17.68
N GLU L 66 18.02 -30.97 -18.13
CA GLU L 66 18.96 -30.09 -17.44
C GLU L 66 18.22 -29.15 -16.51
N VAL L 67 18.70 -29.02 -15.27
CA VAL L 67 18.05 -28.18 -14.27
C VAL L 67 19.05 -27.14 -13.77
N ARG L 68 18.49 -26.13 -13.10
CA ARG L 68 19.26 -25.04 -12.52
C ARG L 68 18.44 -24.47 -11.37
N LEU L 69 19.12 -23.69 -10.53
CA LEU L 69 18.47 -23.06 -9.39
C LEU L 69 18.55 -21.55 -9.55
N VAL L 70 17.39 -20.88 -9.46
CA VAL L 70 17.28 -19.48 -9.84
C VAL L 70 16.88 -18.67 -8.61
N ASP L 71 17.29 -17.40 -8.60
CA ASP L 71 16.87 -16.41 -7.61
C ASP L 71 17.27 -16.81 -6.18
N GLY L 72 18.31 -17.62 -6.04
CA GLY L 72 18.76 -18.05 -4.74
C GLY L 72 19.99 -17.29 -4.28
N PRO L 73 20.52 -17.66 -3.11
CA PRO L 73 21.77 -17.04 -2.65
C PRO L 73 22.96 -17.37 -3.53
N ASN L 74 22.96 -18.56 -4.13
CA ASN L 74 24.10 -19.05 -4.88
C ASN L 74 23.60 -19.99 -5.97
N ARG L 75 24.51 -20.80 -6.51
CA ARG L 75 24.17 -21.78 -7.53
C ARG L 75 23.38 -22.96 -6.98
N CYS L 76 23.62 -23.34 -5.73
CA CYS L 76 23.10 -24.58 -5.18
C CYS L 76 21.83 -24.40 -4.35
N SER L 77 21.18 -23.25 -4.44
CA SER L 77 19.90 -23.05 -3.77
C SER L 77 19.05 -22.09 -4.58
N GLY L 78 17.74 -22.28 -4.52
CA GLY L 78 16.79 -21.43 -5.20
C GLY L 78 15.64 -22.25 -5.77
N ARG L 79 14.91 -21.63 -6.69
CA ARG L 79 13.78 -22.26 -7.34
C ARG L 79 14.24 -23.24 -8.41
N VAL L 80 13.63 -24.43 -8.42
CA VAL L 80 13.96 -25.44 -9.42
C VAL L 80 13.34 -25.05 -10.75
N GLU L 81 14.15 -25.04 -11.80
CA GLU L 81 13.68 -24.84 -13.17
C GLU L 81 14.33 -25.86 -14.08
N VAL L 82 13.51 -26.58 -14.85
CA VAL L 82 13.96 -27.62 -15.76
C VAL L 82 13.83 -27.10 -17.18
N LEU L 83 14.65 -27.64 -18.07
CA LEU L 83 14.61 -27.29 -19.49
C LEU L 83 13.96 -28.43 -20.27
N HIS L 84 13.01 -28.07 -21.13
CA HIS L 84 12.28 -29.05 -21.92
C HIS L 84 11.67 -28.32 -23.11
N ASN L 85 11.87 -28.87 -24.32
CA ASN L 85 11.44 -28.22 -25.55
C ASN L 85 12.00 -26.80 -25.63
N ASP L 86 13.26 -26.64 -25.20
CA ASP L 86 14.01 -25.40 -25.31
C ASP L 86 13.34 -24.25 -24.56
N VAL L 87 12.62 -24.58 -23.48
CA VAL L 87 11.94 -23.59 -22.65
C VAL L 87 12.21 -23.93 -21.19
N TRP L 88 12.66 -22.93 -20.43
CA TRP L 88 12.80 -23.11 -18.99
C TRP L 88 11.44 -22.99 -18.31
N GLY L 89 11.15 -23.91 -17.41
CA GLY L 89 9.88 -23.90 -16.72
C GLY L 89 10.04 -24.40 -15.30
N THR L 90 9.16 -23.93 -14.42
CA THR L 90 9.23 -24.25 -13.01
C THR L 90 8.63 -25.64 -12.74
N VAL L 91 8.73 -26.07 -11.49
CA VAL L 91 8.19 -27.36 -11.04
C VAL L 91 7.19 -27.10 -9.94
N CYS L 92 5.98 -27.65 -10.08
CA CYS L 92 4.97 -27.51 -9.04
C CYS L 92 5.38 -28.31 -7.80
N ASP L 93 4.91 -27.85 -6.64
CA ASP L 93 5.30 -28.45 -5.37
C ASP L 93 4.36 -29.56 -4.91
N GLU L 94 3.48 -30.06 -5.78
CA GLU L 94 2.73 -31.27 -5.45
C GLU L 94 3.67 -32.47 -5.33
N GLY L 95 3.55 -33.18 -4.22
CA GLY L 95 4.41 -34.32 -3.98
C GLY L 95 5.87 -33.97 -3.88
N TRP L 96 6.19 -32.69 -3.69
CA TRP L 96 7.57 -32.25 -3.62
C TRP L 96 8.10 -32.44 -2.21
N ASP L 97 9.07 -33.35 -2.06
CA ASP L 97 9.71 -33.60 -0.78
C ASP L 97 11.20 -33.82 -1.03
N LEU L 98 11.90 -34.32 -0.01
CA LEU L 98 13.36 -34.45 -0.08
C LEU L 98 13.81 -35.47 -1.11
N ARG L 99 12.92 -36.38 -1.54
CA ARG L 99 13.30 -37.34 -2.56
C ARG L 99 13.65 -36.64 -3.87
N GLU L 100 12.81 -35.69 -4.30
CA GLU L 100 13.15 -34.88 -5.47
C GLU L 100 14.31 -33.94 -5.20
N ALA L 101 14.49 -33.54 -3.93
CA ALA L 101 15.56 -32.62 -3.60
C ALA L 101 16.93 -33.24 -3.89
N ARG L 102 17.16 -34.46 -3.39
CA ARG L 102 18.48 -35.09 -3.56
C ARG L 102 18.70 -35.57 -4.98
N VAL L 103 17.63 -35.75 -5.75
CA VAL L 103 17.79 -36.00 -7.18
C VAL L 103 18.35 -34.77 -7.88
N VAL L 104 17.84 -33.58 -7.53
CA VAL L 104 18.33 -32.35 -8.13
C VAL L 104 19.74 -32.03 -7.67
N CYS L 105 20.05 -32.26 -6.39
CA CYS L 105 21.37 -31.91 -5.89
C CYS L 105 22.44 -32.84 -6.44
N ARG L 106 22.12 -34.11 -6.69
CA ARG L 106 23.13 -34.98 -7.31
C ARG L 106 23.43 -34.61 -8.75
N GLN L 107 22.48 -34.02 -9.47
CA GLN L 107 22.85 -33.68 -10.83
C GLN L 107 23.36 -32.25 -10.98
N LEU L 108 23.30 -31.42 -9.94
CA LEU L 108 24.04 -30.17 -9.93
C LEU L 108 25.40 -30.28 -9.23
N GLY L 109 25.76 -31.47 -8.74
CA GLY L 109 26.99 -31.62 -7.97
C GLY L 109 27.01 -30.80 -6.70
N CYS L 110 25.86 -30.57 -6.09
CA CYS L 110 25.74 -29.70 -4.94
C CYS L 110 25.61 -30.46 -3.62
N GLY L 111 25.39 -31.77 -3.63
CA GLY L 111 25.44 -32.51 -2.38
C GLY L 111 24.16 -33.17 -1.89
N THR L 112 23.76 -32.85 -0.65
CA THR L 112 22.90 -33.72 0.15
C THR L 112 21.45 -33.25 0.26
N ALA L 113 21.10 -32.05 -0.21
CA ALA L 113 19.70 -31.62 -0.31
C ALA L 113 19.04 -31.51 1.07
N LEU L 114 19.45 -30.46 1.78
CA LEU L 114 18.99 -30.22 3.14
C LEU L 114 17.49 -29.91 3.23
N SER L 115 16.91 -29.26 2.21
CA SER L 115 15.52 -28.82 2.34
C SER L 115 14.81 -28.88 0.99
N SER L 116 13.49 -29.05 1.05
CA SER L 116 12.62 -29.06 -0.14
C SER L 116 11.54 -27.99 0.03
N PRO L 117 11.91 -26.72 -0.15
CA PRO L 117 10.98 -25.63 0.19
C PRO L 117 9.85 -25.51 -0.82
N LYS L 118 8.63 -25.68 -0.36
CA LYS L 118 7.45 -25.51 -1.19
C LYS L 118 6.99 -24.06 -1.17
N LYS L 119 6.13 -23.72 -2.13
CA LYS L 119 5.39 -22.46 -2.14
C LYS L 119 6.30 -21.25 -2.27
N SER L 120 7.16 -21.27 -3.29
CA SER L 120 7.84 -20.07 -3.78
C SER L 120 8.69 -19.40 -2.69
N LYS L 121 9.52 -20.18 -2.02
CA LYS L 121 10.42 -19.60 -1.03
C LYS L 121 11.35 -18.58 -1.67
N TYR L 122 11.79 -18.85 -2.89
CA TYR L 122 12.72 -17.98 -3.62
C TYR L 122 12.00 -17.21 -4.72
N GLY L 123 10.76 -16.82 -4.46
CA GLY L 123 9.98 -16.06 -5.42
C GLY L 123 9.27 -16.95 -6.42
N GLU L 124 8.39 -16.33 -7.19
CA GLU L 124 7.60 -17.04 -8.19
C GLU L 124 8.32 -16.97 -9.54
N GLY L 125 8.40 -18.10 -10.23
CA GLY L 125 8.81 -18.09 -11.62
C GLY L 125 7.67 -17.62 -12.50
N LYS L 126 7.96 -17.50 -13.79
CA LYS L 126 6.94 -17.12 -14.75
C LYS L 126 7.05 -17.99 -15.98
N GLY L 127 5.99 -17.97 -16.78
CA GLY L 127 5.96 -18.73 -18.02
C GLY L 127 5.44 -20.13 -17.78
N GLN L 128 6.16 -21.12 -18.31
CA GLN L 128 5.69 -22.49 -18.32
C GLN L 128 5.97 -23.17 -16.97
N ILE L 129 5.08 -24.07 -16.57
CA ILE L 129 5.29 -24.95 -15.43
C ILE L 129 5.32 -26.37 -15.99
N TRP L 130 6.51 -26.97 -16.04
CA TRP L 130 6.63 -28.28 -16.70
C TRP L 130 6.11 -29.41 -15.83
N LEU L 131 6.74 -29.65 -14.69
CA LEU L 131 6.47 -30.87 -13.92
C LEU L 131 5.51 -30.58 -12.78
N SER L 132 4.83 -31.64 -12.34
CA SER L 132 3.94 -31.60 -11.18
C SER L 132 3.69 -33.03 -10.74
N ASP L 133 3.41 -33.20 -9.44
CA ASP L 133 3.24 -34.52 -8.83
C ASP L 133 4.43 -35.44 -9.11
N LEU L 134 5.64 -34.91 -8.91
CA LEU L 134 6.83 -35.75 -8.97
C LEU L 134 6.83 -36.79 -7.86
N ASP L 135 7.24 -38.01 -8.21
CA ASP L 135 7.25 -39.15 -7.31
C ASP L 135 8.57 -39.90 -7.43
N CYS L 136 9.68 -39.17 -7.33
CA CYS L 136 11.00 -39.78 -7.38
C CYS L 136 11.15 -40.81 -6.26
N LYS L 137 11.85 -41.90 -6.57
CA LYS L 137 12.31 -42.81 -5.53
C LYS L 137 13.39 -42.15 -4.66
N GLY L 138 14.02 -41.10 -5.17
CA GLY L 138 15.13 -40.45 -4.51
C GLY L 138 16.49 -40.79 -5.07
N THR L 139 16.58 -41.78 -5.96
CA THR L 139 17.85 -42.21 -6.54
C THR L 139 17.94 -41.97 -8.04
N GLU L 140 16.97 -41.29 -8.64
CA GLU L 140 16.99 -41.06 -10.07
C GLU L 140 18.12 -40.10 -10.46
N GLY L 141 18.74 -40.37 -11.61
CA GLY L 141 19.82 -39.52 -12.07
C GLY L 141 19.36 -38.12 -12.40
N SER L 142 18.20 -37.99 -13.05
CA SER L 142 17.65 -36.70 -13.41
C SER L 142 16.20 -36.64 -12.96
N LEU L 143 15.59 -35.46 -13.11
CA LEU L 143 14.27 -35.23 -12.56
C LEU L 143 13.16 -35.73 -13.47
N SER L 144 13.42 -35.88 -14.77
CA SER L 144 12.41 -36.45 -15.67
C SER L 144 12.38 -37.97 -15.63
N ASN L 145 13.42 -38.61 -15.10
CA ASN L 145 13.38 -40.06 -14.97
C ASN L 145 12.50 -40.50 -13.82
N CYS L 146 11.84 -39.52 -13.19
CA CYS L 146 10.88 -39.74 -12.13
C CYS L 146 9.47 -39.77 -12.71
N LYS L 147 8.63 -40.64 -12.15
CA LYS L 147 7.26 -40.76 -12.60
C LYS L 147 6.46 -39.58 -12.04
N SER L 148 5.80 -38.84 -12.92
CA SER L 148 5.00 -37.68 -12.53
C SER L 148 3.91 -37.46 -13.56
N LYS L 149 3.19 -36.35 -13.43
CA LYS L 149 2.21 -35.98 -14.44
C LYS L 149 2.91 -35.68 -15.76
N PRO L 150 2.21 -35.82 -16.88
CA PRO L 150 2.81 -35.51 -18.18
C PRO L 150 3.36 -34.10 -18.24
N TRP L 151 4.27 -33.89 -19.19
CA TRP L 151 4.94 -32.61 -19.35
C TRP L 151 3.93 -31.49 -19.60
N GLY L 152 4.11 -30.39 -18.89
CA GLY L 152 3.26 -29.22 -19.07
C GLY L 152 1.93 -29.32 -18.34
N GLU L 153 1.38 -30.54 -18.28
CA GLU L 153 0.09 -30.74 -17.61
C GLU L 153 0.23 -30.53 -16.11
N ASN L 154 -0.65 -29.69 -15.57
CA ASN L 154 -0.64 -29.40 -14.15
C ASN L 154 -1.90 -28.60 -13.84
N ILE L 155 -2.23 -28.53 -12.55
CA ILE L 155 -3.35 -27.72 -12.08
C ILE L 155 -2.81 -26.73 -11.04
N CYS L 156 -1.58 -26.27 -11.25
CA CYS L 156 -0.84 -25.47 -10.29
C CYS L 156 -0.75 -24.01 -10.73
N ASN L 157 -0.22 -23.21 -9.82
CA ASN L 157 0.04 -21.79 -10.00
C ASN L 157 1.41 -21.46 -9.44
N HIS L 158 2.03 -20.40 -9.96
CA HIS L 158 3.43 -20.09 -9.67
C HIS L 158 3.71 -19.75 -8.21
N VAL L 159 2.69 -19.48 -7.39
CA VAL L 159 2.93 -19.35 -5.95
C VAL L 159 3.32 -20.70 -5.36
N GLU L 160 3.15 -21.78 -6.13
CA GLU L 160 3.43 -23.14 -5.72
C GLU L 160 4.70 -23.68 -6.35
N ASP L 161 5.62 -22.80 -6.75
CA ASP L 161 6.85 -23.26 -7.39
C ASP L 161 7.79 -23.89 -6.38
N ALA L 162 8.31 -25.07 -6.71
CA ALA L 162 9.17 -25.82 -5.83
C ALA L 162 10.58 -25.23 -5.81
N SER L 163 11.28 -25.52 -4.72
CA SER L 163 12.64 -25.03 -4.51
C SER L 163 13.46 -26.16 -3.90
N VAL L 164 14.76 -25.92 -3.77
CA VAL L 164 15.64 -26.88 -3.12
C VAL L 164 16.83 -26.12 -2.54
N GLU L 165 17.34 -26.61 -1.41
CA GLU L 165 18.47 -26.00 -0.71
C GLU L 165 19.53 -27.09 -0.50
N CYS L 166 20.51 -27.13 -1.39
CA CYS L 166 21.58 -28.11 -1.28
C CYS L 166 22.65 -27.60 -0.31
N SER L 167 23.47 -28.53 0.20
CA SER L 167 24.45 -28.17 1.21
C SER L 167 25.70 -27.55 0.61
N GLY L 168 26.12 -28.02 -0.56
CA GLY L 168 27.30 -27.50 -1.22
C GLY L 168 28.39 -28.54 -1.42
N THR L 169 28.60 -29.38 -0.41
CA THR L 169 29.54 -30.49 -0.49
C THR L 169 28.85 -31.75 0.03
N GLU L 170 29.51 -32.89 -0.12
CA GLU L 170 28.94 -34.14 0.39
C GLU L 170 29.06 -34.17 1.91
N ILE L 171 27.91 -34.34 2.57
CA ILE L 171 27.80 -34.27 4.02
C ILE L 171 27.28 -35.62 4.48
N PRO L 172 27.63 -36.08 5.69
CA PRO L 172 27.08 -37.35 6.18
C PRO L 172 25.60 -37.28 6.52
N GLU L 173 24.94 -36.15 6.17
CA GLU L 173 23.53 -35.78 6.29
C GLU L 173 23.01 -35.91 7.73
N PRO L 174 22.16 -34.99 8.16
CA PRO L 174 21.82 -34.91 9.58
C PRO L 174 20.88 -36.02 10.01
N GLY L 175 20.67 -36.10 11.32
CA GLY L 175 19.77 -37.04 11.91
C GLY L 175 18.32 -36.61 11.72
N PRO L 176 17.41 -37.27 12.43
CA PRO L 176 15.98 -36.99 12.26
C PRO L 176 15.50 -35.70 12.91
N LEU L 177 16.40 -34.86 13.40
CA LEU L 177 16.04 -33.69 14.18
C LEU L 177 17.07 -32.60 13.97
N ARG L 178 16.61 -31.35 13.97
CA ARG L 178 17.52 -30.23 13.81
C ARG L 178 16.89 -28.98 14.40
N LEU L 179 17.74 -28.02 14.75
CA LEU L 179 17.33 -26.72 15.25
C LEU L 179 17.72 -25.66 14.23
N VAL L 180 16.75 -24.87 13.80
CA VAL L 180 16.90 -23.98 12.65
C VAL L 180 16.55 -22.56 13.06
N GLY L 181 17.35 -21.60 12.60
CA GLY L 181 17.08 -20.19 12.83
C GLY L 181 17.78 -19.59 14.03
N GLY L 182 18.64 -20.36 14.71
CA GLY L 182 19.34 -19.86 15.87
C GLY L 182 20.79 -19.57 15.59
N PRO L 183 21.56 -19.31 16.65
CA PRO L 183 22.98 -18.99 16.46
C PRO L 183 23.82 -20.17 16.00
N ASN L 184 23.41 -21.39 16.27
CA ASN L 184 24.26 -22.55 16.02
C ASN L 184 23.42 -23.82 16.16
N ARG L 185 24.09 -24.98 16.15
CA ARG L 185 23.41 -26.26 16.01
C ARG L 185 22.51 -26.55 17.20
N CYS L 186 22.81 -25.97 18.36
CA CYS L 186 22.18 -26.35 19.62
C CYS L 186 21.13 -25.36 20.09
N ALA L 187 20.61 -24.52 19.19
CA ALA L 187 19.58 -23.57 19.57
C ALA L 187 18.82 -23.14 18.33
N GLY L 188 17.49 -23.21 18.39
CA GLY L 188 16.67 -22.76 17.29
C GLY L 188 15.31 -23.42 17.31
N ARG L 189 14.55 -23.15 16.25
CA ARG L 189 13.24 -23.76 16.06
C ARG L 189 13.38 -25.27 15.85
N VAL L 190 12.55 -26.04 16.54
CA VAL L 190 12.60 -27.50 16.43
C VAL L 190 11.94 -27.91 15.12
N GLU L 191 12.68 -28.65 14.29
CA GLU L 191 12.16 -29.21 13.06
C GLU L 191 12.49 -30.70 13.02
N VAL L 192 11.46 -31.52 12.82
CA VAL L 192 11.61 -32.97 12.77
C VAL L 192 11.46 -33.41 11.32
N LEU L 193 12.06 -34.57 11.02
CA LEU L 193 12.00 -35.17 9.69
C LEU L 193 11.14 -36.43 9.74
N HIS L 194 10.07 -36.45 8.95
CA HIS L 194 9.15 -37.57 8.91
C HIS L 194 8.54 -37.65 7.52
N GLU L 195 8.55 -38.85 6.93
CA GLU L 195 8.04 -39.10 5.58
C GLU L 195 8.70 -38.19 4.55
N GLU L 196 10.03 -38.11 4.63
CA GLU L 196 10.86 -37.41 3.63
C GLU L 196 10.56 -35.91 3.57
N GLN L 197 10.10 -35.32 4.67
CA GLN L 197 9.71 -33.92 4.63
C GLN L 197 9.94 -33.31 6.00
N TRP L 198 10.61 -32.16 6.03
CA TRP L 198 10.87 -31.46 7.28
C TRP L 198 9.65 -30.67 7.72
N GLY L 199 9.34 -30.75 9.01
CA GLY L 199 8.20 -30.04 9.56
C GLY L 199 8.49 -29.57 10.97
N SER L 200 7.71 -28.59 11.41
CA SER L 200 7.91 -27.96 12.70
C SER L 200 7.08 -28.67 13.78
N VAL L 201 7.21 -28.19 15.01
CA VAL L 201 6.52 -28.77 16.16
C VAL L 201 5.75 -27.65 16.85
N CYS L 202 4.44 -27.82 17.00
CA CYS L 202 3.62 -26.80 17.63
C CYS L 202 3.95 -26.71 19.13
N HIS L 203 3.78 -25.51 19.70
CA HIS L 203 4.21 -25.30 21.07
C HIS L 203 3.18 -25.72 22.11
N ASP L 204 2.03 -26.24 21.71
CA ASP L 204 1.09 -26.75 22.68
C ASP L 204 1.73 -27.85 23.50
N GLU L 205 1.63 -27.76 24.83
CA GLU L 205 2.17 -28.73 25.77
C GLU L 205 3.70 -28.73 25.82
N TRP L 206 4.35 -27.72 25.22
CA TRP L 206 5.80 -27.71 25.04
C TRP L 206 6.46 -27.07 26.25
N ASP L 207 7.28 -27.84 26.96
CA ASP L 207 7.93 -27.37 28.17
C ASP L 207 9.38 -27.81 28.16
N ILE L 208 10.06 -27.62 29.30
CA ILE L 208 11.50 -27.90 29.37
C ILE L 208 11.80 -29.38 29.22
N ASN L 209 10.86 -30.25 29.60
CA ASN L 209 11.08 -31.69 29.44
C ASN L 209 11.11 -32.07 27.97
N ASP L 210 10.26 -31.45 27.16
CA ASP L 210 10.28 -31.72 25.72
C ASP L 210 11.61 -31.28 25.12
N ALA L 211 12.07 -30.08 25.45
CA ALA L 211 13.35 -29.60 24.95
C ALA L 211 14.52 -30.38 25.52
N GLN L 212 14.32 -31.06 26.66
CA GLN L 212 15.37 -31.91 27.22
C GLN L 212 15.64 -33.11 26.32
N VAL L 213 14.58 -33.72 25.79
CA VAL L 213 14.75 -34.82 24.84
C VAL L 213 15.41 -34.33 23.57
N VAL L 214 15.04 -33.14 23.09
CA VAL L 214 15.63 -32.60 21.87
C VAL L 214 17.13 -32.39 22.06
N CYS L 215 17.52 -31.78 23.17
CA CYS L 215 18.93 -31.48 23.40
C CYS L 215 19.75 -32.76 23.57
N LYS L 216 19.22 -33.74 24.30
CA LYS L 216 19.97 -34.98 24.49
C LYS L 216 20.01 -35.82 23.23
N GLN L 217 19.02 -35.71 22.36
CA GLN L 217 19.08 -36.43 21.09
C GLN L 217 20.12 -35.82 20.16
N LEU L 218 20.28 -34.49 20.19
CA LEU L 218 21.33 -33.84 19.43
C LEU L 218 22.69 -33.88 20.12
N GLY L 219 22.75 -34.35 21.37
CA GLY L 219 24.00 -34.35 22.11
C GLY L 219 24.51 -32.96 22.43
N CYS L 220 23.61 -32.01 22.71
CA CYS L 220 23.97 -30.64 23.01
C CYS L 220 23.98 -30.35 24.51
N GLY L 221 23.76 -31.35 25.35
CA GLY L 221 23.70 -31.15 26.78
C GLY L 221 22.28 -31.01 27.29
N ASP L 222 22.16 -30.37 28.46
CA ASP L 222 20.87 -30.17 29.08
C ASP L 222 20.16 -28.96 28.49
N ALA L 223 18.83 -29.00 28.53
CA ALA L 223 18.02 -27.92 28.01
C ALA L 223 18.04 -26.72 28.94
N VAL L 224 18.12 -25.53 28.37
CA VAL L 224 18.12 -24.29 29.13
C VAL L 224 16.78 -23.57 29.03
N LEU L 225 16.19 -23.52 27.83
CA LEU L 225 14.88 -22.94 27.62
C LEU L 225 14.12 -23.77 26.60
N ALA L 226 12.80 -23.62 26.61
CA ALA L 226 11.91 -24.23 25.63
C ALA L 226 10.97 -23.16 25.09
N PRO L 227 11.50 -22.22 24.30
CA PRO L 227 10.71 -21.05 23.91
C PRO L 227 9.52 -21.42 23.03
N ILE L 228 8.41 -20.71 23.25
CA ILE L 228 7.18 -20.92 22.49
C ILE L 228 6.91 -19.68 21.66
N ALA L 229 5.82 -19.72 20.87
CA ALA L 229 5.37 -18.57 20.08
C ALA L 229 6.39 -18.18 19.02
N ALA L 230 7.02 -19.18 18.42
CA ALA L 230 7.95 -18.99 17.30
C ALA L 230 9.05 -17.99 17.65
N LYS L 231 9.83 -18.35 18.68
CA LYS L 231 10.84 -17.43 19.18
C LYS L 231 11.93 -17.17 18.15
N PHE L 232 12.39 -18.22 17.46
CA PHE L 232 13.44 -18.09 16.45
C PHE L 232 12.87 -17.97 15.05
N GLY L 233 11.66 -17.46 14.91
CA GLY L 233 11.00 -17.32 13.63
C GLY L 233 10.06 -18.48 13.34
N ARG L 234 9.30 -18.31 12.26
CA ARG L 234 8.30 -19.30 11.89
C ARG L 234 8.87 -20.31 10.89
N GLY L 235 8.38 -21.54 10.96
CA GLY L 235 8.61 -22.51 9.92
C GLY L 235 7.76 -22.18 8.71
N THR L 236 7.83 -23.01 7.67
CA THR L 236 7.13 -22.63 6.45
C THR L 236 6.11 -23.66 5.94
N ASP L 237 6.47 -24.94 5.83
CA ASP L 237 5.61 -25.87 5.11
C ASP L 237 4.77 -26.80 5.99
N THR L 238 5.40 -27.75 6.68
CA THR L 238 4.62 -28.81 7.33
C THR L 238 4.74 -28.66 8.84
N ILE L 239 3.68 -29.01 9.56
CA ILE L 239 3.74 -29.11 11.01
C ILE L 239 3.43 -30.55 11.35
N TRP L 240 4.43 -31.27 11.88
CA TRP L 240 4.26 -32.69 12.11
C TRP L 240 3.68 -33.02 13.48
N LEU L 241 4.17 -32.38 14.54
CA LEU L 241 3.83 -32.79 15.89
C LEU L 241 3.10 -31.68 16.63
N ASP L 242 2.21 -32.10 17.52
CA ASP L 242 1.47 -31.20 18.39
C ASP L 242 1.15 -31.94 19.68
N ASP L 243 1.06 -31.18 20.77
CA ASP L 243 0.79 -31.73 22.10
C ASP L 243 1.87 -32.73 22.53
N VAL L 244 3.12 -32.40 22.24
CA VAL L 244 4.24 -33.28 22.60
C VAL L 244 4.41 -33.26 24.11
N ASN L 245 4.22 -34.42 24.73
CA ASN L 245 4.26 -34.58 26.19
C ASN L 245 5.33 -35.62 26.51
N CYS L 246 6.56 -35.16 26.66
CA CYS L 246 7.65 -36.02 27.09
C CYS L 246 7.73 -36.08 28.60
N THR L 247 8.29 -37.17 29.11
CA THR L 247 8.65 -37.20 30.53
C THR L 247 9.97 -36.47 30.79
N GLY L 248 10.90 -36.55 29.84
CA GLY L 248 12.20 -35.91 29.96
C GLY L 248 13.35 -36.85 29.70
N SER L 249 13.15 -38.13 30.03
CA SER L 249 14.19 -39.14 29.94
C SER L 249 14.12 -39.96 28.65
N GLU L 250 13.26 -39.58 27.71
CA GLU L 250 13.14 -40.31 26.46
C GLU L 250 14.41 -40.17 25.62
N ALA L 251 14.76 -41.25 24.92
CA ALA L 251 15.96 -41.22 24.07
C ALA L 251 15.74 -40.36 22.85
N SER L 252 14.69 -40.62 22.08
CA SER L 252 14.34 -39.85 20.91
C SER L 252 13.00 -39.17 21.14
N LEU L 253 12.64 -38.29 20.21
CA LEU L 253 11.39 -37.55 20.33
C LEU L 253 10.19 -38.35 19.82
N SER L 254 10.42 -39.49 19.17
CA SER L 254 9.36 -40.37 18.71
C SER L 254 8.90 -41.35 19.78
N GLU L 255 9.51 -41.34 20.96
CA GLU L 255 8.99 -42.11 22.09
C GLU L 255 7.98 -41.32 22.91
N CYS L 256 7.92 -40.01 22.75
CA CYS L 256 7.04 -39.17 23.54
C CYS L 256 5.61 -39.24 23.03
N GLN L 257 4.65 -39.30 23.95
CA GLN L 257 3.26 -39.32 23.52
C GLN L 257 2.87 -37.96 22.99
N ALA L 258 2.11 -37.97 21.90
CA ALA L 258 1.72 -36.75 21.21
C ALA L 258 0.49 -37.06 20.36
N ARG L 259 0.16 -36.18 19.44
CA ARG L 259 -0.87 -36.44 18.44
C ARG L 259 -0.27 -37.21 17.28
N PRO L 260 -1.10 -37.81 16.42
CA PRO L 260 -0.57 -38.54 15.27
C PRO L 260 0.26 -37.61 14.38
N TRP L 261 1.18 -38.21 13.62
CA TRP L 261 2.00 -37.43 12.71
C TRP L 261 1.11 -36.69 11.73
N GLY L 262 1.07 -35.36 11.83
CA GLY L 262 0.23 -34.58 10.95
C GLY L 262 -0.90 -33.85 11.64
N ASP L 263 -1.52 -34.48 12.64
CA ASP L 263 -2.64 -33.83 13.32
C ASP L 263 -2.16 -32.68 14.19
N HIS L 264 -2.86 -31.55 14.08
CA HIS L 264 -2.54 -30.36 14.86
C HIS L 264 -3.67 -29.35 14.65
N ASN L 265 -3.69 -28.34 15.50
CA ASN L 265 -4.62 -27.22 15.40
C ASN L 265 -3.84 -25.91 15.42
N CYS L 266 -2.76 -25.86 14.64
CA CYS L 266 -1.76 -24.82 14.80
C CYS L 266 -1.49 -24.13 13.48
N TYR L 267 -0.71 -23.06 13.56
CA TYR L 267 -0.09 -22.38 12.43
C TYR L 267 1.36 -22.10 12.81
N HIS L 268 2.18 -21.72 11.83
CA HIS L 268 3.61 -21.60 12.08
C HIS L 268 3.98 -20.48 13.03
N GLY L 269 3.06 -19.59 13.37
CA GLY L 269 3.34 -18.63 14.43
C GLY L 269 3.44 -19.24 15.81
N GLU L 270 3.13 -20.53 15.92
CA GLU L 270 3.17 -21.26 17.19
C GLU L 270 4.28 -22.29 17.24
N ASP L 271 5.31 -22.17 16.40
CA ASP L 271 6.33 -23.21 16.33
C ASP L 271 7.23 -23.17 17.56
N ALA L 272 7.44 -24.33 18.15
CA ALA L 272 8.25 -24.48 19.34
C ALA L 272 9.74 -24.42 19.00
N SER L 273 10.53 -23.96 19.97
CA SER L 273 11.97 -23.86 19.83
C SER L 273 12.63 -24.57 21.01
N ALA L 274 13.95 -24.70 20.93
CA ALA L 274 14.72 -25.31 22.00
C ALA L 274 16.06 -24.60 22.11
N ILE L 275 16.51 -24.36 23.33
CA ILE L 275 17.79 -23.72 23.60
C ILE L 275 18.57 -24.65 24.51
N CYS L 276 19.67 -25.18 24.00
CA CYS L 276 20.52 -26.09 24.74
C CYS L 276 21.73 -25.32 25.28
N SER L 277 22.40 -25.90 26.28
CA SER L 277 23.48 -25.22 26.96
C SER L 277 24.53 -24.74 25.95
N ASP L 278 24.69 -23.42 25.87
CA ASP L 278 25.49 -22.87 24.79
C ASP L 278 25.79 -21.39 25.02
#